data_1BYR
# 
_entry.id   1BYR 
# 
_audit_conform.dict_name       mmcif_pdbx.dic 
_audit_conform.dict_version    5.383 
_audit_conform.dict_location   http://mmcif.pdb.org/dictionaries/ascii/mmcif_pdbx.dic 
# 
loop_
_database_2.database_id 
_database_2.database_code 
_database_2.pdbx_database_accession 
_database_2.pdbx_DOI 
PDB   1BYR         pdb_00001byr 10.2210/pdb1byr/pdb 
RCSB  RCSB007039   ?            ?                   
WWPDB D_1000007039 ?            ?                   
# 
loop_
_pdbx_audit_revision_history.ordinal 
_pdbx_audit_revision_history.data_content_type 
_pdbx_audit_revision_history.major_revision 
_pdbx_audit_revision_history.minor_revision 
_pdbx_audit_revision_history.revision_date 
1 'Structure model' 1 0 1999-10-19 
2 'Structure model' 1 1 2008-04-27 
3 'Structure model' 1 2 2011-07-13 
4 'Structure model' 1 3 2023-12-27 
# 
_pdbx_audit_revision_details.ordinal             1 
_pdbx_audit_revision_details.revision_ordinal    1 
_pdbx_audit_revision_details.data_content_type   'Structure model' 
_pdbx_audit_revision_details.provider            repository 
_pdbx_audit_revision_details.type                'Initial release' 
_pdbx_audit_revision_details.description         ? 
_pdbx_audit_revision_details.details             ? 
# 
loop_
_pdbx_audit_revision_group.ordinal 
_pdbx_audit_revision_group.revision_ordinal 
_pdbx_audit_revision_group.data_content_type 
_pdbx_audit_revision_group.group 
1 2 'Structure model' 'Version format compliance' 
2 3 'Structure model' 'Derived calculations'      
3 3 'Structure model' 'Version format compliance' 
4 4 'Structure model' 'Data collection'           
5 4 'Structure model' 'Database references'       
# 
loop_
_pdbx_audit_revision_category.ordinal 
_pdbx_audit_revision_category.revision_ordinal 
_pdbx_audit_revision_category.data_content_type 
_pdbx_audit_revision_category.category 
1 4 'Structure model' chem_comp_atom 
2 4 'Structure model' chem_comp_bond 
3 4 'Structure model' database_2     
# 
loop_
_pdbx_audit_revision_item.ordinal 
_pdbx_audit_revision_item.revision_ordinal 
_pdbx_audit_revision_item.data_content_type 
_pdbx_audit_revision_item.item 
1 4 'Structure model' '_database_2.pdbx_DOI'                
2 4 'Structure model' '_database_2.pdbx_database_accession' 
# 
_pdbx_database_status.status_code                     REL 
_pdbx_database_status.entry_id                        1BYR 
_pdbx_database_status.recvd_initial_deposition_date   1998-10-19 
_pdbx_database_status.deposit_site                    BNL 
_pdbx_database_status.process_site                    RCSB 
_pdbx_database_status.SG_entry                        . 
_pdbx_database_status.pdb_format_compatible           Y 
_pdbx_database_status.status_code_mr                  ? 
_pdbx_database_status.status_code_sf                  ? 
_pdbx_database_status.status_code_cs                  ? 
_pdbx_database_status.status_code_nmr_data            ? 
_pdbx_database_status.methods_development_category    ? 
# 
_pdbx_database_related.db_name        PDB 
_pdbx_database_related.db_id          1BYS 
_pdbx_database_related.details        . 
_pdbx_database_related.content_type   unspecified 
# 
loop_
_audit_author.name 
_audit_author.pdbx_ordinal 
'Stuckey, J.A.' 1 
'Dixon, J.E.'   2 
# 
_citation.id                        primary 
_citation.title                     'Crystal structure of a phospholipase D family member.' 
_citation.journal_abbrev            Nat.Struct.Biol. 
_citation.journal_volume            6 
_citation.page_first                278 
_citation.page_last                 284 
_citation.year                      1999 
_citation.journal_id_ASTM           NSBIEW 
_citation.country                   US 
_citation.journal_id_ISSN           1072-8368 
_citation.journal_id_CSD            2024 
_citation.book_publisher            ? 
_citation.pdbx_database_id_PubMed   10074947 
_citation.pdbx_database_id_DOI      10.1038/6716 
# 
loop_
_citation_author.citation_id 
_citation_author.name 
_citation_author.ordinal 
_citation_author.identifier_ORCID 
primary 'Stuckey, J.A.' 1 ? 
primary 'Dixon, J.E.'   2 ? 
# 
loop_
_entity.id 
_entity.type 
_entity.src_method 
_entity.pdbx_description 
_entity.formula_weight 
_entity.pdbx_number_of_molecules 
_entity.pdbx_ec 
_entity.pdbx_mutation 
_entity.pdbx_fragment 
_entity.details 
1 polymer man 'PROTEIN (ENDONUCLEASE)' 17175.416 1   ? ? ? ? 
2 water   nat water                    18.015    188 ? ? ? ? 
# 
_entity_poly.entity_id                      1 
_entity_poly.type                           'polypeptide(L)' 
_entity_poly.nstd_linkage                   no 
_entity_poly.nstd_monomer                   no 
_entity_poly.pdbx_seq_one_letter_code       
;VEPSVQVGYSPEGSARVLVLSAIDSAKTSIRMMAYSFTAPDIMKALVAAKKRGVDVKIVIDERGNTGRASIAAMNYIANS
GIPLRTDSNFPIQHDKVIIVDNVTVETGSFNFTKAAETKNSENAVVIWNMPKLAESFLEHWQDRWNQGRDYRSSY
;
_entity_poly.pdbx_seq_one_letter_code_can   
;VEPSVQVGYSPEGSARVLVLSAIDSAKTSIRMMAYSFTAPDIMKALVAAKKRGVDVKIVIDERGNTGRASIAAMNYIANS
GIPLRTDSNFPIQHDKVIIVDNVTVETGSFNFTKAAETKNSENAVVIWNMPKLAESFLEHWQDRWNQGRDYRSSY
;
_entity_poly.pdbx_strand_id                 A 
_entity_poly.pdbx_target_identifier         ? 
# 
_pdbx_entity_nonpoly.entity_id   2 
_pdbx_entity_nonpoly.name        water 
_pdbx_entity_nonpoly.comp_id     HOH 
# 
loop_
_entity_poly_seq.entity_id 
_entity_poly_seq.num 
_entity_poly_seq.mon_id 
_entity_poly_seq.hetero 
1 1   VAL n 
1 2   GLU n 
1 3   PRO n 
1 4   SER n 
1 5   VAL n 
1 6   GLN n 
1 7   VAL n 
1 8   GLY n 
1 9   TYR n 
1 10  SER n 
1 11  PRO n 
1 12  GLU n 
1 13  GLY n 
1 14  SER n 
1 15  ALA n 
1 16  ARG n 
1 17  VAL n 
1 18  LEU n 
1 19  VAL n 
1 20  LEU n 
1 21  SER n 
1 22  ALA n 
1 23  ILE n 
1 24  ASP n 
1 25  SER n 
1 26  ALA n 
1 27  LYS n 
1 28  THR n 
1 29  SER n 
1 30  ILE n 
1 31  ARG n 
1 32  MET n 
1 33  MET n 
1 34  ALA n 
1 35  TYR n 
1 36  SER n 
1 37  PHE n 
1 38  THR n 
1 39  ALA n 
1 40  PRO n 
1 41  ASP n 
1 42  ILE n 
1 43  MET n 
1 44  LYS n 
1 45  ALA n 
1 46  LEU n 
1 47  VAL n 
1 48  ALA n 
1 49  ALA n 
1 50  LYS n 
1 51  LYS n 
1 52  ARG n 
1 53  GLY n 
1 54  VAL n 
1 55  ASP n 
1 56  VAL n 
1 57  LYS n 
1 58  ILE n 
1 59  VAL n 
1 60  ILE n 
1 61  ASP n 
1 62  GLU n 
1 63  ARG n 
1 64  GLY n 
1 65  ASN n 
1 66  THR n 
1 67  GLY n 
1 68  ARG n 
1 69  ALA n 
1 70  SER n 
1 71  ILE n 
1 72  ALA n 
1 73  ALA n 
1 74  MET n 
1 75  ASN n 
1 76  TYR n 
1 77  ILE n 
1 78  ALA n 
1 79  ASN n 
1 80  SER n 
1 81  GLY n 
1 82  ILE n 
1 83  PRO n 
1 84  LEU n 
1 85  ARG n 
1 86  THR n 
1 87  ASP n 
1 88  SER n 
1 89  ASN n 
1 90  PHE n 
1 91  PRO n 
1 92  ILE n 
1 93  GLN n 
1 94  HIS n 
1 95  ASP n 
1 96  LYS n 
1 97  VAL n 
1 98  ILE n 
1 99  ILE n 
1 100 VAL n 
1 101 ASP n 
1 102 ASN n 
1 103 VAL n 
1 104 THR n 
1 105 VAL n 
1 106 GLU n 
1 107 THR n 
1 108 GLY n 
1 109 SER n 
1 110 PHE n 
1 111 ASN n 
1 112 PHE n 
1 113 THR n 
1 114 LYS n 
1 115 ALA n 
1 116 ALA n 
1 117 GLU n 
1 118 THR n 
1 119 LYS n 
1 120 ASN n 
1 121 SER n 
1 122 GLU n 
1 123 ASN n 
1 124 ALA n 
1 125 VAL n 
1 126 VAL n 
1 127 ILE n 
1 128 TRP n 
1 129 ASN n 
1 130 MET n 
1 131 PRO n 
1 132 LYS n 
1 133 LEU n 
1 134 ALA n 
1 135 GLU n 
1 136 SER n 
1 137 PHE n 
1 138 LEU n 
1 139 GLU n 
1 140 HIS n 
1 141 TRP n 
1 142 GLN n 
1 143 ASP n 
1 144 ARG n 
1 145 TRP n 
1 146 ASN n 
1 147 GLN n 
1 148 GLY n 
1 149 ARG n 
1 150 ASP n 
1 151 TYR n 
1 152 ARG n 
1 153 SER n 
1 154 SER n 
1 155 TYR n 
# 
_entity_src_gen.entity_id                          1 
_entity_src_gen.pdbx_src_id                        1 
_entity_src_gen.pdbx_alt_source_flag               sample 
_entity_src_gen.pdbx_seq_type                      ? 
_entity_src_gen.pdbx_beg_seq_num                   ? 
_entity_src_gen.pdbx_end_seq_num                   ? 
_entity_src_gen.gene_src_common_name               ? 
_entity_src_gen.gene_src_genus                     Salmonella 
_entity_src_gen.pdbx_gene_src_gene                 NUC 
_entity_src_gen.gene_src_species                   ? 
_entity_src_gen.gene_src_strain                    ? 
_entity_src_gen.gene_src_tissue                    ? 
_entity_src_gen.gene_src_tissue_fraction           ? 
_entity_src_gen.gene_src_details                   ? 
_entity_src_gen.pdbx_gene_src_fragment             ? 
_entity_src_gen.pdbx_gene_src_scientific_name      'Salmonella typhimurium' 
_entity_src_gen.pdbx_gene_src_ncbi_taxonomy_id     602 
_entity_src_gen.pdbx_gene_src_variant              ? 
_entity_src_gen.pdbx_gene_src_cell_line            ? 
_entity_src_gen.pdbx_gene_src_atcc                 ? 
_entity_src_gen.pdbx_gene_src_organ                ? 
_entity_src_gen.pdbx_gene_src_organelle            ? 
_entity_src_gen.pdbx_gene_src_cell                 ? 
_entity_src_gen.pdbx_gene_src_cellular_location    PERIPLASM 
_entity_src_gen.host_org_common_name               ? 
_entity_src_gen.pdbx_host_org_scientific_name      'Escherichia coli BL21(DE3)' 
_entity_src_gen.pdbx_host_org_ncbi_taxonomy_id     469008 
_entity_src_gen.host_org_genus                     Escherichia 
_entity_src_gen.pdbx_host_org_gene                 NUC 
_entity_src_gen.pdbx_host_org_organ                ? 
_entity_src_gen.host_org_species                   'Escherichia coli' 
_entity_src_gen.pdbx_host_org_tissue               ? 
_entity_src_gen.pdbx_host_org_tissue_fraction      ? 
_entity_src_gen.pdbx_host_org_strain               'BL21(DE3)' 
_entity_src_gen.pdbx_host_org_variant              ? 
_entity_src_gen.pdbx_host_org_cell_line            ? 
_entity_src_gen.pdbx_host_org_atcc                 ? 
_entity_src_gen.pdbx_host_org_culture_collection   ? 
_entity_src_gen.pdbx_host_org_cell                 ? 
_entity_src_gen.pdbx_host_org_organelle            ? 
_entity_src_gen.pdbx_host_org_cellular_location    PERIPLASM 
_entity_src_gen.pdbx_host_org_vector_type          ? 
_entity_src_gen.pdbx_host_org_vector               ? 
_entity_src_gen.host_org_details                   ? 
_entity_src_gen.expression_system_id               ? 
_entity_src_gen.plasmid_name                       PT7-7 
_entity_src_gen.plasmid_details                    ? 
_entity_src_gen.pdbx_description                   ? 
# 
loop_
_chem_comp.id 
_chem_comp.type 
_chem_comp.mon_nstd_flag 
_chem_comp.name 
_chem_comp.pdbx_synonyms 
_chem_comp.formula 
_chem_comp.formula_weight 
ALA 'L-peptide linking' y ALANINE         ? 'C3 H7 N O2'     89.093  
ARG 'L-peptide linking' y ARGININE        ? 'C6 H15 N4 O2 1' 175.209 
ASN 'L-peptide linking' y ASPARAGINE      ? 'C4 H8 N2 O3'    132.118 
ASP 'L-peptide linking' y 'ASPARTIC ACID' ? 'C4 H7 N O4'     133.103 
GLN 'L-peptide linking' y GLUTAMINE       ? 'C5 H10 N2 O3'   146.144 
GLU 'L-peptide linking' y 'GLUTAMIC ACID' ? 'C5 H9 N O4'     147.129 
GLY 'peptide linking'   y GLYCINE         ? 'C2 H5 N O2'     75.067  
HIS 'L-peptide linking' y HISTIDINE       ? 'C6 H10 N3 O2 1' 156.162 
HOH non-polymer         . WATER           ? 'H2 O'           18.015  
ILE 'L-peptide linking' y ISOLEUCINE      ? 'C6 H13 N O2'    131.173 
LEU 'L-peptide linking' y LEUCINE         ? 'C6 H13 N O2'    131.173 
LYS 'L-peptide linking' y LYSINE          ? 'C6 H15 N2 O2 1' 147.195 
MET 'L-peptide linking' y METHIONINE      ? 'C5 H11 N O2 S'  149.211 
PHE 'L-peptide linking' y PHENYLALANINE   ? 'C9 H11 N O2'    165.189 
PRO 'L-peptide linking' y PROLINE         ? 'C5 H9 N O2'     115.130 
SER 'L-peptide linking' y SERINE          ? 'C3 H7 N O3'     105.093 
THR 'L-peptide linking' y THREONINE       ? 'C4 H9 N O3'     119.119 
TRP 'L-peptide linking' y TRYPTOPHAN      ? 'C11 H12 N2 O2'  204.225 
TYR 'L-peptide linking' y TYROSINE        ? 'C9 H11 N O3'    181.189 
VAL 'L-peptide linking' y VALINE          ? 'C5 H11 N O2'    117.146 
# 
loop_
_pdbx_poly_seq_scheme.asym_id 
_pdbx_poly_seq_scheme.entity_id 
_pdbx_poly_seq_scheme.seq_id 
_pdbx_poly_seq_scheme.mon_id 
_pdbx_poly_seq_scheme.ndb_seq_num 
_pdbx_poly_seq_scheme.pdb_seq_num 
_pdbx_poly_seq_scheme.auth_seq_num 
_pdbx_poly_seq_scheme.pdb_mon_id 
_pdbx_poly_seq_scheme.auth_mon_id 
_pdbx_poly_seq_scheme.pdb_strand_id 
_pdbx_poly_seq_scheme.pdb_ins_code 
_pdbx_poly_seq_scheme.hetero 
A 1 1   VAL 1   1   ?   ?   ?   A . n 
A 1 2   GLU 2   2   2   GLU GLU A . n 
A 1 3   PRO 3   3   3   PRO PRO A . n 
A 1 4   SER 4   4   4   SER SER A . n 
A 1 5   VAL 5   5   5   VAL VAL A . n 
A 1 6   GLN 6   6   6   GLN GLN A . n 
A 1 7   VAL 7   7   7   VAL VAL A . n 
A 1 8   GLY 8   8   8   GLY GLY A . n 
A 1 9   TYR 9   9   9   TYR TYR A . n 
A 1 10  SER 10  10  10  SER SER A . n 
A 1 11  PRO 11  11  11  PRO PRO A . n 
A 1 12  GLU 12  12  12  GLU GLU A . n 
A 1 13  GLY 13  13  13  GLY GLY A . n 
A 1 14  SER 14  14  14  SER SER A . n 
A 1 15  ALA 15  15  15  ALA ALA A . n 
A 1 16  ARG 16  16  16  ARG ARG A . n 
A 1 17  VAL 17  17  17  VAL VAL A . n 
A 1 18  LEU 18  18  18  LEU LEU A . n 
A 1 19  VAL 19  19  19  VAL VAL A . n 
A 1 20  LEU 20  20  20  LEU LEU A . n 
A 1 21  SER 21  21  21  SER SER A . n 
A 1 22  ALA 22  22  22  ALA ALA A . n 
A 1 23  ILE 23  23  23  ILE ILE A . n 
A 1 24  ASP 24  24  24  ASP ASP A . n 
A 1 25  SER 25  25  25  SER SER A . n 
A 1 26  ALA 26  26  26  ALA ALA A . n 
A 1 27  LYS 27  27  27  LYS LYS A . n 
A 1 28  THR 28  28  28  THR THR A . n 
A 1 29  SER 29  29  29  SER SER A . n 
A 1 30  ILE 30  30  30  ILE ILE A . n 
A 1 31  ARG 31  31  31  ARG ARG A . n 
A 1 32  MET 32  32  32  MET MET A . n 
A 1 33  MET 33  33  33  MET MET A . n 
A 1 34  ALA 34  34  34  ALA ALA A . n 
A 1 35  TYR 35  35  35  TYR TYR A . n 
A 1 36  SER 36  36  36  SER SER A . n 
A 1 37  PHE 37  37  37  PHE PHE A . n 
A 1 38  THR 38  38  38  THR THR A . n 
A 1 39  ALA 39  39  39  ALA ALA A . n 
A 1 40  PRO 40  40  40  PRO PRO A . n 
A 1 41  ASP 41  41  41  ASP ASP A . n 
A 1 42  ILE 42  42  42  ILE ILE A . n 
A 1 43  MET 43  43  43  MET MET A . n 
A 1 44  LYS 44  44  44  LYS LYS A . n 
A 1 45  ALA 45  45  45  ALA ALA A . n 
A 1 46  LEU 46  46  46  LEU LEU A . n 
A 1 47  VAL 47  47  47  VAL VAL A . n 
A 1 48  ALA 48  48  48  ALA ALA A . n 
A 1 49  ALA 49  49  49  ALA ALA A . n 
A 1 50  LYS 50  50  50  LYS LYS A . n 
A 1 51  LYS 51  51  51  LYS LYS A . n 
A 1 52  ARG 52  52  52  ARG ARG A . n 
A 1 53  GLY 53  53  53  GLY GLY A . n 
A 1 54  VAL 54  54  54  VAL VAL A . n 
A 1 55  ASP 55  55  55  ASP ASP A . n 
A 1 56  VAL 56  56  56  VAL VAL A . n 
A 1 57  LYS 57  57  57  LYS LYS A . n 
A 1 58  ILE 58  58  58  ILE ILE A . n 
A 1 59  VAL 59  59  59  VAL VAL A . n 
A 1 60  ILE 60  60  60  ILE ILE A . n 
A 1 61  ASP 61  61  61  ASP ASP A . n 
A 1 62  GLU 62  62  62  GLU GLU A . n 
A 1 63  ARG 63  63  63  ARG ARG A . n 
A 1 64  GLY 64  64  64  GLY GLY A . n 
A 1 65  ASN 65  65  65  ASN ASN A . n 
A 1 66  THR 66  66  66  THR THR A . n 
A 1 67  GLY 67  67  67  GLY GLY A . n 
A 1 68  ARG 68  68  68  ARG ARG A . n 
A 1 69  ALA 69  69  69  ALA ALA A . n 
A 1 70  SER 70  70  70  SER SER A . n 
A 1 71  ILE 71  71  71  ILE ILE A . n 
A 1 72  ALA 72  72  72  ALA ALA A . n 
A 1 73  ALA 73  73  73  ALA ALA A . n 
A 1 74  MET 74  74  74  MET MET A . n 
A 1 75  ASN 75  75  75  ASN ASN A . n 
A 1 76  TYR 76  76  76  TYR TYR A . n 
A 1 77  ILE 77  77  77  ILE ILE A . n 
A 1 78  ALA 78  78  78  ALA ALA A . n 
A 1 79  ASN 79  79  79  ASN ASN A . n 
A 1 80  SER 80  80  80  SER SER A . n 
A 1 81  GLY 81  81  81  GLY GLY A . n 
A 1 82  ILE 82  82  82  ILE ILE A . n 
A 1 83  PRO 83  83  83  PRO PRO A . n 
A 1 84  LEU 84  84  84  LEU LEU A . n 
A 1 85  ARG 85  85  85  ARG ARG A . n 
A 1 86  THR 86  86  86  THR THR A . n 
A 1 87  ASP 87  87  87  ASP ASP A . n 
A 1 88  SER 88  88  88  SER SER A . n 
A 1 89  ASN 89  89  89  ASN ASN A . n 
A 1 90  PHE 90  90  90  PHE PHE A . n 
A 1 91  PRO 91  91  91  PRO PRO A . n 
A 1 92  ILE 92  92  92  ILE ILE A . n 
A 1 93  GLN 93  93  93  GLN GLN A . n 
A 1 94  HIS 94  94  94  HIS HIS A . n 
A 1 95  ASP 95  95  95  ASP ASP A . n 
A 1 96  LYS 96  96  96  LYS LYS A . n 
A 1 97  VAL 97  97  97  VAL VAL A . n 
A 1 98  ILE 98  98  98  ILE ILE A . n 
A 1 99  ILE 99  99  99  ILE ILE A . n 
A 1 100 VAL 100 100 100 VAL VAL A . n 
A 1 101 ASP 101 101 101 ASP ASP A . n 
A 1 102 ASN 102 102 102 ASN ASN A . n 
A 1 103 VAL 103 103 103 VAL VAL A . n 
A 1 104 THR 104 104 104 THR THR A . n 
A 1 105 VAL 105 105 105 VAL VAL A . n 
A 1 106 GLU 106 106 106 GLU GLU A . n 
A 1 107 THR 107 107 107 THR THR A . n 
A 1 108 GLY 108 108 108 GLY GLY A . n 
A 1 109 SER 109 109 109 SER SER A . n 
A 1 110 PHE 110 110 110 PHE PHE A . n 
A 1 111 ASN 111 111 111 ASN ASN A . n 
A 1 112 PHE 112 112 112 PHE PHE A . n 
A 1 113 THR 113 113 113 THR THR A . n 
A 1 114 LYS 114 114 114 LYS LYS A . n 
A 1 115 ALA 115 115 115 ALA ALA A . n 
A 1 116 ALA 116 116 116 ALA ALA A . n 
A 1 117 GLU 117 117 117 GLU GLU A . n 
A 1 118 THR 118 118 118 THR THR A . n 
A 1 119 LYS 119 119 119 LYS LYS A . n 
A 1 120 ASN 120 120 120 ASN ASN A . n 
A 1 121 SER 121 121 121 SER SER A . n 
A 1 122 GLU 122 122 122 GLU GLU A . n 
A 1 123 ASN 123 123 123 ASN ASN A . n 
A 1 124 ALA 124 124 124 ALA ALA A . n 
A 1 125 VAL 125 125 125 VAL VAL A . n 
A 1 126 VAL 126 126 126 VAL VAL A . n 
A 1 127 ILE 127 127 127 ILE ILE A . n 
A 1 128 TRP 128 128 128 TRP TRP A . n 
A 1 129 ASN 129 129 129 ASN ASN A . n 
A 1 130 MET 130 130 130 MET MET A . n 
A 1 131 PRO 131 131 131 PRO PRO A . n 
A 1 132 LYS 132 132 132 LYS LYS A . n 
A 1 133 LEU 133 133 133 LEU LEU A . n 
A 1 134 ALA 134 134 134 ALA ALA A . n 
A 1 135 GLU 135 135 135 GLU GLU A . n 
A 1 136 SER 136 136 136 SER SER A . n 
A 1 137 PHE 137 137 137 PHE PHE A . n 
A 1 138 LEU 138 138 138 LEU LEU A . n 
A 1 139 GLU 139 139 139 GLU GLU A . n 
A 1 140 HIS 140 140 140 HIS HIS A . n 
A 1 141 TRP 141 141 141 TRP TRP A . n 
A 1 142 GLN 142 142 142 GLN GLN A . n 
A 1 143 ASP 143 143 143 ASP ASP A . n 
A 1 144 ARG 144 144 144 ARG ARG A . n 
A 1 145 TRP 145 145 145 TRP TRP A . n 
A 1 146 ASN 146 146 146 ASN ASN A . n 
A 1 147 GLN 147 147 147 GLN GLN A . n 
A 1 148 GLY 148 148 148 GLY GLY A . n 
A 1 149 ARG 149 149 149 ARG ARG A . n 
A 1 150 ASP 150 150 150 ASP ASP A . n 
A 1 151 TYR 151 151 151 TYR TYR A . n 
A 1 152 ARG 152 152 152 ARG ARG A . n 
A 1 153 SER 153 153 153 SER SER A . n 
A 1 154 SER 154 154 ?   ?   ?   A . n 
A 1 155 TYR 155 155 ?   ?   ?   A . n 
# 
loop_
_pdbx_nonpoly_scheme.asym_id 
_pdbx_nonpoly_scheme.entity_id 
_pdbx_nonpoly_scheme.mon_id 
_pdbx_nonpoly_scheme.ndb_seq_num 
_pdbx_nonpoly_scheme.pdb_seq_num 
_pdbx_nonpoly_scheme.auth_seq_num 
_pdbx_nonpoly_scheme.pdb_mon_id 
_pdbx_nonpoly_scheme.auth_mon_id 
_pdbx_nonpoly_scheme.pdb_strand_id 
_pdbx_nonpoly_scheme.pdb_ins_code 
B 2 HOH 1   156 1   HOH HOH A . 
B 2 HOH 2   157 2   HOH HOH A . 
B 2 HOH 3   158 3   HOH HOH A . 
B 2 HOH 4   159 4   HOH HOH A . 
B 2 HOH 5   160 5   HOH HOH A . 
B 2 HOH 6   161 6   HOH HOH A . 
B 2 HOH 7   162 7   HOH HOH A . 
B 2 HOH 8   163 8   HOH HOH A . 
B 2 HOH 9   164 9   HOH HOH A . 
B 2 HOH 10  165 10  HOH HOH A . 
B 2 HOH 11  166 11  HOH HOH A . 
B 2 HOH 12  167 12  HOH HOH A . 
B 2 HOH 13  168 13  HOH HOH A . 
B 2 HOH 14  169 14  HOH HOH A . 
B 2 HOH 15  170 15  HOH HOH A . 
B 2 HOH 16  171 16  HOH HOH A . 
B 2 HOH 17  172 17  HOH HOH A . 
B 2 HOH 18  173 18  HOH HOH A . 
B 2 HOH 19  174 19  HOH HOH A . 
B 2 HOH 20  175 20  HOH HOH A . 
B 2 HOH 21  176 21  HOH HOH A . 
B 2 HOH 22  177 22  HOH HOH A . 
B 2 HOH 23  178 23  HOH HOH A . 
B 2 HOH 24  179 24  HOH HOH A . 
B 2 HOH 25  180 25  HOH HOH A . 
B 2 HOH 26  181 26  HOH HOH A . 
B 2 HOH 27  182 27  HOH HOH A . 
B 2 HOH 28  183 28  HOH HOH A . 
B 2 HOH 29  184 29  HOH HOH A . 
B 2 HOH 30  185 30  HOH HOH A . 
B 2 HOH 31  186 31  HOH HOH A . 
B 2 HOH 32  187 32  HOH HOH A . 
B 2 HOH 33  188 33  HOH HOH A . 
B 2 HOH 34  189 34  HOH HOH A . 
B 2 HOH 35  190 35  HOH HOH A . 
B 2 HOH 36  191 36  HOH HOH A . 
B 2 HOH 37  192 37  HOH HOH A . 
B 2 HOH 38  193 38  HOH HOH A . 
B 2 HOH 39  194 39  HOH HOH A . 
B 2 HOH 40  195 40  HOH HOH A . 
B 2 HOH 41  196 41  HOH HOH A . 
B 2 HOH 42  197 42  HOH HOH A . 
B 2 HOH 43  198 43  HOH HOH A . 
B 2 HOH 44  199 44  HOH HOH A . 
B 2 HOH 45  200 45  HOH HOH A . 
B 2 HOH 46  201 46  HOH HOH A . 
B 2 HOH 47  202 47  HOH HOH A . 
B 2 HOH 48  203 48  HOH HOH A . 
B 2 HOH 49  204 49  HOH HOH A . 
B 2 HOH 50  205 50  HOH HOH A . 
B 2 HOH 51  206 51  HOH HOH A . 
B 2 HOH 52  207 52  HOH HOH A . 
B 2 HOH 53  208 53  HOH HOH A . 
B 2 HOH 54  209 54  HOH HOH A . 
B 2 HOH 55  210 55  HOH HOH A . 
B 2 HOH 56  211 56  HOH HOH A . 
B 2 HOH 57  212 57  HOH HOH A . 
B 2 HOH 58  213 58  HOH HOH A . 
B 2 HOH 59  214 60  HOH HOH A . 
B 2 HOH 60  215 61  HOH HOH A . 
B 2 HOH 61  216 62  HOH HOH A . 
B 2 HOH 62  217 63  HOH HOH A . 
B 2 HOH 63  218 64  HOH HOH A . 
B 2 HOH 64  219 65  HOH HOH A . 
B 2 HOH 65  220 66  HOH HOH A . 
B 2 HOH 66  221 67  HOH HOH A . 
B 2 HOH 67  222 68  HOH HOH A . 
B 2 HOH 68  223 69  HOH HOH A . 
B 2 HOH 69  224 70  HOH HOH A . 
B 2 HOH 70  225 71  HOH HOH A . 
B 2 HOH 71  226 72  HOH HOH A . 
B 2 HOH 72  227 73  HOH HOH A . 
B 2 HOH 73  228 74  HOH HOH A . 
B 2 HOH 74  229 75  HOH HOH A . 
B 2 HOH 75  230 76  HOH HOH A . 
B 2 HOH 76  231 78  HOH HOH A . 
B 2 HOH 77  232 79  HOH HOH A . 
B 2 HOH 78  233 80  HOH HOH A . 
B 2 HOH 79  234 81  HOH HOH A . 
B 2 HOH 80  235 83  HOH HOH A . 
B 2 HOH 81  236 84  HOH HOH A . 
B 2 HOH 82  237 85  HOH HOH A . 
B 2 HOH 83  238 86  HOH HOH A . 
B 2 HOH 84  239 87  HOH HOH A . 
B 2 HOH 85  240 88  HOH HOH A . 
B 2 HOH 86  241 89  HOH HOH A . 
B 2 HOH 87  242 90  HOH HOH A . 
B 2 HOH 88  243 91  HOH HOH A . 
B 2 HOH 89  244 92  HOH HOH A . 
B 2 HOH 90  245 94  HOH HOH A . 
B 2 HOH 91  246 95  HOH HOH A . 
B 2 HOH 92  247 96  HOH HOH A . 
B 2 HOH 93  248 97  HOH HOH A . 
B 2 HOH 94  249 98  HOH HOH A . 
B 2 HOH 95  250 99  HOH HOH A . 
B 2 HOH 96  251 100 HOH HOH A . 
B 2 HOH 97  252 101 HOH HOH A . 
B 2 HOH 98  253 102 HOH HOH A . 
B 2 HOH 99  254 104 HOH HOH A . 
B 2 HOH 100 255 105 HOH HOH A . 
B 2 HOH 101 256 106 HOH HOH A . 
B 2 HOH 102 257 109 HOH HOH A . 
B 2 HOH 103 258 110 HOH HOH A . 
B 2 HOH 104 259 111 HOH HOH A . 
B 2 HOH 105 260 112 HOH HOH A . 
B 2 HOH 106 261 113 HOH HOH A . 
B 2 HOH 107 262 114 HOH HOH A . 
B 2 HOH 108 263 115 HOH HOH A . 
B 2 HOH 109 264 116 HOH HOH A . 
B 2 HOH 110 265 117 HOH HOH A . 
B 2 HOH 111 266 120 HOH HOH A . 
B 2 HOH 112 267 121 HOH HOH A . 
B 2 HOH 113 268 122 HOH HOH A . 
B 2 HOH 114 269 124 HOH HOH A . 
B 2 HOH 115 270 125 HOH HOH A . 
B 2 HOH 116 271 126 HOH HOH A . 
B 2 HOH 117 272 128 HOH HOH A . 
B 2 HOH 118 273 129 HOH HOH A . 
B 2 HOH 119 274 130 HOH HOH A . 
B 2 HOH 120 275 131 HOH HOH A . 
B 2 HOH 121 276 132 HOH HOH A . 
B 2 HOH 122 277 133 HOH HOH A . 
B 2 HOH 123 278 136 HOH HOH A . 
B 2 HOH 124 279 137 HOH HOH A . 
B 2 HOH 125 280 138 HOH HOH A . 
B 2 HOH 126 281 139 HOH HOH A . 
B 2 HOH 127 282 141 HOH HOH A . 
B 2 HOH 128 283 142 HOH HOH A . 
B 2 HOH 129 284 143 HOH HOH A . 
B 2 HOH 130 285 146 HOH HOH A . 
B 2 HOH 131 286 150 HOH HOH A . 
B 2 HOH 132 287 153 HOH HOH A . 
B 2 HOH 133 288 154 HOH HOH A . 
B 2 HOH 134 289 155 HOH HOH A . 
B 2 HOH 135 290 160 HOH HOH A . 
B 2 HOH 136 291 163 HOH HOH A . 
B 2 HOH 137 292 164 HOH HOH A . 
B 2 HOH 138 293 166 HOH HOH A . 
B 2 HOH 139 294 169 HOH HOH A . 
B 2 HOH 140 295 170 HOH HOH A . 
B 2 HOH 141 296 171 HOH HOH A . 
B 2 HOH 142 297 174 HOH HOH A . 
B 2 HOH 143 298 175 HOH HOH A . 
B 2 HOH 144 299 176 HOH HOH A . 
B 2 HOH 145 300 179 HOH HOH A . 
B 2 HOH 146 301 183 HOH HOH A . 
B 2 HOH 147 302 186 HOH HOH A . 
B 2 HOH 148 303 192 HOH HOH A . 
B 2 HOH 149 304 193 HOH HOH A . 
B 2 HOH 150 305 194 HOH HOH A . 
B 2 HOH 151 306 198 HOH HOH A . 
B 2 HOH 152 307 202 HOH HOH A . 
B 2 HOH 153 308 205 HOH HOH A . 
B 2 HOH 154 309 206 HOH HOH A . 
B 2 HOH 155 310 207 HOH HOH A . 
B 2 HOH 156 311 208 HOH HOH A . 
B 2 HOH 157 312 220 HOH HOH A . 
B 2 HOH 158 313 222 HOH HOH A . 
B 2 HOH 159 314 223 HOH HOH A . 
B 2 HOH 160 315 224 HOH HOH A . 
B 2 HOH 161 316 225 HOH HOH A . 
B 2 HOH 162 317 228 HOH HOH A . 
B 2 HOH 163 318 237 HOH HOH A . 
B 2 HOH 164 319 246 HOH HOH A . 
B 2 HOH 165 320 247 HOH HOH A . 
B 2 HOH 166 321 248 HOH HOH A . 
B 2 HOH 167 322 252 HOH HOH A . 
B 2 HOH 168 323 253 HOH HOH A . 
B 2 HOH 169 324 257 HOH HOH A . 
B 2 HOH 170 325 259 HOH HOH A . 
B 2 HOH 171 326 260 HOH HOH A . 
B 2 HOH 172 327 267 HOH HOH A . 
B 2 HOH 173 328 275 HOH HOH A . 
B 2 HOH 174 329 279 HOH HOH A . 
B 2 HOH 175 330 282 HOH HOH A . 
B 2 HOH 176 331 285 HOH HOH A . 
B 2 HOH 177 332 289 HOH HOH A . 
B 2 HOH 178 333 290 HOH HOH A . 
B 2 HOH 179 334 298 HOH HOH A . 
B 2 HOH 180 335 301 HOH HOH A . 
B 2 HOH 181 336 307 HOH HOH A . 
B 2 HOH 182 337 308 HOH HOH A . 
B 2 HOH 183 338 309 HOH HOH A . 
B 2 HOH 184 339 313 HOH HOH A . 
B 2 HOH 185 340 317 HOH HOH A . 
B 2 HOH 186 341 318 HOH HOH A . 
B 2 HOH 187 342 319 HOH HOH A . 
B 2 HOH 188 343 320 HOH HOH A . 
# 
loop_
_software.name 
_software.classification 
_software.version 
_software.citation_id 
_software.pdbx_ordinal 
CCP4   'model building' .     ? 1 
X-PLOR refinement       3.851 ? 2 
CCP4   phasing          .     ? 3 
# 
_cell.entry_id           1BYR 
_cell.length_a           59.060 
_cell.length_b           59.060 
_cell.length_c           111.300 
_cell.angle_alpha        90.00 
_cell.angle_beta         90.00 
_cell.angle_gamma        90.00 
_cell.Z_PDB              8 
_cell.pdbx_unique_axis   ? 
# 
_symmetry.entry_id                         1BYR 
_symmetry.space_group_name_H-M             'P 43 21 2' 
_symmetry.pdbx_full_space_group_name_H-M   ? 
_symmetry.cell_setting                     ? 
_symmetry.Int_Tables_number                96 
# 
_exptl.entry_id          1BYR 
_exptl.method            'X-RAY DIFFRACTION' 
_exptl.crystals_number   1 
# 
_exptl_crystal.id                    1 
_exptl_crystal.density_meas          ? 
_exptl_crystal.density_Matthews      2.86 
_exptl_crystal.density_percent_sol   55 
_exptl_crystal.description           ? 
# 
_exptl_crystal_grow.crystal_id      1 
_exptl_crystal_grow.method          ? 
_exptl_crystal_grow.temp            ? 
_exptl_crystal_grow.temp_details    ? 
_exptl_crystal_grow.pH              7.5 
_exptl_crystal_grow.pdbx_details    '10 MG/ML PROTEIN + 2M NH4SO4, 100MM TRIS-HCL,PH 7.5' 
_exptl_crystal_grow.pdbx_pH_range   . 
# 
_diffrn.id                     1 
_diffrn.ambient_temp           123 
_diffrn.ambient_temp_details   ? 
_diffrn.crystal_id             1 
# 
_diffrn_detector.diffrn_id              1 
_diffrn_detector.detector               ? 
_diffrn_detector.type                   ADSC 
_diffrn_detector.pdbx_collection_date   ? 
_diffrn_detector.details                ? 
# 
_diffrn_radiation.diffrn_id                        1 
_diffrn_radiation.wavelength_id                    1 
_diffrn_radiation.pdbx_monochromatic_or_laue_m_l   M 
_diffrn_radiation.monochromator                    'NI FILTER' 
_diffrn_radiation.pdbx_diffrn_protocol             'SINGLE WAVELENGTH' 
_diffrn_radiation.pdbx_scattering_type             x-ray 
# 
_diffrn_radiation_wavelength.id           1 
_diffrn_radiation_wavelength.wavelength   1.5418 
_diffrn_radiation_wavelength.wt           1.0 
# 
_diffrn_source.diffrn_id                   1 
_diffrn_source.source                      'ROTATING ANODE' 
_diffrn_source.type                        'RIGAKU RU200' 
_diffrn_source.pdbx_synchrotron_site       ? 
_diffrn_source.pdbx_synchrotron_beamline   ? 
_diffrn_source.pdbx_wavelength             1.5418 
_diffrn_source.pdbx_wavelength_list        ? 
# 
_reflns.entry_id                     1BYR 
_reflns.observed_criterion_sigma_I   0 
_reflns.observed_criterion_sigma_F   ? 
_reflns.d_resolution_low             16.4 
_reflns.d_resolution_high            2.0 
_reflns.number_obs                   13546 
_reflns.number_all                   ? 
_reflns.percent_possible_obs         97 
_reflns.pdbx_Rmerge_I_obs            ? 
_reflns.pdbx_Rsym_value              0.390 
_reflns.pdbx_netI_over_sigmaI        15 
_reflns.B_iso_Wilson_estimate        ? 
_reflns.pdbx_redundancy              3.1 
_reflns.R_free_details               ? 
_reflns.pdbx_ordinal                 1 
_reflns.pdbx_diffrn_id               1 
# 
_reflns_shell.d_res_high             2.0 
_reflns_shell.d_res_low              2.15 
_reflns_shell.percent_possible_all   96 
_reflns_shell.Rmerge_I_obs           ? 
_reflns_shell.pdbx_Rsym_value        0.082 
_reflns_shell.meanI_over_sigI_obs    5.8 
_reflns_shell.pdbx_redundancy        3 
_reflns_shell.percent_possible_obs   ? 
_reflns_shell.number_unique_all      ? 
_reflns_shell.pdbx_ordinal           1 
_reflns_shell.pdbx_diffrn_id         1 
# 
_refine.entry_id                                 1BYR 
_refine.ls_number_reflns_obs                     13112 
_refine.ls_number_reflns_all                     ? 
_refine.pdbx_ls_sigma_I                          ? 
_refine.pdbx_ls_sigma_F                          0.0 
_refine.pdbx_data_cutoff_high_absF               ? 
_refine.pdbx_data_cutoff_low_absF                ? 
_refine.pdbx_data_cutoff_high_rms_absF           ? 
_refine.ls_d_res_low                             8.0 
_refine.ls_d_res_high                            2.0 
_refine.ls_percent_reflns_obs                    95.8 
_refine.ls_R_factor_obs                          0.1930000 
_refine.ls_R_factor_all                          ? 
_refine.ls_R_factor_R_work                       0.1930000 
_refine.ls_R_factor_R_free                       0.2500000 
_refine.ls_R_factor_R_free_error                 ? 
_refine.ls_R_factor_R_free_error_details         ? 
_refine.ls_percent_reflns_R_free                 10.06 
_refine.ls_number_reflns_R_free                  1320 
_refine.ls_number_parameters                     ? 
_refine.ls_number_restraints                     ? 
_refine.occupancy_min                            ? 
_refine.occupancy_max                            ? 
_refine.B_iso_mean                               ? 
_refine.aniso_B[1][1]                            ? 
_refine.aniso_B[2][2]                            ? 
_refine.aniso_B[3][3]                            ? 
_refine.aniso_B[1][2]                            ? 
_refine.aniso_B[1][3]                            ? 
_refine.aniso_B[2][3]                            ? 
_refine.solvent_model_details                    ? 
_refine.solvent_model_param_ksol                 ? 
_refine.solvent_model_param_bsol                 ? 
_refine.pdbx_ls_cross_valid_method               THROUGHOUT 
_refine.details                                  ? 
_refine.pdbx_starting_model                      ? 
_refine.pdbx_method_to_determine_struct          MAD 
_refine.pdbx_isotropic_thermal_model             ? 
_refine.pdbx_stereochemistry_target_values       ? 
_refine.pdbx_stereochem_target_val_spec_case     ? 
_refine.pdbx_R_Free_selection_details            RANDOM 
_refine.pdbx_overall_ESU_R                       ? 
_refine.pdbx_overall_ESU_R_Free                  ? 
_refine.overall_SU_ML                            ? 
_refine.overall_SU_B                             ? 
_refine.ls_redundancy_reflns_obs                 ? 
_refine.pdbx_refine_id                           'X-RAY DIFFRACTION' 
_refine.pdbx_diffrn_id                           1 
_refine.pdbx_TLS_residual_ADP_flag               ? 
_refine.correlation_coeff_Fo_to_Fc               ? 
_refine.correlation_coeff_Fo_to_Fc_free          ? 
_refine.pdbx_solvent_vdw_probe_radii             ? 
_refine.pdbx_solvent_ion_probe_radii             ? 
_refine.pdbx_solvent_shrinkage_radii             ? 
_refine.pdbx_overall_phase_error                 ? 
_refine.overall_SU_R_Cruickshank_DPI             ? 
_refine.pdbx_overall_SU_R_free_Cruickshank_DPI   ? 
_refine.pdbx_overall_SU_R_Blow_DPI               ? 
_refine.pdbx_overall_SU_R_free_Blow_DPI          ? 
# 
_refine_hist.pdbx_refine_id                   'X-RAY DIFFRACTION' 
_refine_hist.cycle_id                         LAST 
_refine_hist.pdbx_number_atoms_protein        1181 
_refine_hist.pdbx_number_atoms_nucleic_acid   0 
_refine_hist.pdbx_number_atoms_ligand         0 
_refine_hist.number_atoms_solvent             188 
_refine_hist.number_atoms_total               1369 
_refine_hist.d_res_high                       2.0 
_refine_hist.d_res_low                        8.0 
# 
loop_
_refine_ls_restr.type 
_refine_ls_restr.dev_ideal 
_refine_ls_restr.dev_ideal_target 
_refine_ls_restr.weight 
_refine_ls_restr.number 
_refine_ls_restr.pdbx_refine_id 
_refine_ls_restr.pdbx_restraint_function 
x_bond_d                0.009 ? ? ? 'X-RAY DIFFRACTION' ? 
x_bond_d_na             ?     ? ? ? 'X-RAY DIFFRACTION' ? 
x_bond_d_prot           ?     ? ? ? 'X-RAY DIFFRACTION' ? 
x_angle_d               ?     ? ? ? 'X-RAY DIFFRACTION' ? 
x_angle_d_na            ?     ? ? ? 'X-RAY DIFFRACTION' ? 
x_angle_d_prot          ?     ? ? ? 'X-RAY DIFFRACTION' ? 
x_angle_deg             1.61  ? ? ? 'X-RAY DIFFRACTION' ? 
x_angle_deg_na          ?     ? ? ? 'X-RAY DIFFRACTION' ? 
x_angle_deg_prot        ?     ? ? ? 'X-RAY DIFFRACTION' ? 
x_dihedral_angle_d      25.72 ? ? ? 'X-RAY DIFFRACTION' ? 
x_dihedral_angle_d_na   ?     ? ? ? 'X-RAY DIFFRACTION' ? 
x_dihedral_angle_d_prot ?     ? ? ? 'X-RAY DIFFRACTION' ? 
x_improper_angle_d      0.757 ? ? ? 'X-RAY DIFFRACTION' ? 
x_improper_angle_d_na   ?     ? ? ? 'X-RAY DIFFRACTION' ? 
x_improper_angle_d_prot ?     ? ? ? 'X-RAY DIFFRACTION' ? 
x_mcbond_it             ?     ? ? ? 'X-RAY DIFFRACTION' ? 
x_mcangle_it            ?     ? ? ? 'X-RAY DIFFRACTION' ? 
x_scbond_it             ?     ? ? ? 'X-RAY DIFFRACTION' ? 
x_scangle_it            ?     ? ? ? 'X-RAY DIFFRACTION' ? 
# 
_refine_ls_shell.pdbx_total_number_of_bins_used   8 
_refine_ls_shell.d_res_high                       2.0 
_refine_ls_shell.d_res_low                        2.15 
_refine_ls_shell.number_reflns_R_work             1390 
_refine_ls_shell.R_factor_R_work                  0.2179000 
_refine_ls_shell.percent_reflns_obs               91.48 
_refine_ls_shell.R_factor_R_free                  0.2344000 
_refine_ls_shell.R_factor_R_free_error            ? 
_refine_ls_shell.percent_reflns_R_free            10.3 
_refine_ls_shell.number_reflns_R_free             136 
_refine_ls_shell.redundancy_reflns_obs            ? 
_refine_ls_shell.pdbx_refine_id                   'X-RAY DIFFRACTION' 
_refine_ls_shell.number_reflns_all                ? 
_refine_ls_shell.R_factor_all                     ? 
# 
loop_
_pdbx_xplor_file.serial_no 
_pdbx_xplor_file.param_file 
_pdbx_xplor_file.topol_file 
_pdbx_xplor_file.pdbx_refine_id 
1 PROTEIN_REP.PARAM TOPHCSDX.PRO 'X-RAY DIFFRACTION' 
2 PARAM11.WAT       TOPH19.PEP   'X-RAY DIFFRACTION' 
3 ?                 TOPH11.WAT   'X-RAY DIFFRACTION' 
# 
_struct.entry_id                  1BYR 
_struct.title                     'CRYSTAL STRUCTURE OF A PHOSPHOLIPASE D FAMILY MEMBER, NUC FROM SALMONELLA TYPHIMURIUM' 
_struct.pdbx_model_details        ? 
_struct.pdbx_CASP_flag            ? 
_struct.pdbx_model_type_details   ? 
# 
_struct_keywords.entry_id        1BYR 
_struct_keywords.pdbx_keywords   ENDONUCLEASE 
_struct_keywords.text            'ENDONUCLEASE, PHOSPHODIESTERASE' 
# 
loop_
_struct_asym.id 
_struct_asym.pdbx_blank_PDB_chainid_flag 
_struct_asym.pdbx_modified 
_struct_asym.entity_id 
_struct_asym.details 
A N N 1 ? 
B N N 2 ? 
# 
_struct_ref.id                         1 
_struct_ref.db_name                    UNP 
_struct_ref.db_code                    Q46707_ECOLI 
_struct_ref.entity_id                  1 
_struct_ref.pdbx_db_accession          Q46707 
_struct_ref.pdbx_db_isoform            ? 
_struct_ref.pdbx_seq_one_letter_code   ? 
_struct_ref.pdbx_align_begin           ? 
# 
_struct_ref_seq.align_id                      1 
_struct_ref_seq.ref_id                        1 
_struct_ref_seq.pdbx_PDB_id_code              1BYR 
_struct_ref_seq.pdbx_strand_id                A 
_struct_ref_seq.seq_align_beg                 1 
_struct_ref_seq.pdbx_seq_align_beg_ins_code   ? 
_struct_ref_seq.seq_align_end                 155 
_struct_ref_seq.pdbx_seq_align_end_ins_code   ? 
_struct_ref_seq.pdbx_db_accession             Q46707 
_struct_ref_seq.db_align_beg                  23 
_struct_ref_seq.pdbx_db_align_beg_ins_code    ? 
_struct_ref_seq.db_align_end                  177 
_struct_ref_seq.pdbx_db_align_end_ins_code    ? 
_struct_ref_seq.pdbx_auth_seq_align_beg       1 
_struct_ref_seq.pdbx_auth_seq_align_end       155 
# 
_pdbx_struct_assembly.id                   1 
_pdbx_struct_assembly.details              author_and_software_defined_assembly 
_pdbx_struct_assembly.method_details       PISA,PQS 
_pdbx_struct_assembly.oligomeric_details   dimeric 
_pdbx_struct_assembly.oligomeric_count     2 
# 
loop_
_pdbx_struct_assembly_prop.biol_id 
_pdbx_struct_assembly_prop.type 
_pdbx_struct_assembly_prop.value 
_pdbx_struct_assembly_prop.details 
1 'ABSA (A^2)' 2400  ? 
1 MORE         -10   ? 
1 'SSA (A^2)'  11690 ? 
# 
_pdbx_struct_assembly_gen.assembly_id       1 
_pdbx_struct_assembly_gen.oper_expression   1,2 
_pdbx_struct_assembly_gen.asym_id_list      A,B 
# 
loop_
_pdbx_struct_oper_list.id 
_pdbx_struct_oper_list.type 
_pdbx_struct_oper_list.name 
_pdbx_struct_oper_list.symmetry_operation 
_pdbx_struct_oper_list.matrix[1][1] 
_pdbx_struct_oper_list.matrix[1][2] 
_pdbx_struct_oper_list.matrix[1][3] 
_pdbx_struct_oper_list.vector[1] 
_pdbx_struct_oper_list.matrix[2][1] 
_pdbx_struct_oper_list.matrix[2][2] 
_pdbx_struct_oper_list.matrix[2][3] 
_pdbx_struct_oper_list.vector[2] 
_pdbx_struct_oper_list.matrix[3][1] 
_pdbx_struct_oper_list.matrix[3][2] 
_pdbx_struct_oper_list.matrix[3][3] 
_pdbx_struct_oper_list.vector[3] 
1 'identity operation'         1_555 x,y,z  1.0000000000 0.0000000000  0.0000000000  0.0000000000  0.0000000000  1.0000000000  0.0000000000 0.0000000000  0.0000000000  0.0000000000 1.0000000000  0.0000000000  
2 'crystal symmetry operation' 7_555 y,x,-z 0.0328531949 -0.3595657378 -0.9325412311 14.7424607426 -0.3595657378 -0.8748248827 0.3246442742 -4.8626837689 -0.9325412311 0.3246442742 -0.1580283121 18.2032188908 
# 
_struct_biol.id   1 
# 
loop_
_struct_conf.conf_type_id 
_struct_conf.id 
_struct_conf.pdbx_PDB_helix_id 
_struct_conf.beg_label_comp_id 
_struct_conf.beg_label_asym_id 
_struct_conf.beg_label_seq_id 
_struct_conf.pdbx_beg_PDB_ins_code 
_struct_conf.end_label_comp_id 
_struct_conf.end_label_asym_id 
_struct_conf.end_label_seq_id 
_struct_conf.pdbx_end_PDB_ins_code 
_struct_conf.beg_auth_comp_id 
_struct_conf.beg_auth_asym_id 
_struct_conf.beg_auth_seq_id 
_struct_conf.end_auth_comp_id 
_struct_conf.end_auth_asym_id 
_struct_conf.end_auth_seq_id 
_struct_conf.pdbx_PDB_helix_class 
_struct_conf.details 
_struct_conf.pdbx_PDB_helix_length 
HELX_P HELX_P1 1 SER A 14  ? SER A 25  ? SER A 14  SER A 25  1 ? 12 
HELX_P HELX_P2 2 PRO A 40  ? LYS A 51  ? PRO A 40  LYS A 51  1 ? 12 
HELX_P HELX_P3 3 ARG A 68  ? SER A 80  ? ARG A 68  SER A 80  1 ? 13 
HELX_P HELX_P4 4 LYS A 114 ? THR A 118 ? LYS A 114 THR A 118 1 ? 5  
HELX_P HELX_P5 5 PRO A 131 ? GLN A 147 ? PRO A 131 GLN A 147 1 ? 17 
# 
_struct_conf_type.id          HELX_P 
_struct_conf_type.criteria    ? 
_struct_conf_type.reference   ? 
# 
_struct_mon_prot_cis.pdbx_id                1 
_struct_mon_prot_cis.label_comp_id          SER 
_struct_mon_prot_cis.label_seq_id           10 
_struct_mon_prot_cis.label_asym_id          A 
_struct_mon_prot_cis.label_alt_id           . 
_struct_mon_prot_cis.pdbx_PDB_ins_code      ? 
_struct_mon_prot_cis.auth_comp_id           SER 
_struct_mon_prot_cis.auth_seq_id            10 
_struct_mon_prot_cis.auth_asym_id           A 
_struct_mon_prot_cis.pdbx_label_comp_id_2   PRO 
_struct_mon_prot_cis.pdbx_label_seq_id_2    11 
_struct_mon_prot_cis.pdbx_label_asym_id_2   A 
_struct_mon_prot_cis.pdbx_PDB_ins_code_2    ? 
_struct_mon_prot_cis.pdbx_auth_comp_id_2    PRO 
_struct_mon_prot_cis.pdbx_auth_seq_id_2     11 
_struct_mon_prot_cis.pdbx_auth_asym_id_2    A 
_struct_mon_prot_cis.pdbx_PDB_model_num     1 
_struct_mon_prot_cis.pdbx_omega_angle       -1.18 
# 
_struct_sheet.id               A 
_struct_sheet.type             ? 
_struct_sheet.number_strands   7 
_struct_sheet.details          ? 
# 
loop_
_struct_sheet_order.sheet_id 
_struct_sheet_order.range_id_1 
_struct_sheet_order.range_id_2 
_struct_sheet_order.offset 
_struct_sheet_order.sense 
A 1 2 ? anti-parallel 
A 2 3 ? anti-parallel 
A 3 4 ? anti-parallel 
A 4 5 ? anti-parallel 
A 5 6 ? parallel      
A 6 7 ? parallel      
# 
loop_
_struct_sheet_range.sheet_id 
_struct_sheet_range.id 
_struct_sheet_range.beg_label_comp_id 
_struct_sheet_range.beg_label_asym_id 
_struct_sheet_range.beg_label_seq_id 
_struct_sheet_range.pdbx_beg_PDB_ins_code 
_struct_sheet_range.end_label_comp_id 
_struct_sheet_range.end_label_asym_id 
_struct_sheet_range.end_label_seq_id 
_struct_sheet_range.pdbx_end_PDB_ins_code 
_struct_sheet_range.beg_auth_comp_id 
_struct_sheet_range.beg_auth_asym_id 
_struct_sheet_range.beg_auth_seq_id 
_struct_sheet_range.end_auth_comp_id 
_struct_sheet_range.end_auth_asym_id 
_struct_sheet_range.end_auth_seq_id 
A 1 SER A 4   ? SER A 10  ? SER A 4   SER A 10  
A 2 GLU A 122 ? TRP A 128 ? GLU A 122 TRP A 128 
A 3 THR A 104 ? GLY A 108 ? THR A 104 GLY A 108 
A 4 VAL A 97  ? VAL A 100 ? VAL A 97  VAL A 100 
A 5 SER A 29  ? ALA A 34  ? SER A 29  ALA A 34  
A 6 ASP A 55  ? ASP A 61  ? ASP A 55  ASP A 61  
A 7 PRO A 83  ? ASP A 87  ? PRO A 83  ASP A 87  
# 
loop_
_pdbx_struct_sheet_hbond.sheet_id 
_pdbx_struct_sheet_hbond.range_id_1 
_pdbx_struct_sheet_hbond.range_id_2 
_pdbx_struct_sheet_hbond.range_1_label_atom_id 
_pdbx_struct_sheet_hbond.range_1_label_comp_id 
_pdbx_struct_sheet_hbond.range_1_label_asym_id 
_pdbx_struct_sheet_hbond.range_1_label_seq_id 
_pdbx_struct_sheet_hbond.range_1_PDB_ins_code 
_pdbx_struct_sheet_hbond.range_1_auth_atom_id 
_pdbx_struct_sheet_hbond.range_1_auth_comp_id 
_pdbx_struct_sheet_hbond.range_1_auth_asym_id 
_pdbx_struct_sheet_hbond.range_1_auth_seq_id 
_pdbx_struct_sheet_hbond.range_2_label_atom_id 
_pdbx_struct_sheet_hbond.range_2_label_comp_id 
_pdbx_struct_sheet_hbond.range_2_label_asym_id 
_pdbx_struct_sheet_hbond.range_2_label_seq_id 
_pdbx_struct_sheet_hbond.range_2_PDB_ins_code 
_pdbx_struct_sheet_hbond.range_2_auth_atom_id 
_pdbx_struct_sheet_hbond.range_2_auth_comp_id 
_pdbx_struct_sheet_hbond.range_2_auth_asym_id 
_pdbx_struct_sheet_hbond.range_2_auth_seq_id 
A 1 2 O SER A 4   ? O SER A 4   N TRP A 128 ? N TRP A 128 
A 2 3 O VAL A 125 ? O VAL A 125 N THR A 107 ? N THR A 107 
A 3 4 O THR A 104 ? O THR A 104 N VAL A 100 ? N VAL A 100 
A 4 5 O VAL A 97  ? O VAL A 97  N MET A 33  ? N MET A 33  
A 5 6 O ILE A 30  ? O ILE A 30  N ASP A 55  ? N ASP A 55  
A 6 7 O ILE A 58  ? O ILE A 58  N PRO A 83  ? N PRO A 83  
# 
_struct_site.id                   ACT 
_struct_site.pdbx_evidence_code   Author 
_struct_site.pdbx_auth_asym_id    ? 
_struct_site.pdbx_auth_comp_id    ? 
_struct_site.pdbx_auth_seq_id     ? 
_struct_site.pdbx_auth_ins_code   ? 
_struct_site.pdbx_num_residues    3 
_struct_site.details              'RESIDUES FROM BOTH MONOMERS CREATE THE ACTIVE SITE.' 
# 
loop_
_struct_site_gen.id 
_struct_site_gen.site_id 
_struct_site_gen.pdbx_num_res 
_struct_site_gen.label_comp_id 
_struct_site_gen.label_asym_id 
_struct_site_gen.label_seq_id 
_struct_site_gen.pdbx_auth_ins_code 
_struct_site_gen.auth_comp_id 
_struct_site_gen.auth_asym_id 
_struct_site_gen.auth_seq_id 
_struct_site_gen.label_atom_id 
_struct_site_gen.label_alt_id 
_struct_site_gen.symmetry 
_struct_site_gen.details 
1 ACT 3 HIS A 94  ? HIS A 94  . ? 1_555 ? 
2 ACT 3 LYS A 96  ? LYS A 96  . ? 1_555 ? 
3 ACT 3 ASN A 111 ? ASN A 111 . ? 1_555 ? 
# 
loop_
_pdbx_validate_torsion.id 
_pdbx_validate_torsion.PDB_model_num 
_pdbx_validate_torsion.auth_comp_id 
_pdbx_validate_torsion.auth_asym_id 
_pdbx_validate_torsion.auth_seq_id 
_pdbx_validate_torsion.PDB_ins_code 
_pdbx_validate_torsion.label_alt_id 
_pdbx_validate_torsion.phi 
_pdbx_validate_torsion.psi 
1 1 THR A 28  ? ? -130.48 -44.51  
2 1 TYR A 35  ? ? -97.83  -112.41 
3 1 ASN A 102 ? ? 56.49   12.92   
4 1 VAL A 103 ? ? -140.80 -9.01   
# 
loop_
_pdbx_unobs_or_zero_occ_residues.id 
_pdbx_unobs_or_zero_occ_residues.PDB_model_num 
_pdbx_unobs_or_zero_occ_residues.polymer_flag 
_pdbx_unobs_or_zero_occ_residues.occupancy_flag 
_pdbx_unobs_or_zero_occ_residues.auth_asym_id 
_pdbx_unobs_or_zero_occ_residues.auth_comp_id 
_pdbx_unobs_or_zero_occ_residues.auth_seq_id 
_pdbx_unobs_or_zero_occ_residues.PDB_ins_code 
_pdbx_unobs_or_zero_occ_residues.label_asym_id 
_pdbx_unobs_or_zero_occ_residues.label_comp_id 
_pdbx_unobs_or_zero_occ_residues.label_seq_id 
1 1 Y 1 A VAL 1   ? A VAL 1   
2 1 Y 1 A SER 154 ? A SER 154 
3 1 Y 1 A TYR 155 ? A TYR 155 
# 
loop_
_chem_comp_atom.comp_id 
_chem_comp_atom.atom_id 
_chem_comp_atom.type_symbol 
_chem_comp_atom.pdbx_aromatic_flag 
_chem_comp_atom.pdbx_stereo_config 
_chem_comp_atom.pdbx_ordinal 
ALA N    N N N 1   
ALA CA   C N S 2   
ALA C    C N N 3   
ALA O    O N N 4   
ALA CB   C N N 5   
ALA OXT  O N N 6   
ALA H    H N N 7   
ALA H2   H N N 8   
ALA HA   H N N 9   
ALA HB1  H N N 10  
ALA HB2  H N N 11  
ALA HB3  H N N 12  
ALA HXT  H N N 13  
ARG N    N N N 14  
ARG CA   C N S 15  
ARG C    C N N 16  
ARG O    O N N 17  
ARG CB   C N N 18  
ARG CG   C N N 19  
ARG CD   C N N 20  
ARG NE   N N N 21  
ARG CZ   C N N 22  
ARG NH1  N N N 23  
ARG NH2  N N N 24  
ARG OXT  O N N 25  
ARG H    H N N 26  
ARG H2   H N N 27  
ARG HA   H N N 28  
ARG HB2  H N N 29  
ARG HB3  H N N 30  
ARG HG2  H N N 31  
ARG HG3  H N N 32  
ARG HD2  H N N 33  
ARG HD3  H N N 34  
ARG HE   H N N 35  
ARG HH11 H N N 36  
ARG HH12 H N N 37  
ARG HH21 H N N 38  
ARG HH22 H N N 39  
ARG HXT  H N N 40  
ASN N    N N N 41  
ASN CA   C N S 42  
ASN C    C N N 43  
ASN O    O N N 44  
ASN CB   C N N 45  
ASN CG   C N N 46  
ASN OD1  O N N 47  
ASN ND2  N N N 48  
ASN OXT  O N N 49  
ASN H    H N N 50  
ASN H2   H N N 51  
ASN HA   H N N 52  
ASN HB2  H N N 53  
ASN HB3  H N N 54  
ASN HD21 H N N 55  
ASN HD22 H N N 56  
ASN HXT  H N N 57  
ASP N    N N N 58  
ASP CA   C N S 59  
ASP C    C N N 60  
ASP O    O N N 61  
ASP CB   C N N 62  
ASP CG   C N N 63  
ASP OD1  O N N 64  
ASP OD2  O N N 65  
ASP OXT  O N N 66  
ASP H    H N N 67  
ASP H2   H N N 68  
ASP HA   H N N 69  
ASP HB2  H N N 70  
ASP HB3  H N N 71  
ASP HD2  H N N 72  
ASP HXT  H N N 73  
GLN N    N N N 74  
GLN CA   C N S 75  
GLN C    C N N 76  
GLN O    O N N 77  
GLN CB   C N N 78  
GLN CG   C N N 79  
GLN CD   C N N 80  
GLN OE1  O N N 81  
GLN NE2  N N N 82  
GLN OXT  O N N 83  
GLN H    H N N 84  
GLN H2   H N N 85  
GLN HA   H N N 86  
GLN HB2  H N N 87  
GLN HB3  H N N 88  
GLN HG2  H N N 89  
GLN HG3  H N N 90  
GLN HE21 H N N 91  
GLN HE22 H N N 92  
GLN HXT  H N N 93  
GLU N    N N N 94  
GLU CA   C N S 95  
GLU C    C N N 96  
GLU O    O N N 97  
GLU CB   C N N 98  
GLU CG   C N N 99  
GLU CD   C N N 100 
GLU OE1  O N N 101 
GLU OE2  O N N 102 
GLU OXT  O N N 103 
GLU H    H N N 104 
GLU H2   H N N 105 
GLU HA   H N N 106 
GLU HB2  H N N 107 
GLU HB3  H N N 108 
GLU HG2  H N N 109 
GLU HG3  H N N 110 
GLU HE2  H N N 111 
GLU HXT  H N N 112 
GLY N    N N N 113 
GLY CA   C N N 114 
GLY C    C N N 115 
GLY O    O N N 116 
GLY OXT  O N N 117 
GLY H    H N N 118 
GLY H2   H N N 119 
GLY HA2  H N N 120 
GLY HA3  H N N 121 
GLY HXT  H N N 122 
HIS N    N N N 123 
HIS CA   C N S 124 
HIS C    C N N 125 
HIS O    O N N 126 
HIS CB   C N N 127 
HIS CG   C Y N 128 
HIS ND1  N Y N 129 
HIS CD2  C Y N 130 
HIS CE1  C Y N 131 
HIS NE2  N Y N 132 
HIS OXT  O N N 133 
HIS H    H N N 134 
HIS H2   H N N 135 
HIS HA   H N N 136 
HIS HB2  H N N 137 
HIS HB3  H N N 138 
HIS HD1  H N N 139 
HIS HD2  H N N 140 
HIS HE1  H N N 141 
HIS HE2  H N N 142 
HIS HXT  H N N 143 
HOH O    O N N 144 
HOH H1   H N N 145 
HOH H2   H N N 146 
ILE N    N N N 147 
ILE CA   C N S 148 
ILE C    C N N 149 
ILE O    O N N 150 
ILE CB   C N S 151 
ILE CG1  C N N 152 
ILE CG2  C N N 153 
ILE CD1  C N N 154 
ILE OXT  O N N 155 
ILE H    H N N 156 
ILE H2   H N N 157 
ILE HA   H N N 158 
ILE HB   H N N 159 
ILE HG12 H N N 160 
ILE HG13 H N N 161 
ILE HG21 H N N 162 
ILE HG22 H N N 163 
ILE HG23 H N N 164 
ILE HD11 H N N 165 
ILE HD12 H N N 166 
ILE HD13 H N N 167 
ILE HXT  H N N 168 
LEU N    N N N 169 
LEU CA   C N S 170 
LEU C    C N N 171 
LEU O    O N N 172 
LEU CB   C N N 173 
LEU CG   C N N 174 
LEU CD1  C N N 175 
LEU CD2  C N N 176 
LEU OXT  O N N 177 
LEU H    H N N 178 
LEU H2   H N N 179 
LEU HA   H N N 180 
LEU HB2  H N N 181 
LEU HB3  H N N 182 
LEU HG   H N N 183 
LEU HD11 H N N 184 
LEU HD12 H N N 185 
LEU HD13 H N N 186 
LEU HD21 H N N 187 
LEU HD22 H N N 188 
LEU HD23 H N N 189 
LEU HXT  H N N 190 
LYS N    N N N 191 
LYS CA   C N S 192 
LYS C    C N N 193 
LYS O    O N N 194 
LYS CB   C N N 195 
LYS CG   C N N 196 
LYS CD   C N N 197 
LYS CE   C N N 198 
LYS NZ   N N N 199 
LYS OXT  O N N 200 
LYS H    H N N 201 
LYS H2   H N N 202 
LYS HA   H N N 203 
LYS HB2  H N N 204 
LYS HB3  H N N 205 
LYS HG2  H N N 206 
LYS HG3  H N N 207 
LYS HD2  H N N 208 
LYS HD3  H N N 209 
LYS HE2  H N N 210 
LYS HE3  H N N 211 
LYS HZ1  H N N 212 
LYS HZ2  H N N 213 
LYS HZ3  H N N 214 
LYS HXT  H N N 215 
MET N    N N N 216 
MET CA   C N S 217 
MET C    C N N 218 
MET O    O N N 219 
MET CB   C N N 220 
MET CG   C N N 221 
MET SD   S N N 222 
MET CE   C N N 223 
MET OXT  O N N 224 
MET H    H N N 225 
MET H2   H N N 226 
MET HA   H N N 227 
MET HB2  H N N 228 
MET HB3  H N N 229 
MET HG2  H N N 230 
MET HG3  H N N 231 
MET HE1  H N N 232 
MET HE2  H N N 233 
MET HE3  H N N 234 
MET HXT  H N N 235 
PHE N    N N N 236 
PHE CA   C N S 237 
PHE C    C N N 238 
PHE O    O N N 239 
PHE CB   C N N 240 
PHE CG   C Y N 241 
PHE CD1  C Y N 242 
PHE CD2  C Y N 243 
PHE CE1  C Y N 244 
PHE CE2  C Y N 245 
PHE CZ   C Y N 246 
PHE OXT  O N N 247 
PHE H    H N N 248 
PHE H2   H N N 249 
PHE HA   H N N 250 
PHE HB2  H N N 251 
PHE HB3  H N N 252 
PHE HD1  H N N 253 
PHE HD2  H N N 254 
PHE HE1  H N N 255 
PHE HE2  H N N 256 
PHE HZ   H N N 257 
PHE HXT  H N N 258 
PRO N    N N N 259 
PRO CA   C N S 260 
PRO C    C N N 261 
PRO O    O N N 262 
PRO CB   C N N 263 
PRO CG   C N N 264 
PRO CD   C N N 265 
PRO OXT  O N N 266 
PRO H    H N N 267 
PRO HA   H N N 268 
PRO HB2  H N N 269 
PRO HB3  H N N 270 
PRO HG2  H N N 271 
PRO HG3  H N N 272 
PRO HD2  H N N 273 
PRO HD3  H N N 274 
PRO HXT  H N N 275 
SER N    N N N 276 
SER CA   C N S 277 
SER C    C N N 278 
SER O    O N N 279 
SER CB   C N N 280 
SER OG   O N N 281 
SER OXT  O N N 282 
SER H    H N N 283 
SER H2   H N N 284 
SER HA   H N N 285 
SER HB2  H N N 286 
SER HB3  H N N 287 
SER HG   H N N 288 
SER HXT  H N N 289 
THR N    N N N 290 
THR CA   C N S 291 
THR C    C N N 292 
THR O    O N N 293 
THR CB   C N R 294 
THR OG1  O N N 295 
THR CG2  C N N 296 
THR OXT  O N N 297 
THR H    H N N 298 
THR H2   H N N 299 
THR HA   H N N 300 
THR HB   H N N 301 
THR HG1  H N N 302 
THR HG21 H N N 303 
THR HG22 H N N 304 
THR HG23 H N N 305 
THR HXT  H N N 306 
TRP N    N N N 307 
TRP CA   C N S 308 
TRP C    C N N 309 
TRP O    O N N 310 
TRP CB   C N N 311 
TRP CG   C Y N 312 
TRP CD1  C Y N 313 
TRP CD2  C Y N 314 
TRP NE1  N Y N 315 
TRP CE2  C Y N 316 
TRP CE3  C Y N 317 
TRP CZ2  C Y N 318 
TRP CZ3  C Y N 319 
TRP CH2  C Y N 320 
TRP OXT  O N N 321 
TRP H    H N N 322 
TRP H2   H N N 323 
TRP HA   H N N 324 
TRP HB2  H N N 325 
TRP HB3  H N N 326 
TRP HD1  H N N 327 
TRP HE1  H N N 328 
TRP HE3  H N N 329 
TRP HZ2  H N N 330 
TRP HZ3  H N N 331 
TRP HH2  H N N 332 
TRP HXT  H N N 333 
TYR N    N N N 334 
TYR CA   C N S 335 
TYR C    C N N 336 
TYR O    O N N 337 
TYR CB   C N N 338 
TYR CG   C Y N 339 
TYR CD1  C Y N 340 
TYR CD2  C Y N 341 
TYR CE1  C Y N 342 
TYR CE2  C Y N 343 
TYR CZ   C Y N 344 
TYR OH   O N N 345 
TYR OXT  O N N 346 
TYR H    H N N 347 
TYR H2   H N N 348 
TYR HA   H N N 349 
TYR HB2  H N N 350 
TYR HB3  H N N 351 
TYR HD1  H N N 352 
TYR HD2  H N N 353 
TYR HE1  H N N 354 
TYR HE2  H N N 355 
TYR HH   H N N 356 
TYR HXT  H N N 357 
VAL N    N N N 358 
VAL CA   C N S 359 
VAL C    C N N 360 
VAL O    O N N 361 
VAL CB   C N N 362 
VAL CG1  C N N 363 
VAL CG2  C N N 364 
VAL OXT  O N N 365 
VAL H    H N N 366 
VAL H2   H N N 367 
VAL HA   H N N 368 
VAL HB   H N N 369 
VAL HG11 H N N 370 
VAL HG12 H N N 371 
VAL HG13 H N N 372 
VAL HG21 H N N 373 
VAL HG22 H N N 374 
VAL HG23 H N N 375 
VAL HXT  H N N 376 
# 
loop_
_chem_comp_bond.comp_id 
_chem_comp_bond.atom_id_1 
_chem_comp_bond.atom_id_2 
_chem_comp_bond.value_order 
_chem_comp_bond.pdbx_aromatic_flag 
_chem_comp_bond.pdbx_stereo_config 
_chem_comp_bond.pdbx_ordinal 
ALA N   CA   sing N N 1   
ALA N   H    sing N N 2   
ALA N   H2   sing N N 3   
ALA CA  C    sing N N 4   
ALA CA  CB   sing N N 5   
ALA CA  HA   sing N N 6   
ALA C   O    doub N N 7   
ALA C   OXT  sing N N 8   
ALA CB  HB1  sing N N 9   
ALA CB  HB2  sing N N 10  
ALA CB  HB3  sing N N 11  
ALA OXT HXT  sing N N 12  
ARG N   CA   sing N N 13  
ARG N   H    sing N N 14  
ARG N   H2   sing N N 15  
ARG CA  C    sing N N 16  
ARG CA  CB   sing N N 17  
ARG CA  HA   sing N N 18  
ARG C   O    doub N N 19  
ARG C   OXT  sing N N 20  
ARG CB  CG   sing N N 21  
ARG CB  HB2  sing N N 22  
ARG CB  HB3  sing N N 23  
ARG CG  CD   sing N N 24  
ARG CG  HG2  sing N N 25  
ARG CG  HG3  sing N N 26  
ARG CD  NE   sing N N 27  
ARG CD  HD2  sing N N 28  
ARG CD  HD3  sing N N 29  
ARG NE  CZ   sing N N 30  
ARG NE  HE   sing N N 31  
ARG CZ  NH1  sing N N 32  
ARG CZ  NH2  doub N N 33  
ARG NH1 HH11 sing N N 34  
ARG NH1 HH12 sing N N 35  
ARG NH2 HH21 sing N N 36  
ARG NH2 HH22 sing N N 37  
ARG OXT HXT  sing N N 38  
ASN N   CA   sing N N 39  
ASN N   H    sing N N 40  
ASN N   H2   sing N N 41  
ASN CA  C    sing N N 42  
ASN CA  CB   sing N N 43  
ASN CA  HA   sing N N 44  
ASN C   O    doub N N 45  
ASN C   OXT  sing N N 46  
ASN CB  CG   sing N N 47  
ASN CB  HB2  sing N N 48  
ASN CB  HB3  sing N N 49  
ASN CG  OD1  doub N N 50  
ASN CG  ND2  sing N N 51  
ASN ND2 HD21 sing N N 52  
ASN ND2 HD22 sing N N 53  
ASN OXT HXT  sing N N 54  
ASP N   CA   sing N N 55  
ASP N   H    sing N N 56  
ASP N   H2   sing N N 57  
ASP CA  C    sing N N 58  
ASP CA  CB   sing N N 59  
ASP CA  HA   sing N N 60  
ASP C   O    doub N N 61  
ASP C   OXT  sing N N 62  
ASP CB  CG   sing N N 63  
ASP CB  HB2  sing N N 64  
ASP CB  HB3  sing N N 65  
ASP CG  OD1  doub N N 66  
ASP CG  OD2  sing N N 67  
ASP OD2 HD2  sing N N 68  
ASP OXT HXT  sing N N 69  
GLN N   CA   sing N N 70  
GLN N   H    sing N N 71  
GLN N   H2   sing N N 72  
GLN CA  C    sing N N 73  
GLN CA  CB   sing N N 74  
GLN CA  HA   sing N N 75  
GLN C   O    doub N N 76  
GLN C   OXT  sing N N 77  
GLN CB  CG   sing N N 78  
GLN CB  HB2  sing N N 79  
GLN CB  HB3  sing N N 80  
GLN CG  CD   sing N N 81  
GLN CG  HG2  sing N N 82  
GLN CG  HG3  sing N N 83  
GLN CD  OE1  doub N N 84  
GLN CD  NE2  sing N N 85  
GLN NE2 HE21 sing N N 86  
GLN NE2 HE22 sing N N 87  
GLN OXT HXT  sing N N 88  
GLU N   CA   sing N N 89  
GLU N   H    sing N N 90  
GLU N   H2   sing N N 91  
GLU CA  C    sing N N 92  
GLU CA  CB   sing N N 93  
GLU CA  HA   sing N N 94  
GLU C   O    doub N N 95  
GLU C   OXT  sing N N 96  
GLU CB  CG   sing N N 97  
GLU CB  HB2  sing N N 98  
GLU CB  HB3  sing N N 99  
GLU CG  CD   sing N N 100 
GLU CG  HG2  sing N N 101 
GLU CG  HG3  sing N N 102 
GLU CD  OE1  doub N N 103 
GLU CD  OE2  sing N N 104 
GLU OE2 HE2  sing N N 105 
GLU OXT HXT  sing N N 106 
GLY N   CA   sing N N 107 
GLY N   H    sing N N 108 
GLY N   H2   sing N N 109 
GLY CA  C    sing N N 110 
GLY CA  HA2  sing N N 111 
GLY CA  HA3  sing N N 112 
GLY C   O    doub N N 113 
GLY C   OXT  sing N N 114 
GLY OXT HXT  sing N N 115 
HIS N   CA   sing N N 116 
HIS N   H    sing N N 117 
HIS N   H2   sing N N 118 
HIS CA  C    sing N N 119 
HIS CA  CB   sing N N 120 
HIS CA  HA   sing N N 121 
HIS C   O    doub N N 122 
HIS C   OXT  sing N N 123 
HIS CB  CG   sing N N 124 
HIS CB  HB2  sing N N 125 
HIS CB  HB3  sing N N 126 
HIS CG  ND1  sing Y N 127 
HIS CG  CD2  doub Y N 128 
HIS ND1 CE1  doub Y N 129 
HIS ND1 HD1  sing N N 130 
HIS CD2 NE2  sing Y N 131 
HIS CD2 HD2  sing N N 132 
HIS CE1 NE2  sing Y N 133 
HIS CE1 HE1  sing N N 134 
HIS NE2 HE2  sing N N 135 
HIS OXT HXT  sing N N 136 
HOH O   H1   sing N N 137 
HOH O   H2   sing N N 138 
ILE N   CA   sing N N 139 
ILE N   H    sing N N 140 
ILE N   H2   sing N N 141 
ILE CA  C    sing N N 142 
ILE CA  CB   sing N N 143 
ILE CA  HA   sing N N 144 
ILE C   O    doub N N 145 
ILE C   OXT  sing N N 146 
ILE CB  CG1  sing N N 147 
ILE CB  CG2  sing N N 148 
ILE CB  HB   sing N N 149 
ILE CG1 CD1  sing N N 150 
ILE CG1 HG12 sing N N 151 
ILE CG1 HG13 sing N N 152 
ILE CG2 HG21 sing N N 153 
ILE CG2 HG22 sing N N 154 
ILE CG2 HG23 sing N N 155 
ILE CD1 HD11 sing N N 156 
ILE CD1 HD12 sing N N 157 
ILE CD1 HD13 sing N N 158 
ILE OXT HXT  sing N N 159 
LEU N   CA   sing N N 160 
LEU N   H    sing N N 161 
LEU N   H2   sing N N 162 
LEU CA  C    sing N N 163 
LEU CA  CB   sing N N 164 
LEU CA  HA   sing N N 165 
LEU C   O    doub N N 166 
LEU C   OXT  sing N N 167 
LEU CB  CG   sing N N 168 
LEU CB  HB2  sing N N 169 
LEU CB  HB3  sing N N 170 
LEU CG  CD1  sing N N 171 
LEU CG  CD2  sing N N 172 
LEU CG  HG   sing N N 173 
LEU CD1 HD11 sing N N 174 
LEU CD1 HD12 sing N N 175 
LEU CD1 HD13 sing N N 176 
LEU CD2 HD21 sing N N 177 
LEU CD2 HD22 sing N N 178 
LEU CD2 HD23 sing N N 179 
LEU OXT HXT  sing N N 180 
LYS N   CA   sing N N 181 
LYS N   H    sing N N 182 
LYS N   H2   sing N N 183 
LYS CA  C    sing N N 184 
LYS CA  CB   sing N N 185 
LYS CA  HA   sing N N 186 
LYS C   O    doub N N 187 
LYS C   OXT  sing N N 188 
LYS CB  CG   sing N N 189 
LYS CB  HB2  sing N N 190 
LYS CB  HB3  sing N N 191 
LYS CG  CD   sing N N 192 
LYS CG  HG2  sing N N 193 
LYS CG  HG3  sing N N 194 
LYS CD  CE   sing N N 195 
LYS CD  HD2  sing N N 196 
LYS CD  HD3  sing N N 197 
LYS CE  NZ   sing N N 198 
LYS CE  HE2  sing N N 199 
LYS CE  HE3  sing N N 200 
LYS NZ  HZ1  sing N N 201 
LYS NZ  HZ2  sing N N 202 
LYS NZ  HZ3  sing N N 203 
LYS OXT HXT  sing N N 204 
MET N   CA   sing N N 205 
MET N   H    sing N N 206 
MET N   H2   sing N N 207 
MET CA  C    sing N N 208 
MET CA  CB   sing N N 209 
MET CA  HA   sing N N 210 
MET C   O    doub N N 211 
MET C   OXT  sing N N 212 
MET CB  CG   sing N N 213 
MET CB  HB2  sing N N 214 
MET CB  HB3  sing N N 215 
MET CG  SD   sing N N 216 
MET CG  HG2  sing N N 217 
MET CG  HG3  sing N N 218 
MET SD  CE   sing N N 219 
MET CE  HE1  sing N N 220 
MET CE  HE2  sing N N 221 
MET CE  HE3  sing N N 222 
MET OXT HXT  sing N N 223 
PHE N   CA   sing N N 224 
PHE N   H    sing N N 225 
PHE N   H2   sing N N 226 
PHE CA  C    sing N N 227 
PHE CA  CB   sing N N 228 
PHE CA  HA   sing N N 229 
PHE C   O    doub N N 230 
PHE C   OXT  sing N N 231 
PHE CB  CG   sing N N 232 
PHE CB  HB2  sing N N 233 
PHE CB  HB3  sing N N 234 
PHE CG  CD1  doub Y N 235 
PHE CG  CD2  sing Y N 236 
PHE CD1 CE1  sing Y N 237 
PHE CD1 HD1  sing N N 238 
PHE CD2 CE2  doub Y N 239 
PHE CD2 HD2  sing N N 240 
PHE CE1 CZ   doub Y N 241 
PHE CE1 HE1  sing N N 242 
PHE CE2 CZ   sing Y N 243 
PHE CE2 HE2  sing N N 244 
PHE CZ  HZ   sing N N 245 
PHE OXT HXT  sing N N 246 
PRO N   CA   sing N N 247 
PRO N   CD   sing N N 248 
PRO N   H    sing N N 249 
PRO CA  C    sing N N 250 
PRO CA  CB   sing N N 251 
PRO CA  HA   sing N N 252 
PRO C   O    doub N N 253 
PRO C   OXT  sing N N 254 
PRO CB  CG   sing N N 255 
PRO CB  HB2  sing N N 256 
PRO CB  HB3  sing N N 257 
PRO CG  CD   sing N N 258 
PRO CG  HG2  sing N N 259 
PRO CG  HG3  sing N N 260 
PRO CD  HD2  sing N N 261 
PRO CD  HD3  sing N N 262 
PRO OXT HXT  sing N N 263 
SER N   CA   sing N N 264 
SER N   H    sing N N 265 
SER N   H2   sing N N 266 
SER CA  C    sing N N 267 
SER CA  CB   sing N N 268 
SER CA  HA   sing N N 269 
SER C   O    doub N N 270 
SER C   OXT  sing N N 271 
SER CB  OG   sing N N 272 
SER CB  HB2  sing N N 273 
SER CB  HB3  sing N N 274 
SER OG  HG   sing N N 275 
SER OXT HXT  sing N N 276 
THR N   CA   sing N N 277 
THR N   H    sing N N 278 
THR N   H2   sing N N 279 
THR CA  C    sing N N 280 
THR CA  CB   sing N N 281 
THR CA  HA   sing N N 282 
THR C   O    doub N N 283 
THR C   OXT  sing N N 284 
THR CB  OG1  sing N N 285 
THR CB  CG2  sing N N 286 
THR CB  HB   sing N N 287 
THR OG1 HG1  sing N N 288 
THR CG2 HG21 sing N N 289 
THR CG2 HG22 sing N N 290 
THR CG2 HG23 sing N N 291 
THR OXT HXT  sing N N 292 
TRP N   CA   sing N N 293 
TRP N   H    sing N N 294 
TRP N   H2   sing N N 295 
TRP CA  C    sing N N 296 
TRP CA  CB   sing N N 297 
TRP CA  HA   sing N N 298 
TRP C   O    doub N N 299 
TRP C   OXT  sing N N 300 
TRP CB  CG   sing N N 301 
TRP CB  HB2  sing N N 302 
TRP CB  HB3  sing N N 303 
TRP CG  CD1  doub Y N 304 
TRP CG  CD2  sing Y N 305 
TRP CD1 NE1  sing Y N 306 
TRP CD1 HD1  sing N N 307 
TRP CD2 CE2  doub Y N 308 
TRP CD2 CE3  sing Y N 309 
TRP NE1 CE2  sing Y N 310 
TRP NE1 HE1  sing N N 311 
TRP CE2 CZ2  sing Y N 312 
TRP CE3 CZ3  doub Y N 313 
TRP CE3 HE3  sing N N 314 
TRP CZ2 CH2  doub Y N 315 
TRP CZ2 HZ2  sing N N 316 
TRP CZ3 CH2  sing Y N 317 
TRP CZ3 HZ3  sing N N 318 
TRP CH2 HH2  sing N N 319 
TRP OXT HXT  sing N N 320 
TYR N   CA   sing N N 321 
TYR N   H    sing N N 322 
TYR N   H2   sing N N 323 
TYR CA  C    sing N N 324 
TYR CA  CB   sing N N 325 
TYR CA  HA   sing N N 326 
TYR C   O    doub N N 327 
TYR C   OXT  sing N N 328 
TYR CB  CG   sing N N 329 
TYR CB  HB2  sing N N 330 
TYR CB  HB3  sing N N 331 
TYR CG  CD1  doub Y N 332 
TYR CG  CD2  sing Y N 333 
TYR CD1 CE1  sing Y N 334 
TYR CD1 HD1  sing N N 335 
TYR CD2 CE2  doub Y N 336 
TYR CD2 HD2  sing N N 337 
TYR CE1 CZ   doub Y N 338 
TYR CE1 HE1  sing N N 339 
TYR CE2 CZ   sing Y N 340 
TYR CE2 HE2  sing N N 341 
TYR CZ  OH   sing N N 342 
TYR OH  HH   sing N N 343 
TYR OXT HXT  sing N N 344 
VAL N   CA   sing N N 345 
VAL N   H    sing N N 346 
VAL N   H2   sing N N 347 
VAL CA  C    sing N N 348 
VAL CA  CB   sing N N 349 
VAL CA  HA   sing N N 350 
VAL C   O    doub N N 351 
VAL C   OXT  sing N N 352 
VAL CB  CG1  sing N N 353 
VAL CB  CG2  sing N N 354 
VAL CB  HB   sing N N 355 
VAL CG1 HG11 sing N N 356 
VAL CG1 HG12 sing N N 357 
VAL CG1 HG13 sing N N 358 
VAL CG2 HG21 sing N N 359 
VAL CG2 HG22 sing N N 360 
VAL CG2 HG23 sing N N 361 
VAL OXT HXT  sing N N 362 
# 
_atom_sites.entry_id                    1BYR 
_atom_sites.fract_transf_matrix[1][1]   0.01323580 
_atom_sites.fract_transf_matrix[1][2]   0.00800952 
_atom_sites.fract_transf_matrix[1][3]   -0.00688141 
_atom_sites.fract_transf_matrix[2][1]   0.00397208 
_atom_sites.fract_transf_matrix[2][2]   -0.01400008 
_atom_sites.fract_transf_matrix[2][3]   -0.00865523 
_atom_sites.fract_transf_matrix[3][1]   -0.00519195 
_atom_sites.fract_transf_matrix[3][2]   0.00273366 
_atom_sites.fract_transf_matrix[3][3]   -0.00680448 
_atom_sites.fract_transf_vector[1]      0.340025 
_atom_sites.fract_transf_vector[2]      0.370942 
_atom_sites.fract_transf_vector[3]      0.106849 
# 
loop_
_atom_type.symbol 
C 
H 
N 
O 
S 
# 
loop_
_atom_site.group_PDB 
_atom_site.id 
_atom_site.type_symbol 
_atom_site.label_atom_id 
_atom_site.label_alt_id 
_atom_site.label_comp_id 
_atom_site.label_asym_id 
_atom_site.label_entity_id 
_atom_site.label_seq_id 
_atom_site.pdbx_PDB_ins_code 
_atom_site.Cartn_x 
_atom_site.Cartn_y 
_atom_site.Cartn_z 
_atom_site.occupancy 
_atom_site.B_iso_or_equiv 
_atom_site.pdbx_formal_charge 
_atom_site.auth_seq_id 
_atom_site.auth_comp_id 
_atom_site.auth_asym_id 
_atom_site.auth_atom_id 
_atom_site.pdbx_PDB_model_num 
ATOM   1    N N    . GLU A 1 2   ? 21.548  -5.647  -10.168 1.00 31.06 ? 2   GLU A N    1 
ATOM   2    C CA   . GLU A 1 2   ? 20.179  -5.128  -10.438 1.00 30.85 ? 2   GLU A CA   1 
ATOM   3    C C    . GLU A 1 2   ? 19.429  -4.852  -9.126  1.00 26.41 ? 2   GLU A C    1 
ATOM   4    O O    . GLU A 1 2   ? 18.829  -3.796  -8.954  1.00 27.99 ? 2   GLU A O    1 
ATOM   5    C CB   . GLU A 1 2   ? 19.385  -6.121  -11.297 1.00 32.70 ? 2   GLU A CB   1 
ATOM   6    C CG   . GLU A 1 2   ? 18.104  -5.557  -11.897 1.00 36.29 ? 2   GLU A CG   1 
ATOM   7    C CD   . GLU A 1 2   ? 18.353  -4.651  -13.096 1.00 38.29 ? 2   GLU A CD   1 
ATOM   8    O OE1  . GLU A 1 2   ? 18.604  -3.439  -12.900 1.00 38.50 ? 2   GLU A OE1  1 
ATOM   9    O OE2  . GLU A 1 2   ? 18.295  -5.153  -14.239 1.00 40.23 ? 2   GLU A OE2  1 
ATOM   10   N N    . PRO A 1 3   ? 19.458  -5.804  -8.186  1.00 23.68 ? 3   PRO A N    1 
ATOM   11   C CA   . PRO A 1 3   ? 18.743  -5.522  -6.941  1.00 22.44 ? 3   PRO A CA   1 
ATOM   12   C C    . PRO A 1 3   ? 19.416  -4.403  -6.145  1.00 21.57 ? 3   PRO A C    1 
ATOM   13   O O    . PRO A 1 3   ? 20.643  -4.284  -6.134  1.00 22.10 ? 3   PRO A O    1 
ATOM   14   C CB   . PRO A 1 3   ? 18.771  -6.854  -6.195  1.00 22.52 ? 3   PRO A CB   1 
ATOM   15   C CG   . PRO A 1 3   ? 19.913  -7.605  -6.784  1.00 22.83 ? 3   PRO A CG   1 
ATOM   16   C CD   . PRO A 1 3   ? 20.100  -7.128  -8.188  1.00 21.78 ? 3   PRO A CD   1 
ATOM   17   N N    . SER A 1 4   ? 18.602  -3.557  -5.504  1.00 17.81 ? 4   SER A N    1 
ATOM   18   C CA   . SER A 1 4   ? 19.113  -2.457  -4.696  1.00 13.92 ? 4   SER A CA   1 
ATOM   19   C C    . SER A 1 4   ? 18.082  -2.106  -3.635  1.00 12.77 ? 4   SER A C    1 
ATOM   20   O O    . SER A 1 4   ? 16.921  -2.496  -3.742  1.00 10.25 ? 4   SER A O    1 
ATOM   21   C CB   . SER A 1 4   ? 19.386  -1.230  -5.562  1.00 14.66 ? 4   SER A CB   1 
ATOM   22   O OG   . SER A 1 4   ? 18.186  -0.734  -6.120  1.00 14.62 ? 4   SER A OG   1 
ATOM   23   N N    . VAL A 1 5   ? 18.497  -1.365  -2.609  1.00 9.24  ? 5   VAL A N    1 
ATOM   24   C CA   . VAL A 1 5   ? 17.571  -0.997  -1.546  1.00 8.98  ? 5   VAL A CA   1 
ATOM   25   C C    . VAL A 1 5   ? 17.676  0.476   -1.177  1.00 8.68  ? 5   VAL A C    1 
ATOM   26   O O    . VAL A 1 5   ? 18.768  1.031   -1.090  1.00 7.62  ? 5   VAL A O    1 
ATOM   27   C CB   . VAL A 1 5   ? 17.824  -1.845  -0.256  1.00 8.94  ? 5   VAL A CB   1 
ATOM   28   C CG1  . VAL A 1 5   ? 16.794  -1.492  0.807   1.00 5.94  ? 5   VAL A CG1  1 
ATOM   29   C CG2  . VAL A 1 5   ? 17.759  -3.332  -0.573  1.00 7.89  ? 5   VAL A CG2  1 
ATOM   30   N N    . GLN A 1 6   ? 16.532  1.115   -0.979  1.00 9.72  ? 6   GLN A N    1 
ATOM   31   C CA   . GLN A 1 6   ? 16.490  2.521   -0.606  1.00 8.33  ? 6   GLN A CA   1 
ATOM   32   C C    . GLN A 1 6   ? 15.744  2.584   0.709   1.00 7.80  ? 6   GLN A C    1 
ATOM   33   O O    . GLN A 1 6   ? 14.907  1.726   0.975   1.00 7.74  ? 6   GLN A O    1 
ATOM   34   C CB   . GLN A 1 6   ? 15.694  3.324   -1.639  1.00 9.66  ? 6   GLN A CB   1 
ATOM   35   C CG   . GLN A 1 6   ? 16.519  3.975   -2.724  1.00 9.27  ? 6   GLN A CG   1 
ATOM   36   C CD   . GLN A 1 6   ? 15.657  4.760   -3.660  1.00 11.76 ? 6   GLN A CD   1 
ATOM   37   O OE1  . GLN A 1 6   ? 14.987  4.202   -4.522  1.00 11.06 ? 6   GLN A OE1  1 
ATOM   38   N NE2  . GLN A 1 6   ? 15.653  6.071   -3.490  1.00 11.68 ? 6   GLN A NE2  1 
ATOM   39   H HE21 . GLN A 1 6   ? 14.786  6.527   -3.509  1.00 10.00 ? 6   GLN A HE21 1 
ATOM   40   H HE22 . GLN A 1 6   ? 16.497  6.550   -3.351  1.00 10.00 ? 6   GLN A HE22 1 
ATOM   41   N N    . VAL A 1 7   ? 16.052  3.590   1.532   1.00 7.81  ? 7   VAL A N    1 
ATOM   42   C CA   . VAL A 1 7   ? 15.358  3.769   2.808   1.00 8.96  ? 7   VAL A CA   1 
ATOM   43   C C    . VAL A 1 7   ? 15.005  5.235   2.987   1.00 7.41  ? 7   VAL A C    1 
ATOM   44   O O    . VAL A 1 7   ? 15.697  6.124   2.483   1.00 5.64  ? 7   VAL A O    1 
ATOM   45   C CB   . VAL A 1 7   ? 16.210  3.348   4.053   1.00 8.10  ? 7   VAL A CB   1 
ATOM   46   C CG1  . VAL A 1 7   ? 15.331  3.293   5.300   1.00 5.58  ? 7   VAL A CG1  1 
ATOM   47   C CG2  . VAL A 1 7   ? 16.828  2.001   3.832   1.00 15.07 ? 7   VAL A CG2  1 
ATOM   48   N N    . GLY A 1 8   ? 13.925  5.470   3.721   1.00 7.06  ? 8   GLY A N    1 
ATOM   49   C CA   . GLY A 1 8   ? 13.471  6.814   4.018   1.00 6.87  ? 8   GLY A CA   1 
ATOM   50   C C    . GLY A 1 8   ? 12.920  6.767   5.435   1.00 7.71  ? 8   GLY A C    1 
ATOM   51   O O    . GLY A 1 8   ? 12.534  5.697   5.906   1.00 8.20  ? 8   GLY A O    1 
ATOM   52   N N    . TYR A 1 9   ? 12.882  7.908   6.125   1.00 6.39  ? 9   TYR A N    1 
ATOM   53   C CA   . TYR A 1 9   ? 12.390  7.941   7.498   1.00 6.91  ? 9   TYR A CA   1 
ATOM   54   C C    . TYR A 1 9   ? 11.383  9.049   7.752   1.00 8.35  ? 9   TYR A C    1 
ATOM   55   O O    . TYR A 1 9   ? 11.303  10.021  7.003   1.00 7.35  ? 9   TYR A O    1 
ATOM   56   C CB   . TYR A 1 9   ? 13.573  8.123   8.459   1.00 7.80  ? 9   TYR A CB   1 
ATOM   57   C CG   . TYR A 1 9   ? 14.738  7.191   8.190   1.00 5.78  ? 9   TYR A CG   1 
ATOM   58   C CD1  . TYR A 1 9   ? 14.663  5.845   8.535   1.00 5.26  ? 9   TYR A CD1  1 
ATOM   59   C CD2  . TYR A 1 9   ? 15.917  7.657   7.590   1.00 7.27  ? 9   TYR A CD2  1 
ATOM   60   C CE1  . TYR A 1 9   ? 15.726  4.978   8.292   1.00 4.24  ? 9   TYR A CE1  1 
ATOM   61   C CE2  . TYR A 1 9   ? 16.988  6.790   7.343   1.00 4.29  ? 9   TYR A CE2  1 
ATOM   62   C CZ   . TYR A 1 9   ? 16.882  5.458   7.696   1.00 6.91  ? 9   TYR A CZ   1 
ATOM   63   O OH   . TYR A 1 9   ? 17.922  4.590   7.438   1.00 7.83  ? 9   TYR A OH   1 
ATOM   64   N N    . SER A 1 10  ? 10.600  8.882   8.818   1.00 5.78  ? 10  SER A N    1 
ATOM   65   C CA   . SER A 1 10  ? 9.635   9.876   9.251   1.00 6.71  ? 10  SER A CA   1 
ATOM   66   C C    . SER A 1 10  ? 10.074  10.222  10.672  1.00 7.63  ? 10  SER A C    1 
ATOM   67   O O    . SER A 1 10  ? 10.676  9.390   11.351  1.00 8.76  ? 10  SER A O    1 
ATOM   68   C CB   . SER A 1 10  ? 8.213   9.310   9.248   1.00 6.59  ? 10  SER A CB   1 
ATOM   69   O OG   . SER A 1 10  ? 7.761   9.039   7.939   1.00 8.61  ? 10  SER A OG   1 
ATOM   70   N N    . PRO A 1 11  ? 9.798   11.449  11.145  1.00 7.38  ? 11  PRO A N    1 
ATOM   71   C CA   . PRO A 1 11  ? 9.130   12.550  10.456  1.00 8.40  ? 11  PRO A CA   1 
ATOM   72   C C    . PRO A 1 11  ? 10.032  13.355  9.506   1.00 8.69  ? 11  PRO A C    1 
ATOM   73   O O    . PRO A 1 11  ? 9.633   14.412  9.027   1.00 7.81  ? 11  PRO A O    1 
ATOM   74   C CB   . PRO A 1 11  ? 8.620   13.409  11.608  1.00 9.25  ? 11  PRO A CB   1 
ATOM   75   C CG   . PRO A 1 11  ? 9.685   13.260  12.645  1.00 7.25  ? 11  PRO A CG   1 
ATOM   76   C CD   . PRO A 1 11  ? 10.171  11.821  12.522  1.00 5.96  ? 11  PRO A CD   1 
ATOM   77   N N    . GLU A 1 12  ? 11.233  12.857  9.231   1.00 7.80  ? 12  GLU A N    1 
ATOM   78   C CA   . GLU A 1 12  ? 12.171  13.548  8.339   1.00 8.55  ? 12  GLU A CA   1 
ATOM   79   C C    . GLU A 1 12  ? 11.539  13.947  6.994   1.00 7.70  ? 12  GLU A C    1 
ATOM   80   O O    . GLU A 1 12  ? 11.781  15.039  6.464   1.00 6.69  ? 12  GLU A O    1 
ATOM   81   C CB   . GLU A 1 12  ? 13.393  12.667  8.085   1.00 7.54  ? 12  GLU A CB   1 
ATOM   82   C CG   . GLU A 1 12  ? 14.501  12.782  9.159   1.00 10.26 ? 12  GLU A CG   1 
ATOM   83   C CD   . GLU A 1 12  ? 14.221  11.963  10.424  1.00 10.80 ? 12  GLU A CD   1 
ATOM   84   O OE1  . GLU A 1 12  ? 13.109  11.416  10.579  1.00 8.68  ? 12  GLU A OE1  1 
ATOM   85   O OE2  . GLU A 1 12  ? 15.129  11.871  11.271  1.00 10.74 ? 12  GLU A OE2  1 
ATOM   86   N N    . GLY A 1 13  ? 10.748  13.044  6.430   1.00 7.83  ? 13  GLY A N    1 
ATOM   87   C CA   . GLY A 1 13  ? 10.118  13.322  5.153   1.00 6.44  ? 13  GLY A CA   1 
ATOM   88   C C    . GLY A 1 13  ? 10.554  12.378  4.052   1.00 7.02  ? 13  GLY A C    1 
ATOM   89   O O    . GLY A 1 13  ? 9.842   12.183  3.071   1.00 7.81  ? 13  GLY A O    1 
ATOM   90   N N    . SER A 1 14  ? 11.717  11.757  4.211   1.00 7.60  ? 14  SER A N    1 
ATOM   91   C CA   . SER A 1 14  ? 12.225  10.858  3.182   1.00 8.11  ? 14  SER A CA   1 
ATOM   92   C C    . SER A 1 14  ? 11.419  9.566   2.995   1.00 8.45  ? 14  SER A C    1 
ATOM   93   O O    . SER A 1 14  ? 11.389  9.006   1.897   1.00 8.05  ? 14  SER A O    1 
ATOM   94   C CB   . SER A 1 14  ? 13.690  10.524  3.460   1.00 8.82  ? 14  SER A CB   1 
ATOM   95   O OG   . SER A 1 14  ? 13.839  10.034  4.775   1.00 9.24  ? 14  SER A OG   1 
ATOM   96   N N    . ALA A 1 15  ? 10.766  9.091   4.050   1.00 7.53  ? 15  ALA A N    1 
ATOM   97   C CA   . ALA A 1 15  ? 9.966   7.869   3.939   1.00 5.30  ? 15  ALA A CA   1 
ATOM   98   C C    . ALA A 1 15  ? 8.769   8.109   3.013   1.00 6.66  ? 15  ALA A C    1 
ATOM   99   O O    . ALA A 1 15  ? 8.512   7.347   2.077   1.00 6.54  ? 15  ALA A O    1 
ATOM   100  C CB   . ALA A 1 15  ? 9.470   7.434   5.301   1.00 5.09  ? 15  ALA A CB   1 
ATOM   101  N N    . ARG A 1 16  ? 8.034   9.175   3.283   1.00 7.17  ? 16  ARG A N    1 
ATOM   102  C CA   . ARG A 1 16  ? 6.872   9.507   2.485   1.00 9.52  ? 16  ARG A CA   1 
ATOM   103  C C    . ARG A 1 16  ? 7.253   9.614   1.000   1.00 8.94  ? 16  ARG A C    1 
ATOM   104  O O    . ARG A 1 16  ? 6.623   8.996   0.141   1.00 9.27  ? 16  ARG A O    1 
ATOM   105  C CB   . ARG A 1 16  ? 6.269   10.819  2.998   1.00 9.40  ? 16  ARG A CB   1 
ATOM   106  C CG   . ARG A 1 16  ? 5.205   11.437  2.114   1.00 9.85  ? 16  ARG A CG   1 
ATOM   107  C CD   . ARG A 1 16  ? 5.184   12.947  2.300   1.00 15.14 ? 16  ARG A CD   1 
ATOM   108  N NE   . ARG A 1 16  ? 3.854   13.404  2.674   1.00 19.29 ? 16  ARG A NE   1 
ATOM   109  C CZ   . ARG A 1 16  ? 3.596   14.314  3.605   1.00 21.29 ? 16  ARG A CZ   1 
ATOM   110  N NH1  . ARG A 1 16  ? 4.582   14.867  4.288   1.00 25.53 ? 16  ARG A NH1  1 
ATOM   111  N NH2  . ARG A 1 16  ? 2.343   14.658  3.861   1.00 24.91 ? 16  ARG A NH2  1 
ATOM   112  H HH11 . ARG A 1 16  ? 4.893   14.450  5.142   1.00 10.00 ? 16  ARG A HH11 1 
ATOM   113  H HH12 . ARG A 1 16  ? 5.016   15.703  3.952   1.00 10.00 ? 16  ARG A HH12 1 
ATOM   114  H HH21 . ARG A 1 16  ? 1.639   13.953  3.953   1.00 10.00 ? 16  ARG A HH21 1 
ATOM   115  H HH22 . ARG A 1 16  ? 2.100   15.622  3.962   1.00 10.00 ? 16  ARG A HH22 1 
ATOM   116  N N    . VAL A 1 17  ? 8.290   10.388  0.701   1.00 8.58  ? 17  VAL A N    1 
ATOM   117  C CA   . VAL A 1 17  ? 8.723   10.564  -0.680  1.00 8.67  ? 17  VAL A CA   1 
ATOM   118  C C    . VAL A 1 17  ? 9.109   9.242   -1.334  1.00 9.56  ? 17  VAL A C    1 
ATOM   119  O O    . VAL A 1 17  ? 8.778   9.004   -2.494  1.00 8.84  ? 17  VAL A O    1 
ATOM   120  C CB   . VAL A 1 17  ? 9.901   11.580  -0.773  1.00 7.92  ? 17  VAL A CB   1 
ATOM   121  C CG1  . VAL A 1 17  ? 10.422  11.658  -2.189  1.00 5.71  ? 17  VAL A CG1  1 
ATOM   122  C CG2  . VAL A 1 17  ? 9.418   12.958  -0.345  1.00 7.79  ? 17  VAL A CG2  1 
ATOM   123  N N    . LEU A 1 18  ? 9.795   8.373   -0.591  1.00 9.50  ? 18  LEU A N    1 
ATOM   124  C CA   . LEU A 1 18  ? 10.213  7.067   -1.103  1.00 9.00  ? 18  LEU A CA   1 
ATOM   125  C C    . LEU A 1 18  ? 9.015   6.178   -1.421  1.00 7.62  ? 18  LEU A C    1 
ATOM   126  O O    . LEU A 1 18  ? 8.979   5.501   -2.453  1.00 7.48  ? 18  LEU A O    1 
ATOM   127  C CB   . LEU A 1 18  ? 11.127  6.362   -0.079  1.00 7.23  ? 18  LEU A CB   1 
ATOM   128  C CG   . LEU A 1 18  ? 11.611  4.969   -0.475  1.00 7.63  ? 18  LEU A CG   1 
ATOM   129  C CD1  . LEU A 1 18  ? 12.204  5.015   -1.877  1.00 6.47  ? 18  LEU A CD1  1 
ATOM   130  C CD2  . LEU A 1 18  ? 12.649  4.468   0.530   1.00 5.96  ? 18  LEU A CD2  1 
ATOM   131  N N    . VAL A 1 19  ? 8.034   6.170   -0.525  1.00 7.29  ? 19  VAL A N    1 
ATOM   132  C CA   . VAL A 1 19  ? 6.833   5.377   -0.739  1.00 6.97  ? 19  VAL A CA   1 
ATOM   133  C C    . VAL A 1 19  ? 6.128   5.896   -2.005  1.00 6.03  ? 19  VAL A C    1 
ATOM   134  O O    . VAL A 1 19  ? 5.692   5.104   -2.843  1.00 6.53  ? 19  VAL A O    1 
ATOM   135  C CB   . VAL A 1 19  ? 5.892   5.471   0.496   1.00 7.39  ? 19  VAL A CB   1 
ATOM   136  C CG1  . VAL A 1 19  ? 4.547   4.813   0.193   1.00 7.49  ? 19  VAL A CG1  1 
ATOM   137  C CG2  . VAL A 1 19  ? 6.556   4.795   1.700   1.00 7.60  ? 19  VAL A CG2  1 
ATOM   138  N N    . LEU A 1 20  ? 6.038   7.217   -2.149  1.00 5.85  ? 20  LEU A N    1 
ATOM   139  C CA   . LEU A 1 20  ? 5.421   7.813   -3.345  1.00 7.97  ? 20  LEU A CA   1 
ATOM   140  C C    . LEU A 1 20  ? 6.218   7.424   -4.594  1.00 7.99  ? 20  LEU A C    1 
ATOM   141  O O    . LEU A 1 20  ? 5.639   7.142   -5.643  1.00 9.07  ? 20  LEU A O    1 
ATOM   142  C CB   . LEU A 1 20  ? 5.348   9.340   -3.217  1.00 4.21  ? 20  LEU A CB   1 
ATOM   143  C CG   . LEU A 1 20  ? 4.322   9.769   -2.163  1.00 5.55  ? 20  LEU A CG   1 
ATOM   144  C CD1  . LEU A 1 20  ? 4.477   11.248  -1.838  1.00 6.88  ? 20  LEU A CD1  1 
ATOM   145  C CD2  . LEU A 1 20  ? 2.918   9.468   -2.676  1.00 6.33  ? 20  LEU A CD2  1 
ATOM   146  N N    . SER A 1 21  ? 7.544   7.373   -4.468  1.00 7.77  ? 21  SER A N    1 
ATOM   147  C CA   . SER A 1 21  ? 8.427   6.993   -5.573  1.00 7.81  ? 21  SER A CA   1 
ATOM   148  C C    . SER A 1 21  ? 8.147   5.570   -6.039  1.00 8.21  ? 21  SER A C    1 
ATOM   149  O O    . SER A 1 21  ? 8.184   5.270   -7.234  1.00 8.98  ? 21  SER A O    1 
ATOM   150  C CB   . SER A 1 21  ? 9.896   7.103   -5.150  1.00 7.05  ? 21  SER A CB   1 
ATOM   151  O OG   . SER A 1 21  ? 10.772  6.606   -6.148  1.00 7.55  ? 21  SER A OG   1 
ATOM   152  N N    . ALA A 1 22  ? 7.866   4.682   -5.099  1.00 7.82  ? 22  ALA A N    1 
ATOM   153  C CA   . ALA A 1 22  ? 7.579   3.304   -5.459  1.00 8.46  ? 22  ALA A CA   1 
ATOM   154  C C    . ALA A 1 22  ? 6.259   3.210   -6.230  1.00 8.99  ? 22  ALA A C    1 
ATOM   155  O O    . ALA A 1 22  ? 6.170   2.512   -7.236  1.00 8.87  ? 22  ALA A O    1 
ATOM   156  C CB   . ALA A 1 22  ? 7.525   2.422   -4.197  1.00 8.69  ? 22  ALA A CB   1 
ATOM   157  N N    . ILE A 1 23  ? 5.236   3.917   -5.768  1.00 8.06  ? 23  ILE A N    1 
ATOM   158  C CA   . ILE A 1 23  ? 3.948   3.875   -6.436  1.00 7.57  ? 23  ILE A CA   1 
ATOM   159  C C    . ILE A 1 23  ? 4.056   4.530   -7.814  1.00 8.57  ? 23  ILE A C    1 
ATOM   160  O O    . ILE A 1 23  ? 3.571   4.001   -8.806  1.00 6.87  ? 23  ILE A O    1 
ATOM   161  C CB   . ILE A 1 23  ? 2.863   4.564   -5.580  1.00 8.47  ? 23  ILE A CB   1 
ATOM   162  C CG1  . ILE A 1 23  ? 2.672   3.759   -4.292  1.00 4.58  ? 23  ILE A CG1  1 
ATOM   163  C CG2  . ILE A 1 23  ? 1.535   4.668   -6.366  1.00 5.14  ? 23  ILE A CG2  1 
ATOM   164  C CD1  . ILE A 1 23  ? 2.006   4.549   -3.172  1.00 6.05  ? 23  ILE A CD1  1 
ATOM   165  N N    . ASP A 1 24  ? 4.742   5.664   -7.864  1.00 9.55  ? 24  ASP A N    1 
ATOM   166  C CA   . ASP A 1 24  ? 4.945   6.399   -9.105  1.00 9.78  ? 24  ASP A CA   1 
ATOM   167  C C    . ASP A 1 24  ? 5.750   5.623   -10.145 1.00 10.93 ? 24  ASP A C    1 
ATOM   168  O O    . ASP A 1 24  ? 5.701   5.928   -11.336 1.00 9.80  ? 24  ASP A O    1 
ATOM   169  C CB   . ASP A 1 24  ? 5.674   7.706   -8.820  1.00 8.42  ? 24  ASP A CB   1 
ATOM   170  C CG   . ASP A 1 24  ? 4.779   8.757   -8.207  1.00 11.49 ? 24  ASP A CG   1 
ATOM   171  O OD1  . ASP A 1 24  ? 3.534   8.586   -8.214  1.00 11.18 ? 24  ASP A OD1  1 
ATOM   172  O OD2  . ASP A 1 24  ? 5.332   9.761   -7.716  1.00 12.96 ? 24  ASP A OD2  1 
ATOM   173  N N    . SER A 1 25  ? 6.505   4.632   -9.685  1.00 11.19 ? 25  SER A N    1 
ATOM   174  C CA   . SER A 1 25  ? 7.344   3.830   -10.579 1.00 11.57 ? 25  SER A CA   1 
ATOM   175  C C    . SER A 1 25  ? 6.630   2.668   -11.254 1.00 11.45 ? 25  SER A C    1 
ATOM   176  O O    . SER A 1 25  ? 7.126   2.124   -12.237 1.00 12.32 ? 25  SER A O    1 
ATOM   177  C CB   . SER A 1 25  ? 8.542   3.268   -9.815  1.00 9.11  ? 25  SER A CB   1 
ATOM   178  O OG   . SER A 1 25  ? 8.231   1.993   -9.253  1.00 7.72  ? 25  SER A OG   1 
ATOM   179  N N    . ALA A 1 26  ? 5.485   2.275   -10.717 1.00 10.65 ? 26  ALA A N    1 
ATOM   180  C CA   . ALA A 1 26  ? 4.746   1.140   -11.263 1.00 12.38 ? 26  ALA A CA   1 
ATOM   181  C C    . ALA A 1 26  ? 4.325   1.330   -12.718 1.00 14.20 ? 26  ALA A C    1 
ATOM   182  O O    . ALA A 1 26  ? 3.654   2.309   -13.075 1.00 12.87 ? 26  ALA A O    1 
ATOM   183  C CB   . ALA A 1 26  ? 3.521   0.850   -10.409 1.00 10.44 ? 26  ALA A CB   1 
ATOM   184  N N    . LYS A 1 27  ? 4.726   0.378   -13.555 1.00 16.03 ? 27  LYS A N    1 
ATOM   185  C CA   . LYS A 1 27  ? 4.383   0.411   -14.977 1.00 16.84 ? 27  LYS A CA   1 
ATOM   186  C C    . LYS A 1 27  ? 3.337   -0.647  -15.311 1.00 15.94 ? 27  LYS A C    1 
ATOM   187  O O    . LYS A 1 27  ? 2.623   -0.520  -16.292 1.00 15.82 ? 27  LYS A O    1 
ATOM   188  C CB   . LYS A 1 27  ? 5.625   0.168   -15.839 1.00 18.35 ? 27  LYS A CB   1 
ATOM   189  C CG   . LYS A 1 27  ? 6.827   1.041   -15.490 1.00 19.46 ? 27  LYS A CG   1 
ATOM   190  C CD   . LYS A 1 27  ? 6.595   2.495   -15.853 1.00 20.18 ? 27  LYS A CD   1 
ATOM   191  C CE   . LYS A 1 27  ? 7.918   3.272   -15.898 1.00 23.21 ? 27  LYS A CE   1 
ATOM   192  N NZ   . LYS A 1 27  ? 8.728   3.185   -14.637 1.00 19.74 ? 27  LYS A NZ   1 
ATOM   193  N N    . THR A 1 28  ? 3.244   -1.684  -14.482 1.00 14.27 ? 28  THR A N    1 
ATOM   194  C CA   . THR A 1 28  ? 2.291   -2.745  -14.736 1.00 13.32 ? 28  THR A CA   1 
ATOM   195  C C    . THR A 1 28  ? 1.401   -3.153  -13.564 1.00 13.11 ? 28  THR A C    1 
ATOM   196  O O    . THR A 1 28  ? 0.198   -3.342  -13.734 1.00 12.03 ? 28  THR A O    1 
ATOM   197  C CB   . THR A 1 28  ? 3.004   -3.998  -15.261 1.00 15.16 ? 28  THR A CB   1 
ATOM   198  O OG1  . THR A 1 28  ? 3.907   -4.477  -14.258 1.00 19.03 ? 28  THR A OG1  1 
ATOM   199  C CG2  . THR A 1 28  ? 3.794   -3.679  -16.524 1.00 16.33 ? 28  THR A CG2  1 
ATOM   200  N N    . SER A 1 29  ? 1.962   -3.305  -12.369 1.00 11.27 ? 29  SER A N    1 
ATOM   201  C CA   . SER A 1 29  ? 1.123   -3.715  -11.238 1.00 12.49 ? 29  SER A CA   1 
ATOM   202  C C    . SER A 1 29  ? 1.505   -3.207  -9.861  1.00 11.93 ? 29  SER A C    1 
ATOM   203  O O    . SER A 1 29  ? 2.643   -2.824  -9.599  1.00 11.51 ? 29  SER A O    1 
ATOM   204  C CB   . SER A 1 29  ? 1.026   -5.246  -11.174 1.00 11.07 ? 29  SER A CB   1 
ATOM   205  O OG   . SER A 1 29  ? 2.310   -5.830  -11.000 1.00 14.07 ? 29  SER A OG   1 
ATOM   206  N N    . ILE A 1 30  ? 0.507   -3.211  -8.986  1.00 12.64 ? 30  ILE A N    1 
ATOM   207  C CA   . ILE A 1 30  ? 0.658   -2.801  -7.612  1.00 10.37 ? 30  ILE A CA   1 
ATOM   208  C C    . ILE A 1 30  ? -0.262  -3.692  -6.795  1.00 11.13 ? 30  ILE A C    1 
ATOM   209  O O    . ILE A 1 30  ? -1.453  -3.787  -7.077  1.00 12.62 ? 30  ILE A O    1 
ATOM   210  C CB   . ILE A 1 30  ? 0.223   -1.338  -7.409  1.00 10.22 ? 30  ILE A CB   1 
ATOM   211  C CG1  . ILE A 1 30  ? 1.252   -0.395  -8.018  1.00 7.80  ? 30  ILE A CG1  1 
ATOM   212  C CG2  . ILE A 1 30  ? 0.077   -1.035  -5.916  1.00 10.05 ? 30  ILE A CG2  1 
ATOM   213  C CD1  . ILE A 1 30  ? 1.030   1.056   -7.635  1.00 6.88  ? 30  ILE A CD1  1 
ATOM   214  N N    . ARG A 1 31  ? 0.301   -4.371  -5.799  1.00 9.59  ? 31  ARG A N    1 
ATOM   215  C CA   . ARG A 1 31  ? -0.476  -5.233  -4.911  1.00 8.95  ? 31  ARG A CA   1 
ATOM   216  C C    . ARG A 1 31  ? -0.151  -4.667  -3.542  1.00 8.31  ? 31  ARG A C    1 
ATOM   217  O O    . ARG A 1 31  ? 0.967   -4.810  -3.076  1.00 6.58  ? 31  ARG A O    1 
ATOM   218  C CB   . ARG A 1 31  ? 0.003   -6.688  -5.014  1.00 9.61  ? 31  ARG A CB   1 
ATOM   219  C CG   . ARG A 1 31  ? -0.421  -7.400  -6.303  1.00 11.04 ? 31  ARG A CG   1 
ATOM   220  C CD   . ARG A 1 31  ? -1.928  -7.358  -6.495  1.00 10.61 ? 31  ARG A CD   1 
ATOM   221  N NE   . ARG A 1 31  ? -2.346  -8.008  -7.734  1.00 11.92 ? 31  ARG A NE   1 
ATOM   222  C CZ   . ARG A 1 31  ? -2.710  -7.361  -8.837  1.00 10.95 ? 31  ARG A CZ   1 
ATOM   223  N NH1  . ARG A 1 31  ? -2.709  -6.032  -8.874  1.00 10.00 ? 31  ARG A NH1  1 
ATOM   224  N NH2  . ARG A 1 31  ? -3.084  -8.050  -9.907  1.00 9.99  ? 31  ARG A NH2  1 
ATOM   225  H HH11 . ARG A 1 31  ? -3.095  -5.510  -8.113  1.00 10.00 ? 31  ARG A HH11 1 
ATOM   226  H HH12 . ARG A 1 31  ? -2.323  -5.553  -9.663  1.00 10.00 ? 31  ARG A HH12 1 
ATOM   227  H HH21 . ARG A 1 31  ? -3.711  -8.824  -9.810  1.00 10.00 ? 31  ARG A HH21 1 
ATOM   228  H HH22 . ARG A 1 31  ? -2.741  -7.797  -10.811 1.00 10.00 ? 31  ARG A HH22 1 
ATOM   229  N N    . MET A 1 32  ? -1.120  -4.000  -2.925  1.00 7.65  ? 32  MET A N    1 
ATOM   230  C CA   . MET A 1 32  ? -0.917  -3.353  -1.632  1.00 8.03  ? 32  MET A CA   1 
ATOM   231  C C    . MET A 1 32  ? -1.665  -3.954  -0.439  1.00 7.68  ? 32  MET A C    1 
ATOM   232  O O    . MET A 1 32  ? -2.800  -4.422  -0.565  1.00 6.72  ? 32  MET A O    1 
ATOM   233  C CB   . MET A 1 32  ? -1.293  -1.873  -1.765  1.00 6.52  ? 32  MET A CB   1 
ATOM   234  C CG   . MET A 1 32  ? -1.065  -1.021  -0.528  1.00 7.15  ? 32  MET A CG   1 
ATOM   235  S SD   . MET A 1 32  ? -1.574  0.655   -0.924  1.00 9.57  ? 32  MET A SD   1 
ATOM   236  C CE   . MET A 1 32  ? -0.836  1.605   0.295   1.00 7.32  ? 32  MET A CE   1 
ATOM   237  N N    . MET A 1 33  ? -1.003  -3.929  0.724   1.00 6.80  ? 33  MET A N    1 
ATOM   238  C CA   . MET A 1 33  ? -1.556  -4.424  1.983   1.00 6.38  ? 33  MET A CA   1 
ATOM   239  C C    . MET A 1 33  ? -1.418  -3.249  2.935   1.00 8.01  ? 33  MET A C    1 
ATOM   240  O O    . MET A 1 33  ? -0.359  -2.620  3.001   1.00 8.12  ? 33  MET A O    1 
ATOM   241  C CB   . MET A 1 33  ? -0.718  -5.588  2.557   1.00 5.46  ? 33  MET A CB   1 
ATOM   242  C CG   . MET A 1 33  ? -0.546  -6.820  1.658   1.00 5.62  ? 33  MET A CG   1 
ATOM   243  S SD   . MET A 1 33  ? 0.374   -8.171  2.473   1.00 11.38 ? 33  MET A SD   1 
ATOM   244  C CE   . MET A 1 33  ? -0.909  -9.008  3.374   1.00 6.36  ? 33  MET A CE   1 
ATOM   245  N N    . ALA A 1 34  ? -2.472  -2.939  3.686   1.00 6.08  ? 34  ALA A N    1 
ATOM   246  C CA   . ALA A 1 34  ? -2.387  -1.837  4.614   1.00 5.92  ? 34  ALA A CA   1 
ATOM   247  C C    . ALA A 1 34  ? -3.189  -2.065  5.876   1.00 5.93  ? 34  ALA A C    1 
ATOM   248  O O    . ALA A 1 34  ? -4.160  -2.808  5.877   1.00 6.91  ? 34  ALA A O    1 
ATOM   249  C CB   . ALA A 1 34  ? -2.867  -0.569  3.940   1.00 6.38  ? 34  ALA A CB   1 
ATOM   250  N N    . TYR A 1 35  ? -2.762  -1.421  6.958   1.00 7.82  ? 35  TYR A N    1 
ATOM   251  C CA   . TYR A 1 35  ? -3.496  -1.473  8.216   1.00 7.13  ? 35  TYR A CA   1 
ATOM   252  C C    . TYR A 1 35  ? -4.242  -0.140  8.061   1.00 7.49  ? 35  TYR A C    1 
ATOM   253  O O    . TYR A 1 35  ? -5.067  -0.016  7.169   1.00 9.87  ? 35  TYR A O    1 
ATOM   254  C CB   . TYR A 1 35  ? -2.519  -1.451  9.391   1.00 7.65  ? 35  TYR A CB   1 
ATOM   255  C CG   . TYR A 1 35  ? -3.163  -1.285  10.750  1.00 7.28  ? 35  TYR A CG   1 
ATOM   256  C CD1  . TYR A 1 35  ? -4.387  -1.872  11.043  1.00 9.09  ? 35  TYR A CD1  1 
ATOM   257  C CD2  . TYR A 1 35  ? -2.540  -0.543  11.741  1.00 7.76  ? 35  TYR A CD2  1 
ATOM   258  C CE1  . TYR A 1 35  ? -4.975  -1.719  12.296  1.00 9.46  ? 35  TYR A CE1  1 
ATOM   259  C CE2  . TYR A 1 35  ? -3.120  -0.381  12.996  1.00 7.71  ? 35  TYR A CE2  1 
ATOM   260  C CZ   . TYR A 1 35  ? -4.335  -0.975  13.271  1.00 9.17  ? 35  TYR A CZ   1 
ATOM   261  O OH   . TYR A 1 35  ? -4.901  -0.831  14.520  1.00 10.67 ? 35  TYR A OH   1 
ATOM   262  N N    . SER A 1 36  ? -3.948  0.861   8.876   1.00 7.04  ? 36  SER A N    1 
ATOM   263  C CA   . SER A 1 36  ? -4.603  2.159   8.708   1.00 8.17  ? 36  SER A CA   1 
ATOM   264  C C    . SER A 1 36  ? -4.360  2.676   7.285   1.00 9.44  ? 36  SER A C    1 
ATOM   265  O O    . SER A 1 36  ? -3.218  2.878   6.882   1.00 8.30  ? 36  SER A O    1 
ATOM   266  C CB   . SER A 1 36  ? -4.044  3.141   9.715   1.00 7.76  ? 36  SER A CB   1 
ATOM   267  O OG   . SER A 1 36  ? -3.998  2.524   10.966  1.00 8.28  ? 36  SER A OG   1 
ATOM   268  N N    . PHE A 1 37  ? -5.446  2.916   6.548   1.00 8.76  ? 37  PHE A N    1 
ATOM   269  C CA   . PHE A 1 37  ? -5.404  3.349   5.152   1.00 8.21  ? 37  PHE A CA   1 
ATOM   270  C C    . PHE A 1 37  ? -6.089  4.719   5.040   1.00 9.82  ? 37  PHE A C    1 
ATOM   271  O O    . PHE A 1 37  ? -7.294  4.787   4.796   1.00 9.33  ? 37  PHE A O    1 
ATOM   272  C CB   . PHE A 1 37  ? -6.152  2.268   4.354   1.00 8.56  ? 37  PHE A CB   1 
ATOM   273  C CG   . PHE A 1 37  ? -6.070  2.397   2.860   1.00 8.41  ? 37  PHE A CG   1 
ATOM   274  C CD1  . PHE A 1 37  ? -4.885  2.148   2.181   1.00 7.19  ? 37  PHE A CD1  1 
ATOM   275  C CD2  . PHE A 1 37  ? -7.211  2.708   2.121   1.00 8.24  ? 37  PHE A CD2  1 
ATOM   276  C CE1  . PHE A 1 37  ? -4.835  2.193   0.783   1.00 6.34  ? 37  PHE A CE1  1 
ATOM   277  C CE2  . PHE A 1 37  ? -7.170  2.759   0.727   1.00 5.63  ? 37  PHE A CE2  1 
ATOM   278  C CZ   . PHE A 1 37  ? -5.984  2.507   0.060   1.00 6.52  ? 37  PHE A CZ   1 
ATOM   279  N N    . THR A 1 38  ? -5.328  5.805   5.194   1.00 9.37  ? 38  THR A N    1 
ATOM   280  C CA   . THR A 1 38  ? -5.927  7.152   5.171   1.00 9.40  ? 38  THR A CA   1 
ATOM   281  C C    . THR A 1 38  ? -5.218  8.323   4.461   1.00 9.90  ? 38  THR A C    1 
ATOM   282  O O    . THR A 1 38  ? -5.875  9.307   4.111   1.00 10.31 ? 38  THR A O    1 
ATOM   283  C CB   . THR A 1 38  ? -6.207  7.661   6.621   1.00 8.92  ? 38  THR A CB   1 
ATOM   284  O OG1  . THR A 1 38  ? -4.959  7.868   7.294   1.00 8.82  ? 38  THR A OG1  1 
ATOM   285  C CG2  . THR A 1 38  ? -7.022  6.656   7.421   1.00 8.46  ? 38  THR A CG2  1 
ATOM   286  N N    . ALA A 1 39  ? -3.908  8.242   4.257   1.00 7.48  ? 39  ALA A N    1 
ATOM   287  C CA   . ALA A 1 39  ? -3.167  9.352   3.642   1.00 8.23  ? 39  ALA A CA   1 
ATOM   288  C C    . ALA A 1 39  ? -3.628  9.811   2.254   1.00 9.12  ? 39  ALA A C    1 
ATOM   289  O O    . ALA A 1 39  ? -3.446  9.103   1.261   1.00 9.01  ? 39  ALA A O    1 
ATOM   290  C CB   . ALA A 1 39  ? -1.676  9.016   3.604   1.00 6.90  ? 39  ALA A CB   1 
ATOM   291  N N    . PRO A 1 40  ? -4.205  11.025  2.160   1.00 10.60 ? 40  PRO A N    1 
ATOM   292  C CA   . PRO A 1 40  ? -4.675  11.525  0.861   1.00 10.14 ? 40  PRO A CA   1 
ATOM   293  C C    . PRO A 1 40  ? -3.612  11.472  -0.243  1.00 8.95  ? 40  PRO A C    1 
ATOM   294  O O    . PRO A 1 40  ? -3.912  11.101  -1.369  1.00 9.50  ? 40  PRO A O    1 
ATOM   295  C CB   . PRO A 1 40  ? -5.139  12.952  1.168   1.00 10.49 ? 40  PRO A CB   1 
ATOM   296  C CG   . PRO A 1 40  ? -5.497  12.913  2.620   1.00 12.15 ? 40  PRO A CG   1 
ATOM   297  C CD   . PRO A 1 40  ? -4.471  11.993  3.240   1.00 10.22 ? 40  PRO A CD   1 
ATOM   298  N N    . ASP A 1 41  ? -2.374  11.836  0.092   1.00 7.32  ? 41  ASP A N    1 
ATOM   299  C CA   . ASP A 1 41  ? -1.267  11.825  -0.863  1.00 6.46  ? 41  ASP A CA   1 
ATOM   300  C C    . ASP A 1 41  ? -1.040  10.430  -1.465  1.00 8.10  ? 41  ASP A C    1 
ATOM   301  O O    . ASP A 1 41  ? -0.783  10.292  -2.666  1.00 8.99  ? 41  ASP A O    1 
ATOM   302  C CB   . ASP A 1 41  ? 0.008   12.293  -0.175  1.00 6.99  ? 41  ASP A CB   1 
ATOM   303  C CG   . ASP A 1 41  ? 0.516   11.296  0.841   1.00 6.78  ? 41  ASP A CG   1 
ATOM   304  O OD1  . ASP A 1 41  ? -0.167  11.085  1.865   1.00 6.08  ? 41  ASP A OD1  1 
ATOM   305  O OD2  . ASP A 1 41  ? 1.598   10.717  0.611   1.00 7.01  ? 41  ASP A OD2  1 
ATOM   306  N N    . ILE A 1 42  ? -1.130  9.402   -0.621  1.00 7.94  ? 42  ILE A N    1 
ATOM   307  C CA   . ILE A 1 42  ? -0.960  8.015   -1.046  1.00 8.26  ? 42  ILE A CA   1 
ATOM   308  C C    . ILE A 1 42  ? -2.110  7.610   -1.984  1.00 8.32  ? 42  ILE A C    1 
ATOM   309  O O    . ILE A 1 42  ? -1.896  6.953   -3.022  1.00 8.34  ? 42  ILE A O    1 
ATOM   310  C CB   . ILE A 1 42  ? -0.949  7.051   0.192   1.00 10.43 ? 42  ILE A CB   1 
ATOM   311  C CG1  . ILE A 1 42  ? 0.208   7.424   1.130   1.00 11.77 ? 42  ILE A CG1  1 
ATOM   312  C CG2  . ILE A 1 42  ? -0.778  5.589   -0.255  1.00 8.01  ? 42  ILE A CG2  1 
ATOM   313  C CD1  . ILE A 1 42  ? 1.569   7.267   0.513   1.00 11.53 ? 42  ILE A CD1  1 
ATOM   314  N N    . MET A 1 43  ? -3.333  7.988   -1.621  1.00 8.57  ? 43  MET A N    1 
ATOM   315  C CA   . MET A 1 43  ? -4.506  7.666   -2.443  1.00 7.89  ? 43  MET A CA   1 
ATOM   316  C C    . MET A 1 43  ? -4.418  8.321   -3.816  1.00 7.71  ? 43  MET A C    1 
ATOM   317  O O    . MET A 1 43  ? -4.679  7.680   -4.834  1.00 10.31 ? 43  MET A O    1 
ATOM   318  C CB   . MET A 1 43  ? -5.788  8.111   -1.739  1.00 8.68  ? 43  MET A CB   1 
ATOM   319  C CG   . MET A 1 43  ? -5.902  7.605   -0.286  1.00 9.86  ? 43  MET A CG   1 
ATOM   320  S SD   . MET A 1 43  ? -5.651  5.803   -0.102  1.00 10.87 ? 43  MET A SD   1 
ATOM   321  C CE   . MET A 1 43  ? -5.072  5.741   1.651   1.00 11.07 ? 43  MET A CE   1 
ATOM   322  N N    . LYS A 1 44  ? -4.032  9.589   -3.853  1.00 7.86  ? 44  LYS A N    1 
ATOM   323  C CA   . LYS A 1 44  ? -3.910  10.306  -5.116  1.00 8.17  ? 44  LYS A CA   1 
ATOM   324  C C    . LYS A 1 44  ? -2.905  9.632   -6.011  1.00 9.92  ? 44  LYS A C    1 
ATOM   325  O O    . LYS A 1 44  ? -3.111  9.531   -7.228  1.00 9.15  ? 44  LYS A O    1 
ATOM   326  C CB   . LYS A 1 44  ? -3.473  11.742  -4.874  1.00 8.38  ? 44  LYS A CB   1 
ATOM   327  C CG   . LYS A 1 44  ? -4.603  12.641  -4.412  1.00 11.21 ? 44  LYS A CG   1 
ATOM   328  C CD   . LYS A 1 44  ? -4.092  14.034  -4.142  1.00 12.88 ? 44  LYS A CD   1 
ATOM   329  C CE   . LYS A 1 44  ? -4.857  14.659  -3.010  1.00 14.95 ? 44  LYS A CE   1 
ATOM   330  N NZ   . LYS A 1 44  ? -4.981  16.114  -3.267  1.00 20.51 ? 44  LYS A NZ   1 
ATOM   331  N N    . ALA A 1 45  ? -1.806  9.171   -5.413  1.00 9.15  ? 45  ALA A N    1 
ATOM   332  C CA   . ALA A 1 45  ? -0.761  8.485   -6.162  1.00 9.44  ? 45  ALA A CA   1 
ATOM   333  C C    . ALA A 1 45  ? -1.231  7.128   -6.706  1.00 8.52  ? 45  ALA A C    1 
ATOM   334  O O    . ALA A 1 45  ? -0.907  6.762   -7.836  1.00 8.62  ? 45  ALA A O    1 
ATOM   335  C CB   . ALA A 1 45  ? 0.496   8.299   -5.282  1.00 6.98  ? 45  ALA A CB   1 
ATOM   336  N N    . LEU A 1 46  ? -1.995  6.384   -5.909  1.00 8.77  ? 46  LEU A N    1 
ATOM   337  C CA   . LEU A 1 46  ? -2.496  5.087   -6.342  1.00 8.01  ? 46  LEU A CA   1 
ATOM   338  C C    . LEU A 1 46  ? -3.455  5.251   -7.524  1.00 7.83  ? 46  LEU A C    1 
ATOM   339  O O    . LEU A 1 46  ? -3.363  4.524   -8.518  1.00 5.83  ? 46  LEU A O    1 
ATOM   340  C CB   . LEU A 1 46  ? -3.196  4.361   -5.181  1.00 6.45  ? 46  LEU A CB   1 
ATOM   341  C CG   . LEU A 1 46  ? -2.263  3.870   -4.066  1.00 7.42  ? 46  LEU A CG   1 
ATOM   342  C CD1  . LEU A 1 46  ? -3.066  3.630   -2.775  1.00 5.25  ? 46  LEU A CD1  1 
ATOM   343  C CD2  . LEU A 1 46  ? -1.548  2.606   -4.519  1.00 2.37  ? 46  LEU A CD2  1 
ATOM   344  N N    . VAL A 1 47  ? -4.362  6.219   -7.435  1.00 10.28 ? 47  VAL A N    1 
ATOM   345  C CA   . VAL A 1 47  ? -5.299  6.449   -8.530  1.00 14.61 ? 47  VAL A CA   1 
ATOM   346  C C    . VAL A 1 47  ? -4.580  6.993   -9.767  1.00 14.52 ? 47  VAL A C    1 
ATOM   347  O O    . VAL A 1 47  ? -5.003  6.736   -10.896 1.00 15.75 ? 47  VAL A O    1 
ATOM   348  C CB   . VAL A 1 47  ? -6.440  7.404   -8.105  1.00 14.93 ? 47  VAL A CB   1 
ATOM   349  C CG1  . VAL A 1 47  ? -6.968  7.015   -6.726  1.00 15.80 ? 47  VAL A CG1  1 
ATOM   350  C CG2  . VAL A 1 47  ? -5.948  8.824   -8.104  1.00 20.52 ? 47  VAL A CG2  1 
ATOM   351  N N    . ALA A 1 48  ? -3.491  7.729   -9.577  1.00 13.50 ? 48  ALA A N    1 
ATOM   352  C CA   . ALA A 1 48  ? -2.746  8.220   -10.738 1.00 13.25 ? 48  ALA A CA   1 
ATOM   353  C C    . ALA A 1 48  ? -2.113  7.011   -11.417 1.00 13.83 ? 48  ALA A C    1 
ATOM   354  O O    . ALA A 1 48  ? -1.953  6.983   -12.638 1.00 12.80 ? 48  ALA A O    1 
ATOM   355  C CB   . ALA A 1 48  ? -1.667  9.209   -10.329 1.00 13.08 ? 48  ALA A CB   1 
ATOM   356  N N    . ALA A 1 49  ? -1.753  6.003   -10.627 1.00 12.47 ? 49  ALA A N    1 
ATOM   357  C CA   . ALA A 1 49  ? -1.166  4.787   -11.181 1.00 13.16 ? 49  ALA A CA   1 
ATOM   358  C C    . ALA A 1 49  ? -2.217  4.073   -12.031 1.00 13.46 ? 49  ALA A C    1 
ATOM   359  O O    . ALA A 1 49  ? -1.950  3.661   -13.161 1.00 13.37 ? 49  ALA A O    1 
ATOM   360  C CB   . ALA A 1 49  ? -0.690  3.865   -10.059 1.00 12.31 ? 49  ALA A CB   1 
ATOM   361  N N    . LYS A 1 50  ? -3.413  3.920   -11.484 1.00 14.44 ? 50  LYS A N    1 
ATOM   362  C CA   . LYS A 1 50  ? -4.509  3.279   -12.217 1.00 17.57 ? 50  LYS A CA   1 
ATOM   363  C C    . LYS A 1 50  ? -4.740  3.990   -13.563 1.00 15.23 ? 50  LYS A C    1 
ATOM   364  O O    . LYS A 1 50  ? -4.831  3.352   -14.609 1.00 15.52 ? 50  LYS A O    1 
ATOM   365  C CB   . LYS A 1 50  ? -5.790  3.328   -11.374 1.00 19.50 ? 50  LYS A CB   1 
ATOM   366  C CG   . LYS A 1 50  ? -7.022  2.759   -12.061 1.00 25.12 ? 50  LYS A CG   1 
ATOM   367  C CD   . LYS A 1 50  ? -7.079  1.249   -11.915 1.00 27.98 ? 50  LYS A CD   1 
ATOM   368  C CE   . LYS A 1 50  ? -8.285  0.680   -12.645 1.00 30.90 ? 50  LYS A CE   1 
ATOM   369  N NZ   . LYS A 1 50  ? -8.768  1.631   -13.685 1.00 34.12 ? 50  LYS A NZ   1 
ATOM   370  N N    . LYS A 1 51  ? -4.816  5.314   -13.526 1.00 15.47 ? 51  LYS A N    1 
ATOM   371  C CA   . LYS A 1 51  ? -5.016  6.118   -14.727 1.00 16.19 ? 51  LYS A CA   1 
ATOM   372  C C    . LYS A 1 51  ? -3.906  5.861   -15.742 1.00 17.59 ? 51  LYS A C    1 
ATOM   373  O O    . LYS A 1 51  ? -4.116  5.951   -16.947 1.00 20.14 ? 51  LYS A O    1 
ATOM   374  C CB   . LYS A 1 51  ? -5.064  7.607   -14.365 1.00 16.06 ? 51  LYS A CB   1 
ATOM   375  C CG   . LYS A 1 51  ? -6.327  8.012   -13.636 1.00 13.99 ? 51  LYS A CG   1 
ATOM   376  C CD   . LYS A 1 51  ? -6.353  9.516   -13.386 1.00 18.36 ? 51  LYS A CD   1 
ATOM   377  C CE   . LYS A 1 51  ? -7.655  9.951   -12.712 1.00 17.19 ? 51  LYS A CE   1 
ATOM   378  N NZ   . LYS A 1 51  ? -7.511  11.198  -11.885 1.00 16.63 ? 51  LYS A NZ   1 
ATOM   379  N N    . ARG A 1 52  ? -2.724  5.530   -15.251 1.00 17.37 ? 52  ARG A N    1 
ATOM   380  C CA   . ARG A 1 52  ? -1.592  5.219   -16.119 1.00 16.85 ? 52  ARG A CA   1 
ATOM   381  C C    . ARG A 1 52  ? -1.793  3.837   -16.751 1.00 16.67 ? 52  ARG A C    1 
ATOM   382  O O    . ARG A 1 52  ? -1.042  3.446   -17.629 1.00 17.96 ? 52  ARG A O    1 
ATOM   383  C CB   . ARG A 1 52  ? -0.283  5.183   -15.310 1.00 17.38 ? 52  ARG A CB   1 
ATOM   384  C CG   . ARG A 1 52  ? 0.426   6.506   -15.163 1.00 18.86 ? 52  ARG A CG   1 
ATOM   385  C CD   . ARG A 1 52  ? 1.927   6.304   -14.969 1.00 16.14 ? 52  ARG A CD   1 
ATOM   386  N NE   . ARG A 1 52  ? 2.260   5.335   -13.925 1.00 16.15 ? 52  ARG A NE   1 
ATOM   387  C CZ   . ARG A 1 52  ? 2.182   5.585   -12.620 1.00 15.10 ? 52  ARG A CZ   1 
ATOM   388  N NH1  . ARG A 1 52  ? 1.773   6.775   -12.190 1.00 11.72 ? 52  ARG A NH1  1 
ATOM   389  N NH2  . ARG A 1 52  ? 2.539   4.655   -11.743 1.00 12.53 ? 52  ARG A NH2  1 
ATOM   390  H HH11 . ARG A 1 52  ? 2.131   7.608   -12.610 1.00 10.00 ? 52  ARG A HH11 1 
ATOM   391  H HH12 . ARG A 1 52  ? 1.109   6.836   -11.445 1.00 10.00 ? 52  ARG A HH12 1 
ATOM   392  H HH21 . ARG A 1 52  ? 2.868   3.766   -12.061 1.00 10.00 ? 52  ARG A HH21 1 
ATOM   393  H HH22 . ARG A 1 52  ? 2.480   4.843   -10.762 1.00 10.00 ? 52  ARG A HH22 1 
ATOM   394  N N    . GLY A 1 53  ? -2.796  3.099   -16.287 1.00 15.35 ? 53  GLY A N    1 
ATOM   395  C CA   . GLY A 1 53  ? -3.024  1.764   -16.808 1.00 13.61 ? 53  GLY A CA   1 
ATOM   396  C C    . GLY A 1 53  ? -2.523  0.662   -15.879 1.00 15.41 ? 53  GLY A C    1 
ATOM   397  O O    . GLY A 1 53  ? -2.692  -0.528  -16.159 1.00 15.82 ? 53  GLY A O    1 
ATOM   398  N N    . VAL A 1 54  ? -1.921  1.041   -14.754 1.00 13.46 ? 54  VAL A N    1 
ATOM   399  C CA   . VAL A 1 54  ? -1.397  0.050   -13.817 1.00 12.13 ? 54  VAL A CA   1 
ATOM   400  C C    . VAL A 1 54  ? -2.489  -0.782  -13.151 1.00 11.37 ? 54  VAL A C    1 
ATOM   401  O O    . VAL A 1 54  ? -3.523  -0.255  -12.735 1.00 11.44 ? 54  VAL A O    1 
ATOM   402  C CB   . VAL A 1 54  ? -0.548  0.720   -12.718 1.00 12.03 ? 54  VAL A CB   1 
ATOM   403  C CG1  . VAL A 1 54  ? -0.153  -0.312  -11.660 1.00 13.35 ? 54  VAL A CG1  1 
ATOM   404  C CG2  . VAL A 1 54  ? 0.693   1.364   -13.339 1.00 11.84 ? 54  VAL A CG2  1 
ATOM   405  N N    . ASP A 1 55  ? -2.244  -2.086  -13.058 1.00 10.76 ? 55  ASP A N    1 
ATOM   406  C CA   . ASP A 1 55  ? -3.182  -3.019  -12.439 1.00 11.38 ? 55  ASP A CA   1 
ATOM   407  C C    . ASP A 1 55  ? -2.998  -2.937  -10.920 1.00 11.24 ? 55  ASP A C    1 
ATOM   408  O O    . ASP A 1 55  ? -2.087  -3.552  -10.355 1.00 11.09 ? 55  ASP A O    1 
ATOM   409  C CB   . ASP A 1 55  ? -2.902  -4.439  -12.957 1.00 11.95 ? 55  ASP A CB   1 
ATOM   410  C CG   . ASP A 1 55  ? -3.707  -5.513  -12.240 1.00 14.26 ? 55  ASP A CG   1 
ATOM   411  O OD1  . ASP A 1 55  ? -4.600  -5.175  -11.436 1.00 14.18 ? 55  ASP A OD1  1 
ATOM   412  O OD2  . ASP A 1 55  ? -3.446  -6.708  -12.482 1.00 12.16 ? 55  ASP A OD2  1 
ATOM   413  N N    . VAL A 1 56  ? -3.850  -2.143  -10.274 1.00 10.88 ? 56  VAL A N    1 
ATOM   414  C CA   . VAL A 1 56  ? -3.801  -1.944  -8.824  1.00 10.34 ? 56  VAL A CA   1 
ATOM   415  C C    . VAL A 1 56  ? -4.886  -2.693  -8.034  1.00 10.88 ? 56  VAL A C    1 
ATOM   416  O O    . VAL A 1 56  ? -6.080  -2.586  -8.331  1.00 11.01 ? 56  VAL A O    1 
ATOM   417  C CB   . VAL A 1 56  ? -3.915  -0.421  -8.480  1.00 10.57 ? 56  VAL A CB   1 
ATOM   418  C CG1  . VAL A 1 56  ? -3.680  -0.195  -6.983  1.00 8.72  ? 56  VAL A CG1  1 
ATOM   419  C CG2  . VAL A 1 56  ? -2.904  0.393   -9.312  1.00 8.61  ? 56  VAL A CG2  1 
ATOM   420  N N    . LYS A 1 57  ? -4.466  -3.470  -7.032  1.00 9.29  ? 57  LYS A N    1 
ATOM   421  C CA   . LYS A 1 57  ? -5.403  -4.192  -6.167  1.00 9.60  ? 57  LYS A CA   1 
ATOM   422  C C    . LYS A 1 57  ? -4.936  -4.009  -4.715  1.00 11.47 ? 57  LYS A C    1 
ATOM   423  O O    . LYS A 1 57  ? -3.737  -4.101  -4.408  1.00 11.01 ? 57  LYS A O    1 
ATOM   424  C CB   . LYS A 1 57  ? -5.464  -5.674  -6.552  1.00 9.93  ? 57  LYS A CB   1 
ATOM   425  C CG   . LYS A 1 57  ? -6.164  -5.920  -7.889  1.00 12.47 ? 57  LYS A CG   1 
ATOM   426  C CD   . LYS A 1 57  ? -6.478  -7.386  -8.097  1.00 14.49 ? 57  LYS A CD   1 
ATOM   427  C CE   . LYS A 1 57  ? -6.874  -7.679  -9.539  1.00 17.96 ? 57  LYS A CE   1 
ATOM   428  N NZ   . LYS A 1 57  ? -7.108  -9.144  -9.778  1.00 18.16 ? 57  LYS A NZ   1 
ATOM   429  N N    . ILE A 1 58  ? -5.885  -3.748  -3.819  1.00 10.38 ? 58  ILE A N    1 
ATOM   430  C CA   . ILE A 1 58  ? -5.565  -3.481  -2.422  1.00 9.11  ? 58  ILE A CA   1 
ATOM   431  C C    . ILE A 1 58  ? -6.401  -4.234  -1.383  1.00 8.44  ? 58  ILE A C    1 
ATOM   432  O O    . ILE A 1 58  ? -7.615  -4.359  -1.521  1.00 8.67  ? 58  ILE A O    1 
ATOM   433  C CB   . ILE A 1 58  ? -5.728  -1.962  -2.163  1.00 7.16  ? 58  ILE A CB   1 
ATOM   434  C CG1  . ILE A 1 58  ? -5.050  -1.186  -3.287  1.00 7.30  ? 58  ILE A CG1  1 
ATOM   435  C CG2  . ILE A 1 58  ? -5.166  -1.573  -0.797  1.00 8.38  ? 58  ILE A CG2  1 
ATOM   436  C CD1  . ILE A 1 58  ? -5.286  0.312   -3.236  1.00 5.64  ? 58  ILE A CD1  1 
ATOM   437  N N    . VAL A 1 59  ? -5.742  -4.761  -0.349  1.00 8.67  ? 59  VAL A N    1 
ATOM   438  C CA   . VAL A 1 59  ? -6.448  -5.440  0.741   1.00 9.80  ? 59  VAL A CA   1 
ATOM   439  C C    . VAL A 1 59  ? -6.012  -4.762  2.021   1.00 9.42  ? 59  VAL A C    1 
ATOM   440  O O    . VAL A 1 59  ? -4.815  -4.665  2.301   1.00 9.91  ? 59  VAL A O    1 
ATOM   441  C CB   . VAL A 1 59  ? -6.103  -6.941  0.850   1.00 10.68 ? 59  VAL A CB   1 
ATOM   442  C CG1  . VAL A 1 59  ? -6.852  -7.700  -0.209  1.00 16.74 ? 59  VAL A CG1  1 
ATOM   443  C CG2  . VAL A 1 59  ? -4.610  -7.153  0.729   1.00 9.74  ? 59  VAL A CG2  1 
ATOM   444  N N    . ILE A 1 60  ? -6.980  -4.266  2.784   1.00 6.89  ? 60  ILE A N    1 
ATOM   445  C CA   . ILE A 1 60  ? -6.669  -3.574  4.025   1.00 6.57  ? 60  ILE A CA   1 
ATOM   446  C C    . ILE A 1 60  ? -7.362  -4.185  5.233   1.00 7.71  ? 60  ILE A C    1 
ATOM   447  O O    . ILE A 1 60  ? -8.317  -4.946  5.098   1.00 5.80  ? 60  ILE A O    1 
ATOM   448  C CB   . ILE A 1 60  ? -7.076  -2.091  3.924   1.00 5.86  ? 60  ILE A CB   1 
ATOM   449  C CG1  . ILE A 1 60  ? -8.604  -1.960  3.958   1.00 5.26  ? 60  ILE A CG1  1 
ATOM   450  C CG2  . ILE A 1 60  ? -6.542  -1.511  2.625   1.00 6.84  ? 60  ILE A CG2  1 
ATOM   451  C CD1  . ILE A 1 60  ? -9.118  -0.520  3.739   1.00 2.00  ? 60  ILE A CD1  1 
ATOM   452  N N    . ASP A 1 61  ? -6.855  -3.861  6.418   1.00 8.00  ? 61  ASP A N    1 
ATOM   453  C CA   . ASP A 1 61  ? -7.434  -4.338  7.660   1.00 7.55  ? 61  ASP A CA   1 
ATOM   454  C C    . ASP A 1 61  ? -8.831  -3.749  7.807   1.00 9.95  ? 61  ASP A C    1 
ATOM   455  O O    . ASP A 1 61  ? -9.031  -2.550  7.577   1.00 11.10 ? 61  ASP A O    1 
ATOM   456  C CB   . ASP A 1 61  ? -6.578  -3.889  8.851   1.00 6.30  ? 61  ASP A CB   1 
ATOM   457  C CG   . ASP A 1 61  ? -7.144  -4.365  10.156  1.00 4.90  ? 61  ASP A CG   1 
ATOM   458  O OD1  . ASP A 1 61  ? -7.082  -5.581  10.405  1.00 7.48  ? 61  ASP A OD1  1 
ATOM   459  O OD2  . ASP A 1 61  ? -7.650  -3.524  10.919  1.00 6.90  ? 61  ASP A OD2  1 
ATOM   460  N N    . GLU A 1 62  ? -9.786  -4.580  8.211   1.00 10.88 ? 62  GLU A N    1 
ATOM   461  C CA   . GLU A 1 62  ? -11.167 -4.128  8.362   1.00 10.93 ? 62  GLU A CA   1 
ATOM   462  C C    . GLU A 1 62  ? -11.478 -3.335  9.622   1.00 11.42 ? 62  GLU A C    1 
ATOM   463  O O    . GLU A 1 62  ? -11.962 -2.201  9.542   1.00 11.63 ? 62  GLU A O    1 
ATOM   464  C CB   . GLU A 1 62  ? -12.116 -5.323  8.282   1.00 12.83 ? 62  GLU A CB   1 
ATOM   465  C CG   . GLU A 1 62  ? -13.571 -4.939  8.131   1.00 18.27 ? 62  GLU A CG   1 
ATOM   466  C CD   . GLU A 1 62  ? -14.460 -6.138  7.874   1.00 21.98 ? 62  GLU A CD   1 
ATOM   467  O OE1  . GLU A 1 62  ? -14.145 -6.939  6.959   1.00 25.46 ? 62  GLU A OE1  1 
ATOM   468  O OE2  . GLU A 1 62  ? -15.470 -6.280  8.596   1.00 24.96 ? 62  GLU A OE2  1 
ATOM   469  N N    . ARG A 1 63  ? -11.202 -3.910  10.790  1.00 11.13 ? 63  ARG A N    1 
ATOM   470  C CA   . ARG A 1 63  ? -11.502 -3.229  12.055  1.00 10.49 ? 63  ARG A CA   1 
ATOM   471  C C    . ARG A 1 63  ? -10.844 -1.881  12.268  1.00 7.96  ? 63  ARG A C    1 
ATOM   472  O O    . ARG A 1 63  ? -11.424 -1.005  12.910  1.00 8.59  ? 63  ARG A O    1 
ATOM   473  C CB   . ARG A 1 63  ? -11.155 -4.129  13.237  1.00 12.60 ? 63  ARG A CB   1 
ATOM   474  C CG   . ARG A 1 63  ? -11.858 -5.466  13.243  1.00 17.84 ? 63  ARG A CG   1 
ATOM   475  C CD   . ARG A 1 63  ? -11.530 -6.179  14.549  1.00 23.46 ? 63  ARG A CD   1 
ATOM   476  N NE   . ARG A 1 63  ? -11.177 -5.213  15.586  1.00 22.52 ? 63  ARG A NE   1 
ATOM   477  C CZ   . ARG A 1 63  ? -10.028 -5.201  16.250  1.00 25.46 ? 63  ARG A CZ   1 
ATOM   478  N NH1  . ARG A 1 63  ? -9.104  -6.107  15.994  1.00 27.79 ? 63  ARG A NH1  1 
ATOM   479  N NH2  . ARG A 1 63  ? -9.807  -4.275  17.174  1.00 28.95 ? 63  ARG A NH2  1 
ATOM   480  H HH11 . ARG A 1 63  ? -9.269  -6.807  15.299  1.00 10.00 ? 63  ARG A HH11 1 
ATOM   481  H HH12 . ARG A 1 63  ? -8.239  -6.095  16.496  1.00 10.00 ? 63  ARG A HH12 1 
ATOM   482  H HH21 . ARG A 1 63  ? -10.518 -4.055  17.841  1.00 10.00 ? 63  ARG A HH21 1 
ATOM   483  H HH22 . ARG A 1 63  ? -8.928  -3.798  17.204  1.00 10.00 ? 63  ARG A HH22 1 
ATOM   484  N N    . GLY A 1 64  ? -9.631  -1.725  11.749  1.00 7.74  ? 64  GLY A N    1 
ATOM   485  C CA   . GLY A 1 64  ? -8.915  -0.477  11.912  1.00 9.17  ? 64  GLY A CA   1 
ATOM   486  C C    . GLY A 1 64  ? -9.186  0.557   10.833  1.00 10.45 ? 64  GLY A C    1 
ATOM   487  O O    . GLY A 1 64  ? -8.500  1.568   10.760  1.00 10.01 ? 64  GLY A O    1 
ATOM   488  N N    . ASN A 1 65  ? -10.175 0.302   9.985   1.00 10.01 ? 65  ASN A N    1 
ATOM   489  C CA   . ASN A 1 65  ? -10.512 1.239   8.912   1.00 10.48 ? 65  ASN A CA   1 
ATOM   490  C C    . ASN A 1 65  ? -12.000 1.637   8.864   1.00 10.91 ? 65  ASN A C    1 
ATOM   491  O O    . ASN A 1 65  ? -12.654 1.584   7.811   1.00 9.02  ? 65  ASN A O    1 
ATOM   492  C CB   . ASN A 1 65  ? -10.067 0.661   7.568   1.00 8.45  ? 65  ASN A CB   1 
ATOM   493  C CG   . ASN A 1 65  ? -8.599  0.893   7.304   1.00 8.64  ? 65  ASN A CG   1 
ATOM   494  O OD1  . ASN A 1 65  ? -8.120  2.024   7.349   1.00 7.89  ? 65  ASN A OD1  1 
ATOM   495  N ND2  . ASN A 1 65  ? -7.861  -0.176  7.038   1.00 6.41  ? 65  ASN A ND2  1 
ATOM   496  H HD21 . ASN A 1 65  ? -7.219  -0.157  6.298   1.00 10.00 ? 65  ASN A HD21 1 
ATOM   497  H HD22 . ASN A 1 65  ? -7.987  -0.965  7.604   1.00 10.00 ? 65  ASN A HD22 1 
ATOM   498  N N    . THR A 1 66  ? -12.526 2.042   10.016  1.00 8.42  ? 66  THR A N    1 
ATOM   499  C CA   . THR A 1 66  ? -13.911 2.486   10.084  1.00 10.24 ? 66  THR A CA   1 
ATOM   500  C C    . THR A 1 66  ? -14.003 3.974   10.439  1.00 9.24  ? 66  THR A C    1 
ATOM   501  O O    . THR A 1 66  ? -15.087 4.517   10.600  1.00 10.39 ? 66  THR A O    1 
ATOM   502  C CB   . THR A 1 66  ? -14.710 1.665   11.095  1.00 9.70  ? 66  THR A CB   1 
ATOM   503  O OG1  . THR A 1 66  ? -14.236 1.938   12.422  1.00 8.26  ? 66  THR A OG1  1 
ATOM   504  C CG2  . THR A 1 66  ? -14.562 0.193   10.786  1.00 7.93  ? 66  THR A CG2  1 
ATOM   505  N N    . GLY A 1 67  ? -12.857 4.627   10.574  1.00 9.16  ? 67  GLY A N    1 
ATOM   506  C CA   . GLY A 1 67  ? -12.857 6.047   10.880  1.00 10.87 ? 67  GLY A CA   1 
ATOM   507  C C    . GLY A 1 67  ? -13.210 6.872   9.642   1.00 12.31 ? 67  GLY A C    1 
ATOM   508  O O    . GLY A 1 67  ? -13.115 6.383   8.508   1.00 11.61 ? 67  GLY A O    1 
ATOM   509  N N    . ARG A 1 68  ? -13.601 8.126   9.840   1.00 12.93 ? 68  ARG A N    1 
ATOM   510  C CA   . ARG A 1 68  ? -13.990 8.980   8.721   1.00 11.65 ? 68  ARG A CA   1 
ATOM   511  C C    . ARG A 1 68  ? -12.946 9.085   7.607   1.00 11.23 ? 68  ARG A C    1 
ATOM   512  O O    . ARG A 1 68  ? -13.276 8.955   6.420   1.00 11.77 ? 68  ARG A O    1 
ATOM   513  C CB   . ARG A 1 68  ? -14.335 10.385  9.231   1.00 14.37 ? 68  ARG A CB   1 
ATOM   514  C CG   . ARG A 1 68  ? -14.885 11.297  8.145   1.00 16.73 ? 68  ARG A CG   1 
ATOM   515  C CD   . ARG A 1 68  ? -16.367 11.036  7.915   1.00 21.96 ? 68  ARG A CD   1 
ATOM   516  N NE   . ARG A 1 68  ? -16.881 11.650  6.687   1.00 22.54 ? 68  ARG A NE   1 
ATOM   517  C CZ   . ARG A 1 68  ? -16.572 11.252  5.455   1.00 24.29 ? 68  ARG A CZ   1 
ATOM   518  N NH1  . ARG A 1 68  ? -15.741 10.235  5.265   1.00 22.17 ? 68  ARG A NH1  1 
ATOM   519  N NH2  . ARG A 1 68  ? -17.120 11.861  4.412   1.00 25.51 ? 68  ARG A NH2  1 
ATOM   520  H HH11 . ARG A 1 68  ? -16.098 9.303   5.202   1.00 10.00 ? 68  ARG A HH11 1 
ATOM   521  H HH12 . ARG A 1 68  ? -14.758 10.401  5.183   1.00 10.00 ? 68  ARG A HH12 1 
ATOM   522  H HH21 . ARG A 1 68  ? -18.099 12.063  4.408   1.00 10.00 ? 68  ARG A HH21 1 
ATOM   523  H HH22 . ARG A 1 68  ? -16.553 12.118  3.629   1.00 10.00 ? 68  ARG A HH22 1 
ATOM   524  N N    . ALA A 1 69  ? -11.692 9.321   7.976   1.00 8.99  ? 69  ALA A N    1 
ATOM   525  C CA   . ALA A 1 69  ? -10.634 9.438   6.984   1.00 9.64  ? 69  ALA A CA   1 
ATOM   526  C C    . ALA A 1 69  ? -10.475 8.120   6.214   1.00 10.04 ? 69  ALA A C    1 
ATOM   527  O O    . ALA A 1 69  ? -10.245 8.119   4.992   1.00 8.41  ? 69  ALA A O    1 
ATOM   528  C CB   . ALA A 1 69  ? -9.334  9.827   7.663   1.00 9.17  ? 69  ALA A CB   1 
ATOM   529  N N    . SER A 1 70  ? -10.616 6.996   6.921   1.00 9.35  ? 70  SER A N    1 
ATOM   530  C CA   . SER A 1 70  ? -10.504 5.691   6.279   1.00 9.20  ? 70  SER A CA   1 
ATOM   531  C C    . SER A 1 70  ? -11.593 5.558   5.216   1.00 9.58  ? 70  SER A C    1 
ATOM   532  O O    . SER A 1 70  ? -11.319 5.169   4.077   1.00 10.20 ? 70  SER A O    1 
ATOM   533  C CB   . SER A 1 70  ? -10.642 4.556   7.303   1.00 8.47  ? 70  SER A CB   1 
ATOM   534  O OG   . SER A 1 70  ? -9.482  4.472   8.106   1.00 7.71  ? 70  SER A OG   1 
ATOM   535  N N    . ILE A 1 71  ? -12.824 5.892   5.583   1.00 7.93  ? 71  ILE A N    1 
ATOM   536  C CA   . ILE A 1 71  ? -13.939 5.802   4.641   1.00 8.80  ? 71  ILE A CA   1 
ATOM   537  C C    . ILE A 1 71  ? -13.751 6.703   3.404   1.00 8.37  ? 71  ILE A C    1 
ATOM   538  O O    . ILE A 1 71  ? -14.010 6.286   2.271   1.00 7.58  ? 71  ILE A O    1 
ATOM   539  C CB   . ILE A 1 71  ? -15.268 6.116   5.361   1.00 6.58  ? 71  ILE A CB   1 
ATOM   540  C CG1  . ILE A 1 71  ? -15.607 4.931   6.280   1.00 7.42  ? 71  ILE A CG1  1 
ATOM   541  C CG2  . ILE A 1 71  ? -16.375 6.364   4.346   1.00 7.78  ? 71  ILE A CG2  1 
ATOM   542  C CD1  . ILE A 1 71  ? -16.653 5.247   7.325   1.00 7.66  ? 71  ILE A CD1  1 
ATOM   543  N N    . ALA A 1 72  ? -13.276 7.926   3.620   1.00 9.08  ? 72  ALA A N    1 
ATOM   544  C CA   . ALA A 1 72  ? -13.019 8.855   2.523   1.00 8.38  ? 72  ALA A CA   1 
ATOM   545  C C    . ALA A 1 72  ? -12.013 8.247   1.533   1.00 8.03  ? 72  ALA A C    1 
ATOM   546  O O    . ALA A 1 72  ? -12.221 8.300   0.324   1.00 7.94  ? 72  ALA A O    1 
ATOM   547  C CB   . ALA A 1 72  ? -12.479 10.177  3.077   1.00 8.26  ? 72  ALA A CB   1 
ATOM   548  N N    . ALA A 1 73  ? -10.939 7.648   2.034   1.00 6.82  ? 73  ALA A N    1 
ATOM   549  C CA   . ALA A 1 73  ? -9.938  7.046   1.153   1.00 6.15  ? 73  ALA A CA   1 
ATOM   550  C C    . ALA A 1 73  ? -10.472 5.815   0.440   1.00 7.19  ? 73  ALA A C    1 
ATOM   551  O O    . ALA A 1 73  ? -10.243 5.623   -0.755  1.00 7.85  ? 73  ALA A O    1 
ATOM   552  C CB   . ALA A 1 73  ? -8.678  6.679   1.955   1.00 6.64  ? 73  ALA A CB   1 
ATOM   553  N N    . MET A 1 74  ? -11.171 4.965   1.181   1.00 8.54  ? 74  MET A N    1 
ATOM   554  C CA   . MET A 1 74  ? -11.749 3.757   0.610   1.00 8.52  ? 74  MET A CA   1 
ATOM   555  C C    . MET A 1 74  ? -12.741 4.134   -0.483  1.00 8.49  ? 74  MET A C    1 
ATOM   556  O O    . MET A 1 74  ? -12.743 3.516   -1.546  1.00 9.16  ? 74  MET A O    1 
ATOM   557  C CB   . MET A 1 74  ? -12.438 2.918   1.704   1.00 10.88 ? 74  MET A CB   1 
ATOM   558  C CG   . MET A 1 74  ? -11.461 2.338   2.772   1.00 6.73  ? 74  MET A CG   1 
ATOM   559  S SD   . MET A 1 74  ? -12.227 1.964   4.389   1.00 7.31  ? 74  MET A SD   1 
ATOM   560  C CE   . MET A 1 74  ? -13.069 0.441   4.033   1.00 4.89  ? 74  MET A CE   1 
ATOM   561  N N    . ASN A 1 75  ? -13.566 5.157   -0.244  1.00 9.58  ? 75  ASN A N    1 
ATOM   562  C CA   . ASN A 1 75  ? -14.546 5.598   -1.247  1.00 9.86  ? 75  ASN A CA   1 
ATOM   563  C C    . ASN A 1 75  ? -13.817 6.178   -2.463  1.00 11.04 ? 75  ASN A C    1 
ATOM   564  O O    . ASN A 1 75  ? -14.137 5.870   -3.616  1.00 12.02 ? 75  ASN A O    1 
ATOM   565  C CB   . ASN A 1 75  ? -15.498 6.659   -0.669  1.00 6.19  ? 75  ASN A CB   1 
ATOM   566  C CG   . ASN A 1 75  ? -16.600 6.059   0.191   1.00 8.63  ? 75  ASN A CG   1 
ATOM   567  O OD1  . ASN A 1 75  ? -17.274 6.767   0.947   1.00 11.76 ? 75  ASN A OD1  1 
ATOM   568  N ND2  . ASN A 1 75  ? -16.790 4.762   0.079   1.00 6.63  ? 75  ASN A ND2  1 
ATOM   569  H HD21 . ASN A 1 75  ? -17.496 4.360   0.627   1.00 10.00 ? 75  ASN A HD21 1 
ATOM   570  H HD22 . ASN A 1 75  ? -16.236 4.236   -0.534  1.00 10.00 ? 75  ASN A HD22 1 
ATOM   571  N N    . TYR A 1 76  ? -12.831 7.026   -2.199  1.00 12.08 ? 76  TYR A N    1 
ATOM   572  C CA   . TYR A 1 76  ? -12.032 7.622   -3.261  1.00 12.20 ? 76  TYR A CA   1 
ATOM   573  C C    . TYR A 1 76  ? -11.398 6.525   -4.126  1.00 10.74 ? 76  TYR A C    1 
ATOM   574  O O    . TYR A 1 76  ? -11.455 6.574   -5.351  1.00 11.00 ? 76  TYR A O    1 
ATOM   575  C CB   . TYR A 1 76  ? -10.942 8.500   -2.642  1.00 11.95 ? 76  TYR A CB   1 
ATOM   576  C CG   . TYR A 1 76  ? -10.033 9.145   -3.646  1.00 15.10 ? 76  TYR A CG   1 
ATOM   577  C CD1  . TYR A 1 76  ? -10.524 10.046  -4.581  1.00 16.41 ? 76  TYR A CD1  1 
ATOM   578  C CD2  . TYR A 1 76  ? -8.678  8.852   -3.668  1.00 15.39 ? 76  TYR A CD2  1 
ATOM   579  C CE1  . TYR A 1 76  ? -9.685  10.636  -5.511  1.00 16.52 ? 76  TYR A CE1  1 
ATOM   580  C CE2  . TYR A 1 76  ? -7.842  9.432   -4.585  1.00 14.81 ? 76  TYR A CE2  1 
ATOM   581  C CZ   . TYR A 1 76  ? -8.343  10.322  -5.505  1.00 17.34 ? 76  TYR A CZ   1 
ATOM   582  O OH   . TYR A 1 76  ? -7.497  10.893  -6.427  1.00 15.88 ? 76  TYR A OH   1 
ATOM   583  N N    . ILE A 1 77  ? -10.820 5.517   -3.482  1.00 9.99  ? 77  ILE A N    1 
ATOM   584  C CA   . ILE A 1 77  ? -10.177 4.420   -4.193  1.00 9.62  ? 77  ILE A CA   1 
ATOM   585  C C    . ILE A 1 77  ? -11.159 3.560   -5.013  1.00 10.91 ? 77  ILE A C    1 
ATOM   586  O O    . ILE A 1 77  ? -10.903 3.275   -6.193  1.00 11.80 ? 77  ILE A O    1 
ATOM   587  C CB   . ILE A 1 77  ? -9.381  3.519   -3.200  1.00 10.52 ? 77  ILE A CB   1 
ATOM   588  C CG1  . ILE A 1 77  ? -8.235  4.322   -2.593  1.00 11.23 ? 77  ILE A CG1  1 
ATOM   589  C CG2  . ILE A 1 77  ? -8.854  2.284   -3.897  1.00 8.49  ? 77  ILE A CG2  1 
ATOM   590  C CD1  . ILE A 1 77  ? -7.133  4.668   -3.568  1.00 13.17 ? 77  ILE A CD1  1 
ATOM   591  N N    . ALA A 1 78  ? -12.274 3.145   -4.414  1.00 10.71 ? 78  ALA A N    1 
ATOM   592  C CA   . ALA A 1 78  ? -13.243 2.336   -5.143  1.00 12.27 ? 78  ALA A CA   1 
ATOM   593  C C    . ALA A 1 78  ? -13.841 3.094   -6.346  1.00 14.31 ? 78  ALA A C    1 
ATOM   594  O O    . ALA A 1 78  ? -14.021 2.520   -7.417  1.00 14.60 ? 78  ALA A O    1 
ATOM   595  C CB   . ALA A 1 78  ? -14.356 1.879   -4.211  1.00 11.25 ? 78  ALA A CB   1 
ATOM   596  N N    . ASN A 1 79  ? -14.136 4.382   -6.162  1.00 15.08 ? 79  ASN A N    1 
ATOM   597  C CA   . ASN A 1 79  ? -14.699 5.222   -7.222  1.00 16.00 ? 79  ASN A CA   1 
ATOM   598  C C    . ASN A 1 79  ? -13.808 5.268   -8.459  1.00 16.49 ? 79  ASN A C    1 
ATOM   599  O O    . ASN A 1 79  ? -14.280 5.561   -9.557  1.00 16.90 ? 79  ASN A O    1 
ATOM   600  C CB   . ASN A 1 79  ? -14.926 6.646   -6.718  1.00 15.46 ? 79  ASN A CB   1 
ATOM   601  C CG   . ASN A 1 79  ? -16.080 6.738   -5.749  1.00 20.04 ? 79  ASN A CG   1 
ATOM   602  O OD1  . ASN A 1 79  ? -17.055 5.993   -5.847  1.00 21.29 ? 79  ASN A OD1  1 
ATOM   603  N ND2  . ASN A 1 79  ? -15.983 7.651   -4.802  1.00 20.36 ? 79  ASN A ND2  1 
ATOM   604  H HD21 . ASN A 1 79  ? -16.750 8.224   -4.592  1.00 10.00 ? 79  ASN A HD21 1 
ATOM   605  H HD22 . ASN A 1 79  ? -15.128 7.725   -4.332  1.00 10.00 ? 79  ASN A HD22 1 
ATOM   606  N N    . SER A 1 80  ? -12.518 4.986   -8.273  1.00 14.75 ? 80  SER A N    1 
ATOM   607  C CA   . SER A 1 80  ? -11.553 4.984   -9.372  1.00 12.44 ? 80  SER A CA   1 
ATOM   608  C C    . SER A 1 80  ? -11.444 3.643   -10.095 1.00 11.49 ? 80  SER A C    1 
ATOM   609  O O    . SER A 1 80  ? -10.662 3.506   -11.024 1.00 13.01 ? 80  SER A O    1 
ATOM   610  C CB   . SER A 1 80  ? -10.169 5.375   -8.865  1.00 12.15 ? 80  SER A CB   1 
ATOM   611  O OG   . SER A 1 80  ? -10.195 6.679   -8.330  1.00 17.35 ? 80  SER A OG   1 
ATOM   612  N N    . GLY A 1 81  ? -12.214 2.652   -9.669  1.00 10.37 ? 81  GLY A N    1 
ATOM   613  C CA   . GLY A 1 81  ? -12.152 1.363   -10.331 1.00 9.82  ? 81  GLY A CA   1 
ATOM   614  C C    . GLY A 1 81  ? -11.027 0.477   -9.815  1.00 10.36 ? 81  GLY A C    1 
ATOM   615  O O    . GLY A 1 81  ? -10.718 -0.544  -10.421 1.00 11.16 ? 81  GLY A O    1 
ATOM   616  N N    . ILE A 1 82  ? -10.405 0.859   -8.702  1.00 10.21 ? 82  ILE A N    1 
ATOM   617  C CA   . ILE A 1 82  ? -9.331  0.049   -8.132  1.00 9.06  ? 82  ILE A CA   1 
ATOM   618  C C    . ILE A 1 82  ? -9.943  -1.005  -7.224  1.00 9.02  ? 82  ILE A C    1 
ATOM   619  O O    . ILE A 1 82  ? -10.592 -0.676  -6.230  1.00 9.14  ? 82  ILE A O    1 
ATOM   620  C CB   . ILE A 1 82  ? -8.349  0.888   -7.256  1.00 10.55 ? 82  ILE A CB   1 
ATOM   621  C CG1  . ILE A 1 82  ? -7.359  1.643   -8.139  1.00 7.74  ? 82  ILE A CG1  1 
ATOM   622  C CG2  . ILE A 1 82  ? -7.568  -0.036  -6.307  1.00 10.29 ? 82  ILE A CG2  1 
ATOM   623  C CD1  . ILE A 1 82  ? -6.695  2.824   -7.422  1.00 6.39  ? 82  ILE A CD1  1 
ATOM   624  N N    . PRO A 1 83  ? -9.743  -2.288  -7.555  1.00 10.05 ? 83  PRO A N    1 
ATOM   625  C CA   . PRO A 1 83  ? -10.297 -3.361  -6.719  1.00 11.19 ? 83  PRO A CA   1 
ATOM   626  C C    . PRO A 1 83  ? -9.776  -3.289  -5.271  1.00 10.31 ? 83  PRO A C    1 
ATOM   627  O O    . PRO A 1 83  ? -8.569  -3.341  -5.015  1.00 9.77  ? 83  PRO A O    1 
ATOM   628  C CB   . PRO A 1 83  ? -9.861  -4.643  -7.437  1.00 11.28 ? 83  PRO A CB   1 
ATOM   629  C CG   . PRO A 1 83  ? -9.570  -4.184  -8.871  1.00 10.68 ? 83  PRO A CG   1 
ATOM   630  C CD   . PRO A 1 83  ? -9.012  -2.815  -8.721  1.00 9.60  ? 83  PRO A CD   1 
ATOM   631  N N    . LEU A 1 84  ? -10.692 -3.160  -4.317  1.00 8.51  ? 84  LEU A N    1 
ATOM   632  C CA   . LEU A 1 84  ? -10.309 -3.050  -2.921  1.00 8.89  ? 84  LEU A CA   1 
ATOM   633  C C    . LEU A 1 84  ? -11.102 -3.967  -1.993  1.00 8.91  ? 84  LEU A C    1 
ATOM   634  O O    . LEU A 1 84  ? -12.310 -4.152  -2.158  1.00 10.00 ? 84  LEU A O    1 
ATOM   635  C CB   . LEU A 1 84  ? -10.464 -1.590  -2.488  1.00 8.07  ? 84  LEU A CB   1 
ATOM   636  C CG   . LEU A 1 84  ? -10.418 -1.235  -1.005  1.00 7.77  ? 84  LEU A CG   1 
ATOM   637  C CD1  . LEU A 1 84  ? -8.956  -1.172  -0.540  1.00 6.26  ? 84  LEU A CD1  1 
ATOM   638  C CD2  . LEU A 1 84  ? -11.120 0.107   -0.789  1.00 5.18  ? 84  LEU A CD2  1 
ATOM   639  N N    . ARG A 1 85  ? -10.407 -4.555  -1.017  1.00 9.47  ? 85  ARG A N    1 
ATOM   640  C CA   . ARG A 1 85  ? -11.036 -5.444  -0.047  1.00 9.12  ? 85  ARG A CA   1 
ATOM   641  C C    . ARG A 1 85  ? -10.614 -5.173  1.394   1.00 8.23  ? 85  ARG A C    1 
ATOM   642  O O    . ARG A 1 85  ? -9.490  -4.749  1.668   1.00 5.11  ? 85  ARG A O    1 
ATOM   643  C CB   . ARG A 1 85  ? -10.709 -6.916  -0.359  1.00 8.88  ? 85  ARG A CB   1 
ATOM   644  C CG   . ARG A 1 85  ? -11.296 -7.457  -1.646  1.00 11.54 ? 85  ARG A CG   1 
ATOM   645  C CD   . ARG A 1 85  ? -11.158 -8.981  -1.737  1.00 13.33 ? 85  ARG A CD   1 
ATOM   646  N NE   . ARG A 1 85  ? -11.973 -9.510  -2.824  1.00 13.26 ? 85  ARG A NE   1 
ATOM   647  C CZ   . ARG A 1 85  ? -11.849 -10.731 -3.330  1.00 18.36 ? 85  ARG A CZ   1 
ATOM   648  N NH1  . ARG A 1 85  ? -10.934 -11.575 -2.854  1.00 17.70 ? 85  ARG A NH1  1 
ATOM   649  N NH2  . ARG A 1 85  ? -12.645 -11.113 -4.324  1.00 19.06 ? 85  ARG A NH2  1 
ATOM   650  H HH11 . ARG A 1 85  ? -10.002 -11.256 -2.681  1.00 10.00 ? 85  ARG A HH11 1 
ATOM   651  H HH12 . ARG A 1 85  ? -11.180 -12.526 -2.670  1.00 10.00 ? 85  ARG A HH12 1 
ATOM   652  H HH21 . ARG A 1 85  ? -13.625 -10.918 -4.282  1.00 10.00 ? 85  ARG A HH21 1 
ATOM   653  H HH22 . ARG A 1 85  ? -12.263 -11.594 -5.113  1.00 10.00 ? 85  ARG A HH22 1 
ATOM   654  N N    . THR A 1 86  ? -11.544 -5.417  2.316   1.00 6.92  ? 86  THR A N    1 
ATOM   655  C CA   . THR A 1 86  ? -11.262 -5.293  3.731   1.00 8.59  ? 86  THR A CA   1 
ATOM   656  C C    . THR A 1 86  ? -11.091 -6.731  4.228   1.00 10.39 ? 86  THR A C    1 
ATOM   657  O O    . THR A 1 86  ? -11.758 -7.645  3.742   1.00 11.12 ? 86  THR A O    1 
ATOM   658  C CB   . THR A 1 86  ? -12.401 -4.589  4.492   1.00 8.76  ? 86  THR A CB   1 
ATOM   659  O OG1  . THR A 1 86  ? -13.637 -5.257  4.244   1.00 9.95  ? 86  THR A OG1  1 
ATOM   660  C CG2  . THR A 1 86  ? -12.512 -3.153  4.049   1.00 11.71 ? 86  THR A CG2  1 
ATOM   661  N N    . ASP A 1 87  ? -10.193 -6.941  5.187   1.00 10.06 ? 87  ASP A N    1 
ATOM   662  C CA   . ASP A 1 87  ? -9.927  -8.282  5.709   1.00 11.20 ? 87  ASP A CA   1 
ATOM   663  C C    . ASP A 1 87  ? -10.030 -8.255  7.222   1.00 12.14 ? 87  ASP A C    1 
ATOM   664  O O    . ASP A 1 87  ? -9.365  -7.457  7.884   1.00 12.26 ? 87  ASP A O    1 
ATOM   665  C CB   . ASP A 1 87  ? -8.522  -8.713  5.265   1.00 10.83 ? 87  ASP A CB   1 
ATOM   666  C CG   . ASP A 1 87  ? -8.076  -10.041 5.869   1.00 13.20 ? 87  ASP A CG   1 
ATOM   667  O OD1  . ASP A 1 87  ? -8.908  -10.795 6.402   1.00 11.16 ? 87  ASP A OD1  1 
ATOM   668  O OD2  . ASP A 1 87  ? -6.863  -10.333 5.792   1.00 11.58 ? 87  ASP A OD2  1 
ATOM   669  N N    . SER A 1 88  ? -10.887 -9.112  7.770   1.00 12.74 ? 88  SER A N    1 
ATOM   670  C CA   . SER A 1 88  ? -11.084 -9.170  9.210   1.00 12.88 ? 88  SER A CA   1 
ATOM   671  C C    . SER A 1 88  ? -10.752 -10.537 9.785   1.00 13.04 ? 88  SER A C    1 
ATOM   672  O O    . SER A 1 88  ? -11.074 -10.821 10.929  1.00 12.86 ? 88  SER A O    1 
ATOM   673  C CB   . SER A 1 88  ? -12.545 -8.852  9.540   1.00 14.89 ? 88  SER A CB   1 
ATOM   674  O OG   . SER A 1 88  ? -13.406 -9.817  8.951   1.00 16.32 ? 88  SER A OG   1 
ATOM   675  N N    . ASN A 1 89  ? -10.124 -11.383 8.984   1.00 13.83 ? 89  ASN A N    1 
ATOM   676  C CA   . ASN A 1 89  ? -9.789  -12.720 9.440   1.00 14.36 ? 89  ASN A CA   1 
ATOM   677  C C    . ASN A 1 89  ? -8.624  -12.787 10.421  1.00 14.43 ? 89  ASN A C    1 
ATOM   678  O O    . ASN A 1 89  ? -8.298  -13.853 10.932  1.00 13.91 ? 89  ASN A O    1 
ATOM   679  C CB   . ASN A 1 89  ? -9.537  -13.625 8.239   1.00 18.36 ? 89  ASN A CB   1 
ATOM   680  C CG   . ASN A 1 89  ? -10.837 -14.067 7.582   1.00 25.33 ? 89  ASN A CG   1 
ATOM   681  O OD1  . ASN A 1 89  ? -11.896 -14.094 8.227   1.00 25.59 ? 89  ASN A OD1  1 
ATOM   682  N ND2  . ASN A 1 89  ? -10.776 -14.409 6.304   1.00 26.21 ? 89  ASN A ND2  1 
ATOM   683  H HD21 . ASN A 1 89  ? -10.921 -13.703 5.640   1.00 10.00 ? 89  ASN A HD21 1 
ATOM   684  H HD22 . ASN A 1 89  ? -10.593 -15.339 6.054   1.00 10.00 ? 89  ASN A HD22 1 
ATOM   685  N N    . PHE A 1 90  ? -8.025  -11.634 10.695  1.00 11.73 ? 90  PHE A N    1 
ATOM   686  C CA   . PHE A 1 90  ? -6.905  -11.547 11.619  1.00 11.70 ? 90  PHE A CA   1 
ATOM   687  C C    . PHE A 1 90  ? -7.202  -10.475 12.674  1.00 11.14 ? 90  PHE A C    1 
ATOM   688  O O    . PHE A 1 90  ? -7.827  -9.453  12.366  1.00 9.15  ? 90  PHE A O    1 
ATOM   689  C CB   . PHE A 1 90  ? -5.617  -11.179 10.860  1.00 12.07 ? 90  PHE A CB   1 
ATOM   690  C CG   . PHE A 1 90  ? -5.228  -12.164 9.773   1.00 12.06 ? 90  PHE A CG   1 
ATOM   691  C CD1  . PHE A 1 90  ? -5.704  -12.015 8.471   1.00 10.62 ? 90  PHE A CD1  1 
ATOM   692  C CD2  . PHE A 1 90  ? -4.365  -13.218 10.047  1.00 9.97  ? 90  PHE A CD2  1 
ATOM   693  C CE1  . PHE A 1 90  ? -5.328  -12.893 7.465   1.00 7.42  ? 90  PHE A CE1  1 
ATOM   694  C CE2  . PHE A 1 90  ? -3.990  -14.097 9.042   1.00 10.43 ? 90  PHE A CE2  1 
ATOM   695  C CZ   . PHE A 1 90  ? -4.476  -13.928 7.742   1.00 8.03  ? 90  PHE A CZ   1 
ATOM   696  N N    . PRO A 1 91  ? -6.808  -10.705 13.945  1.00 10.65 ? 91  PRO A N    1 
ATOM   697  C CA   . PRO A 1 91  ? -7.111  -9.633  14.895  1.00 10.53 ? 91  PRO A CA   1 
ATOM   698  C C    . PRO A 1 91  ? -6.691  -8.299  14.267  1.00 10.35 ? 91  PRO A C    1 
ATOM   699  O O    . PRO A 1 91  ? -7.385  -7.290  14.403  1.00 11.90 ? 91  PRO A O    1 
ATOM   700  C CB   . PRO A 1 91  ? -6.292  -10.012 16.132  1.00 8.06  ? 91  PRO A CB   1 
ATOM   701  C CG   . PRO A 1 91  ? -6.253  -11.498 16.084  1.00 7.98  ? 91  PRO A CG   1 
ATOM   702  C CD   . PRO A 1 91  ? -6.168  -11.856 14.605  1.00 10.06 ? 91  PRO A CD   1 
ATOM   703  N N    . ILE A 1 92  ? -5.544  -8.303  13.592  1.00 9.31  ? 92  ILE A N    1 
ATOM   704  C CA   . ILE A 1 92  ? -5.046  -7.118  12.884  1.00 8.82  ? 92  ILE A CA   1 
ATOM   705  C C    . ILE A 1 92  ? -4.263  -7.518  11.623  1.00 9.07  ? 92  ILE A C    1 
ATOM   706  O O    . ILE A 1 92  ? -3.321  -8.307  11.710  1.00 7.82  ? 92  ILE A O    1 
ATOM   707  C CB   . ILE A 1 92  ? -4.068  -6.255  13.751  1.00 9.24  ? 92  ILE A CB   1 
ATOM   708  C CG1  . ILE A 1 92  ? -4.705  -5.870  15.090  1.00 7.13  ? 92  ILE A CG1  1 
ATOM   709  C CG2  . ILE A 1 92  ? -3.689  -4.972  12.984  1.00 8.78  ? 92  ILE A CG2  1 
ATOM   710  C CD1  . ILE A 1 92  ? -3.873  -4.872  15.855  1.00 6.23  ? 92  ILE A CD1  1 
ATOM   711  N N    . GLN A 1 93  ? -4.681  -7.035  10.445  1.00 9.66  ? 93  GLN A N    1 
ATOM   712  C CA   . GLN A 1 93  ? -3.921  -7.288  9.215   1.00 8.56  ? 93  GLN A CA   1 
ATOM   713  C C    . GLN A 1 93  ? -2.973  -6.105  9.294   1.00 9.43  ? 93  GLN A C    1 
ATOM   714  O O    . GLN A 1 93  ? -3.250  -5.021  8.772   1.00 10.45 ? 93  GLN A O    1 
ATOM   715  C CB   . GLN A 1 93  ? -4.783  -7.177  7.952   1.00 6.56  ? 93  GLN A CB   1 
ATOM   716  C CG   . GLN A 1 93  ? -4.212  -7.964  6.783   1.00 6.39  ? 93  GLN A CG   1 
ATOM   717  C CD   . GLN A 1 93  ? -4.699  -7.468  5.433   1.00 8.30  ? 93  GLN A CD   1 
ATOM   718  O OE1  . GLN A 1 93  ? -4.248  -6.455  4.927   1.00 10.43 ? 93  GLN A OE1  1 
ATOM   719  N NE2  . GLN A 1 93  ? -5.627  -8.192  4.858   1.00 6.06  ? 93  GLN A NE2  1 
ATOM   720  H HE21 . GLN A 1 93  ? -5.522  -8.389  3.905   1.00 10.00 ? 93  GLN A HE21 1 
ATOM   721  H HE22 . GLN A 1 93  ? -6.390  -8.516  5.382   1.00 10.00 ? 93  GLN A HE22 1 
ATOM   722  N N    . HIS A 1 94  ? -1.859  -6.321  9.979   1.00 9.95  ? 94  HIS A N    1 
ATOM   723  C CA   . HIS A 1 94  ? -0.869  -5.277  10.254  1.00 7.92  ? 94  HIS A CA   1 
ATOM   724  C C    . HIS A 1 94  ? 0.173   -4.882  9.198   1.00 7.17  ? 94  HIS A C    1 
ATOM   725  O O    . HIS A 1 94  ? 0.895   -3.898  9.393   1.00 3.49  ? 94  HIS A O    1 
ATOM   726  C CB   . HIS A 1 94  ? -0.162  -5.641  11.574  1.00 9.03  ? 94  HIS A CB   1 
ATOM   727  C CG   . HIS A 1 94  ? 0.433   -4.476  12.304  1.00 8.54  ? 94  HIS A CG   1 
ATOM   728  N ND1  . HIS A 1 94  ? 1.780   -4.354  12.532  1.00 8.28  ? 94  HIS A ND1  1 
ATOM   729  C CD2  . HIS A 1 94  ? -0.145  -3.368  12.832  1.00 6.76  ? 94  HIS A CD2  1 
ATOM   730  C CE1  . HIS A 1 94  ? 2.021   -3.232  13.195  1.00 7.62  ? 94  HIS A CE1  1 
ATOM   731  N NE2  . HIS A 1 94  ? 0.867   -2.614  13.380  1.00 9.32  ? 94  HIS A NE2  1 
ATOM   732  N N    . ASP A 1 95  ? 0.251   -5.620  8.089   1.00 7.22  ? 95  ASP A N    1 
ATOM   733  C CA   . ASP A 1 95  ? 1.218   -5.324  7.029   1.00 7.40  ? 95  ASP A CA   1 
ATOM   734  C C    . ASP A 1 95  ? 1.045   -3.951  6.389   1.00 9.04  ? 95  ASP A C    1 
ATOM   735  O O    . ASP A 1 95  ? -0.077  -3.486  6.186   1.00 8.82  ? 95  ASP A O    1 
ATOM   736  C CB   . ASP A 1 95  ? 1.132   -6.356  5.895   1.00 6.31  ? 95  ASP A CB   1 
ATOM   737  C CG   . ASP A 1 95  ? 1.241   -7.782  6.389   1.00 7.61  ? 95  ASP A CG   1 
ATOM   738  O OD1  . ASP A 1 95  ? 0.190   -8.370  6.722   1.00 7.15  ? 95  ASP A OD1  1 
ATOM   739  O OD2  . ASP A 1 95  ? 2.370   -8.318  6.442   1.00 6.36  ? 95  ASP A OD2  1 
ATOM   740  N N    . LYS A 1 96  ? 2.171   -3.305  6.070   1.00 8.99  ? 96  LYS A N    1 
ATOM   741  C CA   . LYS A 1 96  ? 2.191   -2.011  5.383   1.00 7.77  ? 96  LYS A CA   1 
ATOM   742  C C    . LYS A 1 96  ? 3.142   -2.344  4.233   1.00 7.47  ? 96  LYS A C    1 
ATOM   743  O O    . LYS A 1 96  ? 4.350   -2.102  4.296   1.00 6.00  ? 96  LYS A O    1 
ATOM   744  C CB   . LYS A 1 96  ? 2.779   -0.905  6.281   1.00 7.29  ? 96  LYS A CB   1 
ATOM   745  C CG   . LYS A 1 96  ? 2.151   -0.828  7.667   1.00 5.89  ? 96  LYS A CG   1 
ATOM   746  C CD   . LYS A 1 96  ? 2.977   -1.649  8.689   1.00 5.39  ? 96  LYS A CD   1 
ATOM   747  C CE   . LYS A 1 96  ? 2.759   -1.191  10.130  1.00 3.77  ? 96  LYS A CE   1 
ATOM   748  N NZ   . LYS A 1 96  ? 1.323   -1.262  10.516  1.00 4.89  ? 96  LYS A NZ   1 
ATOM   749  N N    . VAL A 1 97  ? 2.574   -2.922  3.188   1.00 6.58  ? 97  VAL A N    1 
ATOM   750  C CA   . VAL A 1 97  ? 3.357   -3.390  2.055   1.00 6.83  ? 97  VAL A CA   1 
ATOM   751  C C    . VAL A 1 97  ? 2.830   -2.972  0.683   1.00 7.62  ? 97  VAL A C    1 
ATOM   752  O O    . VAL A 1 97  ? 1.623   -2.954  0.444   1.00 6.68  ? 97  VAL A O    1 
ATOM   753  C CB   . VAL A 1 97  ? 3.404   -4.942  2.073   1.00 7.38  ? 97  VAL A CB   1 
ATOM   754  C CG1  . VAL A 1 97  ? 3.979   -5.481  0.749   1.00 7.16  ? 97  VAL A CG1  1 
ATOM   755  C CG2  . VAL A 1 97  ? 4.206   -5.436  3.277   1.00 5.13  ? 97  VAL A CG2  1 
ATOM   756  N N    . ILE A 1 98  ? 3.756   -2.635  -0.211  1.00 8.81  ? 98  ILE A N    1 
ATOM   757  C CA   . ILE A 1 98  ? 3.420   -2.293  -1.586  1.00 8.45  ? 98  ILE A CA   1 
ATOM   758  C C    . ILE A 1 98  ? 4.345   -3.110  -2.489  1.00 8.43  ? 98  ILE A C    1 
ATOM   759  O O    . ILE A 1 98  ? 5.563   -2.952  -2.452  1.00 7.40  ? 98  ILE A O    1 
ATOM   760  C CB   . ILE A 1 98  ? 3.617   -0.780  -1.905  1.00 8.68  ? 98  ILE A CB   1 
ATOM   761  C CG1  . ILE A 1 98  ? 2.700   0.075   -1.029  1.00 7.76  ? 98  ILE A CG1  1 
ATOM   762  C CG2  . ILE A 1 98  ? 3.254   -0.510  -3.366  1.00 8.68  ? 98  ILE A CG2  1 
ATOM   763  C CD1  . ILE A 1 98  ? 2.735   1.574   -1.344  1.00 5.00  ? 98  ILE A CD1  1 
ATOM   764  N N    . ILE A 1 99  ? 3.753   -4.025  -3.258  1.00 7.09  ? 99  ILE A N    1 
ATOM   765  C CA   . ILE A 1 99  ? 4.502   -4.858  -4.189  1.00 7.67  ? 99  ILE A CA   1 
ATOM   766  C C    . ILE A 1 99  ? 4.296   -4.243  -5.578  1.00 8.29  ? 99  ILE A C    1 
ATOM   767  O O    . ILE A 1 99  ? 3.175   -4.184  -6.080  1.00 9.26  ? 99  ILE A O    1 
ATOM   768  C CB   . ILE A 1 99  ? 3.977   -6.311  -4.197  1.00 7.28  ? 99  ILE A CB   1 
ATOM   769  C CG1  . ILE A 1 99  ? 3.984   -6.888  -2.778  1.00 9.14  ? 99  ILE A CG1  1 
ATOM   770  C CG2  . ILE A 1 99  ? 4.841   -7.168  -5.103  1.00 7.78  ? 99  ILE A CG2  1 
ATOM   771  C CD1  . ILE A 1 99  ? 3.011   -8.034  -2.588  1.00 8.54  ? 99  ILE A CD1  1 
ATOM   772  N N    . VAL A 1 100 ? 5.384   -3.789  -6.196  1.00 9.51  ? 100 VAL A N    1 
ATOM   773  C CA   . VAL A 1 100 ? 5.325   -3.135  -7.504  1.00 9.24  ? 100 VAL A CA   1 
ATOM   774  C C    . VAL A 1 100 ? 5.909   -3.935  -8.677  1.00 10.71 ? 100 VAL A C    1 
ATOM   775  O O    . VAL A 1 100 ? 7.042   -4.451  -8.616  1.00 11.20 ? 100 VAL A O    1 
ATOM   776  C CB   . VAL A 1 100 ? 6.040   -1.765  -7.419  1.00 9.02  ? 100 VAL A CB   1 
ATOM   777  C CG1  . VAL A 1 100 ? 5.952   -1.014  -8.749  1.00 9.74  ? 100 VAL A CG1  1 
ATOM   778  C CG2  . VAL A 1 100 ? 5.414   -0.945  -6.302  1.00 8.62  ? 100 VAL A CG2  1 
ATOM   779  N N    . ASP A 1 101 ? 5.114   -4.071  -9.734  1.00 9.81  ? 101 ASP A N    1 
ATOM   780  C CA   . ASP A 1 101 ? 5.538   -4.757  -10.942 1.00 11.60 ? 101 ASP A CA   1 
ATOM   781  C C    . ASP A 1 101 ? 6.104   -6.167  -10.721 1.00 13.15 ? 101 ASP A C    1 
ATOM   782  O O    . ASP A 1 101 ? 7.007   -6.605  -11.432 1.00 12.64 ? 101 ASP A O    1 
ATOM   783  C CB   . ASP A 1 101 ? 6.550   -3.877  -11.691 1.00 9.84  ? 101 ASP A CB   1 
ATOM   784  C CG   . ASP A 1 101 ? 5.917   -2.589  -12.226 1.00 10.68 ? 101 ASP A CG   1 
ATOM   785  O OD1  . ASP A 1 101 ? 4.672   -2.524  -12.272 1.00 8.24  ? 101 ASP A OD1  1 
ATOM   786  O OD2  . ASP A 1 101 ? 6.645   -1.645  -12.583 1.00 8.58  ? 101 ASP A OD2  1 
ATOM   787  N N    . ASN A 1 102 ? 5.561   -6.872  -9.736  1.00 14.41 ? 102 ASN A N    1 
ATOM   788  C CA   . ASN A 1 102 ? 5.972   -8.236  -9.443  1.00 15.61 ? 102 ASN A CA   1 
ATOM   789  C C    . ASN A 1 102 ? 7.459   -8.462  -9.151  1.00 12.40 ? 102 ASN A C    1 
ATOM   790  O O    . ASN A 1 102 ? 7.918   -9.595  -9.136  1.00 12.36 ? 102 ASN A O    1 
ATOM   791  C CB   . ASN A 1 102 ? 5.534   -9.153  -10.588 1.00 21.06 ? 102 ASN A CB   1 
ATOM   792  C CG   . ASN A 1 102 ? 5.590   -10.623 -10.213 1.00 30.26 ? 102 ASN A CG   1 
ATOM   793  O OD1  . ASN A 1 102 ? 4.683   -11.153 -9.566  1.00 33.77 ? 102 ASN A OD1  1 
ATOM   794  N ND2  . ASN A 1 102 ? 6.658   -11.293 -10.625 1.00 34.61 ? 102 ASN A ND2  1 
ATOM   795  H HD21 . ASN A 1 102 ? 6.513   -12.175 -11.023 1.00 10.00 ? 102 ASN A HD21 1 
ATOM   796  H HD22 . ASN A 1 102 ? 7.551   -10.900 -10.525 1.00 10.00 ? 102 ASN A HD22 1 
ATOM   797  N N    . VAL A 1 103 ? 8.214   -7.396  -8.927  1.00 11.22 ? 103 VAL A N    1 
ATOM   798  C CA   . VAL A 1 103 ? 9.638   -7.546  -8.640  1.00 9.46  ? 103 VAL A CA   1 
ATOM   799  C C    . VAL A 1 103 ? 10.161  -6.599  -7.576  1.00 9.48  ? 103 VAL A C    1 
ATOM   800  O O    . VAL A 1 103 ? 11.298  -6.726  -7.145  1.00 10.07 ? 103 VAL A O    1 
ATOM   801  C CB   . VAL A 1 103 ? 10.505  -7.343  -9.896  1.00 10.37 ? 103 VAL A CB   1 
ATOM   802  C CG1  . VAL A 1 103 ? 9.963   -8.154  -11.055 1.00 9.39  ? 103 VAL A CG1  1 
ATOM   803  C CG2  . VAL A 1 103 ? 10.557  -5.875  -10.239 1.00 10.06 ? 103 VAL A CG2  1 
ATOM   804  N N    . THR A 1 104 ? 9.344   -5.636  -7.164  1.00 8.63  ? 104 THR A N    1 
ATOM   805  C CA   . THR A 1 104 ? 9.777   -4.671  -6.159  1.00 8.94  ? 104 THR A CA   1 
ATOM   806  C C    . THR A 1 104 ? 8.872   -4.684  -4.937  1.00 9.62  ? 104 THR A C    1 
ATOM   807  O O    . THR A 1 104 ? 7.658   -4.852  -5.054  1.00 9.80  ? 104 THR A O    1 
ATOM   808  C CB   . THR A 1 104 ? 9.840   -3.256  -6.768  1.00 8.63  ? 104 THR A CB   1 
ATOM   809  O OG1  . THR A 1 104 ? 11.019  -3.164  -7.584  1.00 9.40  ? 104 THR A OG1  1 
ATOM   810  C CG2  . THR A 1 104 ? 9.885   -2.188  -5.686  1.00 8.20  ? 104 THR A CG2  1 
ATOM   811  N N    . VAL A 1 105 ? 9.459   -4.521  -3.751  1.00 9.27  ? 105 VAL A N    1 
ATOM   812  C CA   . VAL A 1 105 ? 8.687   -4.549  -2.511  1.00 7.75  ? 105 VAL A CA   1 
ATOM   813  C C    . VAL A 1 105 ? 9.002   -3.396  -1.569  1.00 7.99  ? 105 VAL A C    1 
ATOM   814  O O    . VAL A 1 105 ? 10.159  -3.180  -1.199  1.00 7.19  ? 105 VAL A O    1 
ATOM   815  C CB   . VAL A 1 105 ? 8.947   -5.888  -1.702  1.00 8.84  ? 105 VAL A CB   1 
ATOM   816  C CG1  . VAL A 1 105 ? 8.144   -5.878  -0.370  1.00 6.33  ? 105 VAL A CG1  1 
ATOM   817  C CG2  . VAL A 1 105 ? 8.578   -7.108  -2.547  1.00 8.02  ? 105 VAL A CG2  1 
ATOM   818  N N    . GLU A 1 106 ? 7.973   -2.645  -1.195  1.00 5.80  ? 106 GLU A N    1 
ATOM   819  C CA   . GLU A 1 106 ? 8.143   -1.567  -0.235  1.00 5.86  ? 106 GLU A CA   1 
ATOM   820  C C    . GLU A 1 106 ? 7.596   -2.165  1.054   1.00 6.85  ? 106 GLU A C    1 
ATOM   821  O O    . GLU A 1 106 ? 6.580   -2.865  1.019   1.00 7.43  ? 106 GLU A O    1 
ATOM   822  C CB   . GLU A 1 106 ? 7.276   -0.347  -0.611  1.00 7.37  ? 106 GLU A CB   1 
ATOM   823  C CG   . GLU A 1 106 ? 7.366   0.835   0.366   1.00 6.41  ? 106 GLU A CG   1 
ATOM   824  C CD   . GLU A 1 106 ? 6.457   0.689   1.577   1.00 7.32  ? 106 GLU A CD   1 
ATOM   825  O OE1  . GLU A 1 106 ? 5.384   0.067   1.452   1.00 6.39  ? 106 GLU A OE1  1 
ATOM   826  O OE2  . GLU A 1 106 ? 6.821   1.197   2.662   1.00 5.95  ? 106 GLU A OE2  1 
ATOM   827  N N    . THR A 1 107 ? 8.268   -1.926  2.180   1.00 5.68  ? 107 THR A N    1 
ATOM   828  C CA   . THR A 1 107 ? 7.779   -2.426  3.463   1.00 6.35  ? 107 THR A CA   1 
ATOM   829  C C    . THR A 1 107 ? 8.471   -1.660  4.573   1.00 6.79  ? 107 THR A C    1 
ATOM   830  O O    . THR A 1 107 ? 9.297   -0.789  4.299   1.00 6.12  ? 107 THR A O    1 
ATOM   831  C CB   . THR A 1 107 ? 7.999   -3.944  3.647   1.00 6.44  ? 107 THR A CB   1 
ATOM   832  O OG1  . THR A 1 107 ? 7.273   -4.373  4.805   1.00 7.00  ? 107 THR A OG1  1 
ATOM   833  C CG2  . THR A 1 107 ? 9.489   -4.270  3.835   1.00 6.71  ? 107 THR A CG2  1 
ATOM   834  N N    . GLY A 1 108 ? 8.124   -1.952  5.825   1.00 7.45  ? 108 GLY A N    1 
ATOM   835  C CA   . GLY A 1 108 ? 8.719   -1.243  6.946   1.00 5.54  ? 108 GLY A CA   1 
ATOM   836  C C    . GLY A 1 108 ? 7.687   -0.971  8.027   1.00 5.00  ? 108 GLY A C    1 
ATOM   837  O O    . GLY A 1 108 ? 6.696   -1.683  8.127   1.00 4.68  ? 108 GLY A O    1 
ATOM   838  N N    . SER A 1 109 ? 7.911   0.049   8.852   1.00 4.56  ? 109 SER A N    1 
ATOM   839  C CA   . SER A 1 109 ? 6.954   0.364   9.908   1.00 3.40  ? 109 SER A CA   1 
ATOM   840  C C    . SER A 1 109 ? 5.880   1.337   9.424   1.00 4.87  ? 109 SER A C    1 
ATOM   841  O O    . SER A 1 109 ? 4.775   1.376   9.962   1.00 5.97  ? 109 SER A O    1 
ATOM   842  C CB   . SER A 1 109 ? 7.665   0.983   11.116  1.00 5.20  ? 109 SER A CB   1 
ATOM   843  O OG   . SER A 1 109 ? 8.060   2.323   10.865  1.00 3.89  ? 109 SER A OG   1 
ATOM   844  N N    . PHE A 1 110 ? 6.234   2.110   8.403   1.00 3.88  ? 110 PHE A N    1 
ATOM   845  C CA   . PHE A 1 110 ? 5.387   3.156   7.816   1.00 4.37  ? 110 PHE A CA   1 
ATOM   846  C C    . PHE A 1 110 ? 3.941   2.787   7.427   1.00 5.06  ? 110 PHE A C    1 
ATOM   847  O O    . PHE A 1 110 ? 3.715   2.019   6.478   1.00 5.73  ? 110 PHE A O    1 
ATOM   848  C CB   . PHE A 1 110 ? 6.143   3.740   6.604   1.00 3.55  ? 110 PHE A CB   1 
ATOM   849  C CG   . PHE A 1 110 ? 5.464   4.923   5.932   1.00 5.86  ? 110 PHE A CG   1 
ATOM   850  C CD1  . PHE A 1 110 ? 4.538   4.730   4.909   1.00 5.82  ? 110 PHE A CD1  1 
ATOM   851  C CD2  . PHE A 1 110 ? 5.837   6.220   6.240   1.00 4.79  ? 110 PHE A CD2  1 
ATOM   852  C CE1  . PHE A 1 110 ? 4.007   5.822   4.208   1.00 5.30  ? 110 PHE A CE1  1 
ATOM   853  C CE2  . PHE A 1 110 ? 5.301   7.315   5.534   1.00 6.91  ? 110 PHE A CE2  1 
ATOM   854  C CZ   . PHE A 1 110 ? 4.398   7.112   4.527   1.00 3.10  ? 110 PHE A CZ   1 
ATOM   855  N N    . ASN A 1 111 ? 2.965   3.325   8.163   1.00 5.05  ? 111 ASN A N    1 
ATOM   856  C CA   . ASN A 1 111 ? 1.551   3.084   7.840   1.00 7.78  ? 111 ASN A CA   1 
ATOM   857  C C    . ASN A 1 111 ? 1.187   4.152   6.827   1.00 8.09  ? 111 ASN A C    1 
ATOM   858  O O    . ASN A 1 111 ? 1.804   5.215   6.786   1.00 8.75  ? 111 ASN A O    1 
ATOM   859  C CB   . ASN A 1 111 ? 0.635   3.256   9.047   1.00 6.95  ? 111 ASN A CB   1 
ATOM   860  C CG   . ASN A 1 111 ? 0.599   2.043   9.922   1.00 9.01  ? 111 ASN A CG   1 
ATOM   861  O OD1  . ASN A 1 111 ? 1.129   2.051   11.032  1.00 13.04 ? 111 ASN A OD1  1 
ATOM   862  N ND2  . ASN A 1 111 ? -0.016  0.989   9.445   1.00 5.66  ? 111 ASN A ND2  1 
ATOM   863  H HD21 . ASN A 1 111 ? 0.396   0.103   9.528   1.00 10.00 ? 111 ASN A HD21 1 
ATOM   864  H HD22 . ASN A 1 111 ? -0.883  1.129   9.013   1.00 10.00 ? 111 ASN A HD22 1 
ATOM   865  N N    . PHE A 1 112 ? 0.171   3.885   6.022   1.00 10.13 ? 112 PHE A N    1 
ATOM   866  C CA   . PHE A 1 112 ? -0.219  4.837   5.004   1.00 8.65  ? 112 PHE A CA   1 
ATOM   867  C C    . PHE A 1 112 ? -1.185  5.860   5.562   1.00 8.18  ? 112 PHE A C    1 
ATOM   868  O O    . PHE A 1 112 ? -2.371  5.921   5.205   1.00 9.97  ? 112 PHE A O    1 
ATOM   869  C CB   . PHE A 1 112 ? -0.772  4.065   3.797   1.00 7.29  ? 112 PHE A CB   1 
ATOM   870  C CG   . PHE A 1 112 ? 0.169   2.990   3.312   1.00 7.33  ? 112 PHE A CG   1 
ATOM   871  C CD1  . PHE A 1 112 ? 1.378   3.328   2.724   1.00 9.48  ? 112 PHE A CD1  1 
ATOM   872  C CD2  . PHE A 1 112 ? -0.102  1.652   3.539   1.00 6.79  ? 112 PHE A CD2  1 
ATOM   873  C CE1  . PHE A 1 112 ? 2.309   2.347   2.379   1.00 7.50  ? 112 PHE A CE1  1 
ATOM   874  C CE2  . PHE A 1 112 ? 0.814   0.679   3.199   1.00 6.65  ? 112 PHE A CE2  1 
ATOM   875  C CZ   . PHE A 1 112 ? 2.023   1.026   2.620   1.00 6.61  ? 112 PHE A CZ   1 
ATOM   876  N N    . THR A 1 113 ? -0.639  6.666   6.463   1.00 7.21  ? 113 THR A N    1 
ATOM   877  C CA   . THR A 1 113 ? -1.367  7.703   7.158   1.00 7.54  ? 113 THR A CA   1 
ATOM   878  C C    . THR A 1 113 ? -0.550  8.963   7.255   1.00 8.84  ? 113 THR A C    1 
ATOM   879  O O    . THR A 1 113 ? 0.663   8.977   7.042   1.00 8.02  ? 113 THR A O    1 
ATOM   880  C CB   . THR A 1 113 ? -1.673  7.302   8.611   1.00 9.51  ? 113 THR A CB   1 
ATOM   881  O OG1  . THR A 1 113 ? -0.439  7.274   9.352   1.00 9.07  ? 113 THR A OG1  1 
ATOM   882  C CG2  . THR A 1 113 ? -2.332  5.941   8.664   1.00 6.91  ? 113 THR A CG2  1 
ATOM   883  N N    . LYS A 1 114 ? -1.264  10.017  7.621   1.00 8.58  ? 114 LYS A N    1 
ATOM   884  C CA   . LYS A 1 114 ? -0.701  11.350  7.822   1.00 12.59 ? 114 LYS A CA   1 
ATOM   885  C C    . LYS A 1 114 ? 0.290   11.322  9.027   1.00 13.09 ? 114 LYS A C    1 
ATOM   886  O O    . LYS A 1 114 ? 1.433   11.826  8.947   1.00 11.90 ? 114 LYS A O    1 
ATOM   887  C CB   . LYS A 1 114 ? -1.857  12.343  8.088   1.00 15.56 ? 114 LYS A CB   1 
ATOM   888  C CG   . LYS A 1 114 ? -3.262  11.907  7.517   1.00 21.64 ? 114 LYS A CG   1 
ATOM   889  C CD   . LYS A 1 114 ? -3.838  10.577  8.120   1.00 17.25 ? 114 LYS A CD   1 
ATOM   890  C CE   . LYS A 1 114 ? -4.221  10.636  9.604   1.00 18.60 ? 114 LYS A CE   1 
ATOM   891  N NZ   . LYS A 1 114 ? -3.143  10.114  10.517  1.00 12.72 ? 114 LYS A NZ   1 
ATOM   892  N N    . ALA A 1 115 ? -0.138  10.713  10.131  1.00 10.61 ? 115 ALA A N    1 
ATOM   893  C CA   . ALA A 1 115 ? 0.708   10.622  11.319  1.00 8.21  ? 115 ALA A CA   1 
ATOM   894  C C    . ALA A 1 115 ? 2.017   9.912   10.970  1.00 8.71  ? 115 ALA A C    1 
ATOM   895  O O    . ALA A 1 115 ? 3.083   10.295  11.441  1.00 9.04  ? 115 ALA A O    1 
ATOM   896  C CB   . ALA A 1 115 ? -0.026  9.889   12.426  1.00 4.76  ? 115 ALA A CB   1 
ATOM   897  N N    . ALA A 1 116 ? 1.936   8.890   10.122  1.00 7.60  ? 116 ALA A N    1 
ATOM   898  C CA   . ALA A 1 116 ? 3.124   8.142   9.705   1.00 7.67  ? 116 ALA A CA   1 
ATOM   899  C C    . ALA A 1 116 ? 4.098   8.973   8.861   1.00 8.11  ? 116 ALA A C    1 
ATOM   900  O O    . ALA A 1 116 ? 5.319   8.761   8.893   1.00 7.90  ? 116 ALA A O    1 
ATOM   901  C CB   . ALA A 1 116 ? 2.701   6.916   8.915   1.00 7.57  ? 116 ALA A CB   1 
ATOM   902  N N    . GLU A 1 117 ? 3.546   9.909   8.096   1.00 7.37  ? 117 GLU A N    1 
ATOM   903  C CA   . GLU A 1 117 ? 4.333   10.770  7.215   1.00 8.86  ? 117 GLU A CA   1 
ATOM   904  C C    . GLU A 1 117 ? 4.976   11.977  7.877   1.00 9.15  ? 117 GLU A C    1 
ATOM   905  O O    . GLU A 1 117 ? 6.099   12.361  7.547   1.00 8.03  ? 117 GLU A O    1 
ATOM   906  C CB   . GLU A 1 117 ? 3.450   11.314  6.076   1.00 7.92  ? 117 GLU A CB   1 
ATOM   907  C CG   . GLU A 1 117 ? 2.637   10.260  5.331   1.00 9.64  ? 117 GLU A CG   1 
ATOM   908  C CD   . GLU A 1 117 ? 1.784   10.832  4.188   1.00 9.41  ? 117 GLU A CD   1 
ATOM   909  O OE1  . GLU A 1 117 ? 1.097   11.856  4.394   1.00 8.63  ? 117 GLU A OE1  1 
ATOM   910  O OE2  . GLU A 1 117 ? 1.798   10.244  3.084   1.00 8.27  ? 117 GLU A OE2  1 
ATOM   911  N N    . THR A 1 118 ? 4.262   12.530  8.841   1.00 9.60  ? 118 THR A N    1 
ATOM   912  C CA   . THR A 1 118 ? 4.666   13.780  9.461   1.00 13.20 ? 118 THR A CA   1 
ATOM   913  C C    . THR A 1 118 ? 4.929   13.866  10.972  1.00 12.85 ? 118 THR A C    1 
ATOM   914  O O    . THR A 1 118 ? 5.503   14.845  11.442  1.00 12.71 ? 118 THR A O    1 
ATOM   915  C CB   . THR A 1 118 ? 3.578   14.823  9.071   1.00 13.56 ? 118 THR A CB   1 
ATOM   916  O OG1  . THR A 1 118 ? 4.000   15.555  7.914   1.00 16.97 ? 118 THR A OG1  1 
ATOM   917  C CG2  . THR A 1 118 ? 3.244   15.721  10.220  1.00 15.76 ? 118 THR A CG2  1 
ATOM   918  N N    . LYS A 1 119 ? 4.531   12.852  11.728  1.00 12.57 ? 119 LYS A N    1 
ATOM   919  C CA   . LYS A 1 119 ? 4.698   12.919  13.188  1.00 13.15 ? 119 LYS A CA   1 
ATOM   920  C C    . LYS A 1 119 ? 5.533   11.819  13.851  1.00 11.03 ? 119 LYS A C    1 
ATOM   921  O O    . LYS A 1 119 ? 6.390   12.102  14.679  1.00 10.36 ? 119 LYS A O    1 
ATOM   922  C CB   . LYS A 1 119 ? 3.317   12.943  13.864  1.00 15.10 ? 119 LYS A CB   1 
ATOM   923  C CG   . LYS A 1 119 ? 2.272   13.832  13.181  1.00 18.18 ? 119 LYS A CG   1 
ATOM   924  C CD   . LYS A 1 119 ? 2.177   15.194  13.851  1.00 22.14 ? 119 LYS A CD   1 
ATOM   925  C CE   . LYS A 1 119 ? 1.393   16.202  12.994  1.00 23.87 ? 119 LYS A CE   1 
ATOM   926  N NZ   . LYS A 1 119 ? -0.011  15.752  12.705  1.00 23.11 ? 119 LYS A NZ   1 
ATOM   927  N N    . ASN A 1 120 ? 5.249   10.569  13.501  1.00 9.81  ? 120 ASN A N    1 
ATOM   928  C CA   . ASN A 1 120 ? 5.943   9.431   14.089  1.00 8.72  ? 120 ASN A CA   1 
ATOM   929  C C    . ASN A 1 120 ? 7.338   9.195   13.547  1.00 8.17  ? 120 ASN A C    1 
ATOM   930  O O    . ASN A 1 120 ? 7.706   9.695   12.483  1.00 6.21  ? 120 ASN A O    1 
ATOM   931  C CB   . ASN A 1 120 ? 5.136   8.166   13.840  1.00 6.89  ? 120 ASN A CB   1 
ATOM   932  C CG   . ASN A 1 120 ? 3.763   8.222   14.468  1.00 7.84  ? 120 ASN A CG   1 
ATOM   933  O OD1  . ASN A 1 120 ? 3.508   9.006   15.374  1.00 5.93  ? 120 ASN A OD1  1 
ATOM   934  N ND2  . ASN A 1 120 ? 2.865   7.384   13.980  1.00 9.88  ? 120 ASN A ND2  1 
ATOM   935  H HD21 . ASN A 1 120 ? 2.291   6.872   14.588  1.00 10.00 ? 120 ASN A HD21 1 
ATOM   936  H HD22 . ASN A 1 120 ? 2.804   7.304   13.005  1.00 10.00 ? 120 ASN A HD22 1 
ATOM   937  N N    . SER A 1 121 ? 8.125   8.440   14.305  1.00 6.93  ? 121 SER A N    1 
ATOM   938  C CA   . SER A 1 121 ? 9.432   8.043   13.814  1.00 7.33  ? 121 SER A CA   1 
ATOM   939  C C    . SER A 1 121 ? 9.078   6.740   13.099  1.00 6.36  ? 121 SER A C    1 
ATOM   940  O O    . SER A 1 121 ? 8.381   5.866   13.656  1.00 5.28  ? 121 SER A O    1 
ATOM   941  C CB   . SER A 1 121 ? 10.418  7.767   14.950  1.00 6.44  ? 121 SER A CB   1 
ATOM   942  O OG   . SER A 1 121 ? 11.644  7.313   14.411  1.00 5.61  ? 121 SER A OG   1 
ATOM   943  N N    . GLU A 1 122 ? 9.497   6.632   11.840  1.00 6.60  ? 122 GLU A N    1 
ATOM   944  C CA   . GLU A 1 122 ? 9.217   5.456   11.022  1.00 6.96  ? 122 GLU A CA   1 
ATOM   945  C C    . GLU A 1 122 ? 10.354  5.237   10.060  1.00 7.27  ? 122 GLU A C    1 
ATOM   946  O O    . GLU A 1 122 ? 11.225  6.083   9.892   1.00 5.86  ? 122 GLU A O    1 
ATOM   947  C CB   . GLU A 1 122 ? 7.962   5.643   10.141  1.00 7.25  ? 122 GLU A CB   1 
ATOM   948  C CG   . GLU A 1 122 ? 6.758   6.257   10.793  1.00 6.17  ? 122 GLU A CG   1 
ATOM   949  C CD   . GLU A 1 122 ? 5.827   5.231   11.375  1.00 6.20  ? 122 GLU A CD   1 
ATOM   950  O OE1  . GLU A 1 122 ? 6.190   4.041   11.397  1.00 7.34  ? 122 GLU A OE1  1 
ATOM   951  O OE2  . GLU A 1 122 ? 4.727   5.621   11.811  1.00 6.48  ? 122 GLU A OE2  1 
ATOM   952  N N    . ASN A 1 123 ? 10.327  4.078   9.415   1.00 7.90  ? 123 ASN A N    1 
ATOM   953  C CA   . ASN A 1 123 ? 11.292  3.763   8.382   1.00 7.12  ? 123 ASN A CA   1 
ATOM   954  C C    . ASN A 1 123 ? 10.510  3.040   7.299   1.00 7.16  ? 123 ASN A C    1 
ATOM   955  O O    . ASN A 1 123 ? 9.568   2.295   7.584   1.00 5.71  ? 123 ASN A O    1 
ATOM   956  C CB   . ASN A 1 123 ? 12.420  2.862   8.909   1.00 8.20  ? 123 ASN A CB   1 
ATOM   957  C CG   . ASN A 1 123 ? 11.957  1.451   9.213   1.00 8.68  ? 123 ASN A CG   1 
ATOM   958  O OD1  . ASN A 1 123 ? 11.426  1.179   10.288  1.00 11.15 ? 123 ASN A OD1  1 
ATOM   959  N ND2  . ASN A 1 123 ? 12.140  0.551   8.269   1.00 2.83  ? 123 ASN A ND2  1 
ATOM   960  H HD21 . ASN A 1 123 ? 11.846  -0.364  8.454   1.00 10.00 ? 123 ASN A HD21 1 
ATOM   961  H HD22 . ASN A 1 123 ? 12.558  0.808   7.421   1.00 10.00 ? 123 ASN A HD22 1 
ATOM   962  N N    . ALA A 1 124 ? 10.858  3.308   6.044   1.00 6.89  ? 124 ALA A N    1 
ATOM   963  C CA   . ALA A 1 124 ? 10.254  2.624   4.920   1.00 7.42  ? 124 ALA A CA   1 
ATOM   964  C C    . ALA A 1 124 ? 11.404  2.216   4.034   1.00 6.68  ? 124 ALA A C    1 
ATOM   965  O O    . ALA A 1 124 ? 12.334  3.001   3.821   1.00 6.78  ? 124 ALA A O    1 
ATOM   966  C CB   . ALA A 1 124 ? 9.291   3.569   4.133   1.00 7.41  ? 124 ALA A CB   1 
ATOM   967  N N    . VAL A 1 125 ? 11.371  0.978   3.541   1.00 6.53  ? 125 VAL A N    1 
ATOM   968  C CA   . VAL A 1 125 ? 12.407  0.521   2.639   1.00 6.93  ? 125 VAL A CA   1 
ATOM   969  C C    . VAL A 1 125 ? 11.774  0.050   1.341   1.00 7.80  ? 125 VAL A C    1 
ATOM   970  O O    . VAL A 1 125 ? 10.638  -0.445  1.324   1.00 5.09  ? 125 VAL A O    1 
ATOM   971  C CB   . VAL A 1 125 ? 13.231  -0.654  3.240   1.00 8.24  ? 125 VAL A CB   1 
ATOM   972  C CG1  . VAL A 1 125 ? 13.938  -0.190  4.500   1.00 7.31  ? 125 VAL A CG1  1 
ATOM   973  C CG2  . VAL A 1 125 ? 12.325  -1.842  3.529   1.00 6.26  ? 125 VAL A CG2  1 
ATOM   974  N N    . VAL A 1 126 ? 12.493  0.258   0.240   1.00 6.39  ? 126 VAL A N    1 
ATOM   975  C CA   . VAL A 1 126 ? 12.029  -0.216  -1.049  1.00 7.19  ? 126 VAL A CA   1 
ATOM   976  C C    . VAL A 1 126 ? 13.115  -1.121  -1.590  1.00 7.90  ? 126 VAL A C    1 
ATOM   977  O O    . VAL A 1 126 ? 14.231  -0.679  -1.843  1.00 9.37  ? 126 VAL A O    1 
ATOM   978  C CB   . VAL A 1 126 ? 11.750  0.938   -2.044  1.00 6.19  ? 126 VAL A CB   1 
ATOM   979  C CG1  . VAL A 1 126 ? 11.353  0.353   -3.394  1.00 5.42  ? 126 VAL A CG1  1 
ATOM   980  C CG2  . VAL A 1 126 ? 10.616  1.831   -1.518  1.00 4.13  ? 126 VAL A CG2  1 
ATOM   981  N N    . ILE A 1 127 ? 12.790  -2.408  -1.706  1.00 8.61  ? 127 ILE A N    1 
ATOM   982  C CA   . ILE A 1 127 ? 13.721  -3.415  -2.207  1.00 8.88  ? 127 ILE A CA   1 
ATOM   983  C C    . ILE A 1 127 ? 13.405  -3.615  -3.678  1.00 10.62 ? 127 ILE A C    1 
ATOM   984  O O    . ILE A 1 127 ? 12.422  -4.269  -4.032  1.00 10.06 ? 127 ILE A O    1 
ATOM   985  C CB   . ILE A 1 127 ? 13.554  -4.765  -1.442  1.00 10.33 ? 127 ILE A CB   1 
ATOM   986  C CG1  . ILE A 1 127 ? 13.668  -4.522  0.067   1.00 11.05 ? 127 ILE A CG1  1 
ATOM   987  C CG2  . ILE A 1 127 ? 14.620  -5.763  -1.893  1.00 10.40 ? 127 ILE A CG2  1 
ATOM   988  C CD1  . ILE A 1 127 ? 13.085  -5.635  0.926   1.00 10.71 ? 127 ILE A CD1  1 
ATOM   989  N N    . TRP A 1 128 ? 14.238  -3.027  -4.530  1.00 10.38 ? 128 TRP A N    1 
ATOM   990  C CA   . TRP A 1 128 ? 14.055  -3.088  -5.974  1.00 12.46 ? 128 TRP A CA   1 
ATOM   991  C C    . TRP A 1 128 ? 14.636  -4.296  -6.690  1.00 12.78 ? 128 TRP A C    1 
ATOM   992  O O    . TRP A 1 128 ? 15.728  -4.769  -6.374  1.00 13.22 ? 128 TRP A O    1 
ATOM   993  C CB   . TRP A 1 128 ? 14.685  -1.865  -6.641  1.00 12.00 ? 128 TRP A CB   1 
ATOM   994  C CG   . TRP A 1 128 ? 14.193  -0.547  -6.167  1.00 11.93 ? 128 TRP A CG   1 
ATOM   995  C CD1  . TRP A 1 128 ? 14.749  0.242   -5.196  1.00 12.17 ? 128 TRP A CD1  1 
ATOM   996  C CD2  . TRP A 1 128 ? 13.094  0.197   -6.705  1.00 12.61 ? 128 TRP A CD2  1 
ATOM   997  N NE1  . TRP A 1 128 ? 14.064  1.429   -5.101  1.00 11.91 ? 128 TRP A NE1  1 
ATOM   998  C CE2  . TRP A 1 128 ? 13.045  1.425   -6.017  1.00 13.14 ? 128 TRP A CE2  1 
ATOM   999  C CE3  . TRP A 1 128 ? 12.151  -0.062  -7.705  1.00 13.56 ? 128 TRP A CE3  1 
ATOM   1000 C CZ2  . TRP A 1 128 ? 12.082  2.400   -6.295  1.00 14.17 ? 128 TRP A CZ2  1 
ATOM   1001 C CZ3  . TRP A 1 128 ? 11.196  0.907   -7.978  1.00 12.78 ? 128 TRP A CZ3  1 
ATOM   1002 C CH2  . TRP A 1 128 ? 11.175  2.124   -7.281  1.00 12.73 ? 128 TRP A CH2  1 
ATOM   1003 N N    . ASN A 1 129 ? 13.901  -4.759  -7.689  1.00 13.50 ? 129 ASN A N    1 
ATOM   1004 C CA   . ASN A 1 129 ? 14.341  -5.844  -8.545  1.00 14.69 ? 129 ASN A CA   1 
ATOM   1005 C C    . ASN A 1 129 ? 14.863  -7.106  -7.870  1.00 12.83 ? 129 ASN A C    1 
ATOM   1006 O O    . ASN A 1 129 ? 16.019  -7.487  -8.022  1.00 14.35 ? 129 ASN A O    1 
ATOM   1007 C CB   . ASN A 1 129 ? 15.388  -5.286  -9.524  1.00 15.62 ? 129 ASN A CB   1 
ATOM   1008 C CG   . ASN A 1 129 ? 14.847  -4.106  -10.328 1.00 17.42 ? 129 ASN A CG   1 
ATOM   1009 O OD1  . ASN A 1 129 ? 15.271  -2.956  -10.178 1.00 15.96 ? 129 ASN A OD1  1 
ATOM   1010 N ND2  . ASN A 1 129 ? 13.881  -4.384  -11.186 1.00 16.59 ? 129 ASN A ND2  1 
ATOM   1011 H HD21 . ASN A 1 129 ? 12.944  -4.341  -10.901 1.00 10.00 ? 129 ASN A HD21 1 
ATOM   1012 H HD22 . ASN A 1 129 ? 14.142  -4.628  -12.098 1.00 10.00 ? 129 ASN A HD22 1 
ATOM   1013 N N    . MET A 1 130 ? 13.977  -7.741  -7.119  1.00 13.12 ? 130 MET A N    1 
ATOM   1014 C CA   . MET A 1 130 ? 14.267  -8.992  -6.431  1.00 13.08 ? 130 MET A CA   1 
ATOM   1015 C C    . MET A 1 130 ? 13.013  -9.809  -6.661  1.00 13.44 ? 130 MET A C    1 
ATOM   1016 O O    . MET A 1 130 ? 12.161  -9.931  -5.781  1.00 14.99 ? 130 MET A O    1 
ATOM   1017 C CB   . MET A 1 130 ? 14.481  -8.758  -4.935  1.00 13.54 ? 130 MET A CB   1 
ATOM   1018 C CG   . MET A 1 130 ? 15.862  -8.258  -4.587  1.00 17.18 ? 130 MET A CG   1 
ATOM   1019 S SD   . MET A 1 130 ? 16.343  -8.582  -2.875  1.00 19.51 ? 130 MET A SD   1 
ATOM   1020 C CE   . MET A 1 130 ? 16.522  -10.336 -2.892  1.00 16.81 ? 130 MET A CE   1 
ATOM   1021 N N    . PRO A 1 131 ? 12.880  -10.387 -7.861  1.00 12.49 ? 131 PRO A N    1 
ATOM   1022 C CA   . PRO A 1 131 ? 11.709  -11.191 -8.213  1.00 11.91 ? 131 PRO A CA   1 
ATOM   1023 C C    . PRO A 1 131 ? 11.298  -12.260 -7.210  1.00 9.84  ? 131 PRO A C    1 
ATOM   1024 O O    . PRO A 1 131 ? 10.124  -12.401 -6.911  1.00 8.95  ? 131 PRO A O    1 
ATOM   1025 C CB   . PRO A 1 131 ? 12.068  -11.779 -9.572  1.00 12.45 ? 131 PRO A CB   1 
ATOM   1026 C CG   . PRO A 1 131 ? 13.098  -10.855 -10.125 1.00 13.77 ? 131 PRO A CG   1 
ATOM   1027 C CD   . PRO A 1 131 ? 13.863  -10.322 -8.953  1.00 12.57 ? 131 PRO A CD   1 
ATOM   1028 N N    . LYS A 1 132 ? 12.252  -13.020 -6.691  1.00 12.83 ? 132 LYS A N    1 
ATOM   1029 C CA   . LYS A 1 132 ? 11.920  -14.080 -5.736  1.00 13.65 ? 132 LYS A CA   1 
ATOM   1030 C C    . LYS A 1 132 ? 11.320  -13.542 -4.457  1.00 12.35 ? 132 LYS A C    1 
ATOM   1031 O O    . LYS A 1 132 ? 10.416  -14.150 -3.882  1.00 12.71 ? 132 LYS A O    1 
ATOM   1032 C CB   . LYS A 1 132 ? 13.146  -14.924 -5.388  1.00 15.60 ? 132 LYS A CB   1 
ATOM   1033 C CG   . LYS A 1 132 ? 14.023  -15.250 -6.572  1.00 20.23 ? 132 LYS A CG   1 
ATOM   1034 C CD   . LYS A 1 132 ? 15.376  -14.540 -6.442  1.00 23.86 ? 132 LYS A CD   1 
ATOM   1035 C CE   . LYS A 1 132 ? 15.272  -13.066 -6.810  1.00 18.71 ? 132 LYS A CE   1 
ATOM   1036 N NZ   . LYS A 1 132 ? 15.776  -12.235 -5.706  1.00 16.55 ? 132 LYS A NZ   1 
ATOM   1037 N N    . LEU A 1 133 ? 11.832  -12.412 -3.998  1.00 11.18 ? 133 LEU A N    1 
ATOM   1038 C CA   . LEU A 1 133 ? 11.312  -11.819 -2.778  1.00 9.88  ? 133 LEU A CA   1 
ATOM   1039 C C    . LEU A 1 133 ? 9.888   -11.332 -3.017  1.00 10.10 ? 133 LEU A C    1 
ATOM   1040 O O    . LEU A 1 133 ? 9.002   -11.524 -2.184  1.00 9.10  ? 133 LEU A O    1 
ATOM   1041 C CB   . LEU A 1 133 ? 12.187  -10.644 -2.342  1.00 7.74  ? 133 LEU A CB   1 
ATOM   1042 C CG   . LEU A 1 133 ? 11.753  -10.033 -1.005  1.00 6.82  ? 133 LEU A CG   1 
ATOM   1043 C CD1  . LEU A 1 133 ? 12.058  -11.019 0.129   1.00 4.33  ? 133 LEU A CD1  1 
ATOM   1044 C CD2  . LEU A 1 133 ? 12.469  -8.697  -0.779  1.00 5.59  ? 133 LEU A CD2  1 
ATOM   1045 N N    . ALA A 1 134 ? 9.665   -10.719 -4.173  1.00 8.97  ? 134 ALA A N    1 
ATOM   1046 C CA   . ALA A 1 134 ? 8.349   -10.188 -4.501  1.00 8.83  ? 134 ALA A CA   1 
ATOM   1047 C C    . ALA A 1 134 ? 7.289   -11.276 -4.716  1.00 9.20  ? 134 ALA A C    1 
ATOM   1048 O O    . ALA A 1 134 ? 6.145   -11.115 -4.282  1.00 10.68 ? 134 ALA A O    1 
ATOM   1049 C CB   . ALA A 1 134 ? 8.446   -9.271  -5.734  1.00 7.03  ? 134 ALA A CB   1 
ATOM   1050 N N    . GLU A 1 135 ? 7.642   -12.385 -5.370  1.00 9.61  ? 135 GLU A N    1 
ATOM   1051 C CA   . GLU A 1 135 ? 6.659   -13.450 -5.574  1.00 11.56 ? 135 GLU A CA   1 
ATOM   1052 C C    . GLU A 1 135 ? 6.290   -14.076 -4.237  1.00 10.84 ? 135 GLU A C    1 
ATOM   1053 O O    . GLU A 1 135 ? 5.157   -14.522 -4.034  1.00 10.91 ? 135 GLU A O    1 
ATOM   1054 C CB   . GLU A 1 135 ? 7.171   -14.523 -6.539  1.00 15.02 ? 135 GLU A CB   1 
ATOM   1055 C CG   . GLU A 1 135 ? 6.203   -15.730 -6.727  1.00 20.11 ? 135 GLU A CG   1 
ATOM   1056 C CD   . GLU A 1 135 ? 4.740   -15.349 -7.064  1.00 23.96 ? 135 GLU A CD   1 
ATOM   1057 O OE1  . GLU A 1 135 ? 4.479   -14.923 -8.223  1.00 22.95 ? 135 GLU A OE1  1 
ATOM   1058 O OE2  . GLU A 1 135 ? 3.847   -15.496 -6.176  1.00 17.59 ? 135 GLU A OE2  1 
ATOM   1059 N N    . SER A 1 136 ? 7.238   -14.114 -3.310  1.00 11.81 ? 136 SER A N    1 
ATOM   1060 C CA   . SER A 1 136 ? 6.935   -14.636 -1.985  1.00 10.92 ? 136 SER A CA   1 
ATOM   1061 C C    . SER A 1 136 ? 5.945   -13.678 -1.297  1.00 10.01 ? 136 SER A C    1 
ATOM   1062 O O    . SER A 1 136 ? 4.940   -14.103 -0.695  1.00 8.16  ? 136 SER A O    1 
ATOM   1063 C CB   . SER A 1 136 ? 8.200   -14.745 -1.131  1.00 10.35 ? 136 SER A CB   1 
ATOM   1064 O OG   . SER A 1 136 ? 7.842   -14.819 0.235   1.00 11.41 ? 136 SER A OG   1 
ATOM   1065 N N    . PHE A 1 137 ? 6.219   -12.382 -1.393  1.00 8.57  ? 137 PHE A N    1 
ATOM   1066 C CA   . PHE A 1 137 ? 5.343   -11.394 -0.788  1.00 8.02  ? 137 PHE A CA   1 
ATOM   1067 C C    . PHE A 1 137 ? 3.975   -11.449 -1.441  1.00 8.58  ? 137 PHE A C    1 
ATOM   1068 O O    . PHE A 1 137 ? 2.952   -11.230 -0.782  1.00 8.38  ? 137 PHE A O    1 
ATOM   1069 C CB   . PHE A 1 137 ? 5.931   -9.993  -0.924  1.00 7.41  ? 137 PHE A CB   1 
ATOM   1070 C CG   . PHE A 1 137 ? 6.528   -9.470  0.353   1.00 8.34  ? 137 PHE A CG   1 
ATOM   1071 C CD1  . PHE A 1 137 ? 5.732   -8.865  1.308   1.00 9.12  ? 137 PHE A CD1  1 
ATOM   1072 C CD2  . PHE A 1 137 ? 7.889   -9.577  0.592   1.00 8.60  ? 137 PHE A CD2  1 
ATOM   1073 C CE1  . PHE A 1 137 ? 6.274   -8.370  2.480   1.00 8.84  ? 137 PHE A CE1  1 
ATOM   1074 C CE2  . PHE A 1 137 ? 8.443   -9.085  1.767   1.00 10.31 ? 137 PHE A CE2  1 
ATOM   1075 C CZ   . PHE A 1 137 ? 7.631   -8.481  2.708   1.00 10.73 ? 137 PHE A CZ   1 
ATOM   1076 N N    . LEU A 1 138 ? 3.953   -11.743 -2.740  1.00 9.55  ? 138 LEU A N    1 
ATOM   1077 C CA   . LEU A 1 138 ? 2.700   -11.854 -3.495  1.00 10.60 ? 138 LEU A CA   1 
ATOM   1078 C C    . LEU A 1 138 ? 1.809   -12.970 -2.944  1.00 9.35  ? 138 LEU A C    1 
ATOM   1079 O O    . LEU A 1 138 ? 0.592   -12.818 -2.843  1.00 7.76  ? 138 LEU A O    1 
ATOM   1080 C CB   . LEU A 1 138 ? 2.999   -12.110 -4.980  1.00 12.96 ? 138 LEU A CB   1 
ATOM   1081 C CG   . LEU A 1 138 ? 1.885   -11.692 -5.947  1.00 17.95 ? 138 LEU A CG   1 
ATOM   1082 C CD1  . LEU A 1 138 ? 1.784   -10.161 -5.989  1.00 18.02 ? 138 LEU A CD1  1 
ATOM   1083 C CD2  . LEU A 1 138 ? 2.170   -12.257 -7.334  1.00 17.42 ? 138 LEU A CD2  1 
ATOM   1084 N N    . GLU A 1 139 ? 2.416   -14.098 -2.590  1.00 10.33 ? 139 GLU A N    1 
ATOM   1085 C CA   . GLU A 1 139 ? 1.664   -15.202 -2.016  1.00 11.21 ? 139 GLU A CA   1 
ATOM   1086 C C    . GLU A 1 139 ? 1.029   -14.746 -0.700  1.00 9.36  ? 139 GLU A C    1 
ATOM   1087 O O    . GLU A 1 139 ? -0.086  -15.123 -0.364  1.00 10.42 ? 139 GLU A O    1 
ATOM   1088 C CB   . GLU A 1 139 ? 2.583   -16.397 -1.762  1.00 12.45 ? 139 GLU A CB   1 
ATOM   1089 C CG   . GLU A 1 139 ? 3.037   -17.112 -3.020  1.00 17.64 ? 139 GLU A CG   1 
ATOM   1090 C CD   . GLU A 1 139 ? 4.020   -18.223 -2.709  1.00 22.59 ? 139 GLU A CD   1 
ATOM   1091 O OE1  . GLU A 1 139 ? 4.585   -18.204 -1.595  1.00 25.51 ? 139 GLU A OE1  1 
ATOM   1092 O OE2  . GLU A 1 139 ? 4.234   -19.112 -3.561  1.00 26.75 ? 139 GLU A OE2  1 
ATOM   1093 N N    . HIS A 1 140 ? 1.761   -13.916 0.031   1.00 9.69  ? 140 HIS A N    1 
ATOM   1094 C CA   . HIS A 1 140 ? 1.308   -13.357 1.314   1.00 8.35  ? 140 HIS A CA   1 
ATOM   1095 C C    . HIS A 1 140 ? 0.135   -12.418 1.035   1.00 8.92  ? 140 HIS A C    1 
ATOM   1096 O O    . HIS A 1 140 ? -0.866  -12.425 1.748   1.00 8.17  ? 140 HIS A O    1 
ATOM   1097 C CB   . HIS A 1 140 ? 2.475   -12.578 1.944   1.00 7.05  ? 140 HIS A CB   1 
ATOM   1098 C CG   . HIS A 1 140 ? 2.169   -11.955 3.270   1.00 6.16  ? 140 HIS A CG   1 
ATOM   1099 N ND1  . HIS A 1 140 ? 1.851   -12.696 4.394   1.00 6.32  ? 140 HIS A ND1  1 
ATOM   1100 C CD2  . HIS A 1 140 ? 2.272   -10.672 3.691   1.00 6.99  ? 140 HIS A CD2  1 
ATOM   1101 C CE1  . HIS A 1 140 ? 1.750   -11.891 5.439   1.00 5.21  ? 140 HIS A CE1  1 
ATOM   1102 N NE2  . HIS A 1 140 ? 2.011   -10.662 5.035   1.00 6.54  ? 140 HIS A NE2  1 
ATOM   1103 N N    . TRP A 1 141 ? 0.267   -11.608 -0.008  1.00 7.12  ? 141 TRP A N    1 
ATOM   1104 C CA   . TRP A 1 141 ? -0.786  -10.667 -0.393  1.00 8.43  ? 141 TRP A CA   1 
ATOM   1105 C C    . TRP A 1 141 ? -2.041  -11.414 -0.876  1.00 8.98  ? 141 TRP A C    1 
ATOM   1106 O O    . TRP A 1 141 ? -3.173  -11.091 -0.486  1.00 8.57  ? 141 TRP A O    1 
ATOM   1107 C CB   . TRP A 1 141 ? -0.280  -9.749  -1.518  1.00 7.66  ? 141 TRP A CB   1 
ATOM   1108 C CG   . TRP A 1 141 ? -1.310  -8.781  -1.993  1.00 7.39  ? 141 TRP A CG   1 
ATOM   1109 C CD1  . TRP A 1 141 ? -1.502  -7.514  -1.552  1.00 6.14  ? 141 TRP A CD1  1 
ATOM   1110 C CD2  . TRP A 1 141 ? -2.354  -9.041  -2.947  1.00 6.10  ? 141 TRP A CD2  1 
ATOM   1111 N NE1  . TRP A 1 141 ? -2.606  -6.962  -2.166  1.00 6.22  ? 141 TRP A NE1  1 
ATOM   1112 C CE2  . TRP A 1 141 ? -3.147  -7.881  -3.027  1.00 8.26  ? 141 TRP A CE2  1 
ATOM   1113 C CE3  . TRP A 1 141 ? -2.693  -10.151 -3.736  1.00 6.34  ? 141 TRP A CE3  1 
ATOM   1114 C CZ2  . TRP A 1 141 ? -4.264  -7.785  -3.868  1.00 7.61  ? 141 TRP A CZ2  1 
ATOM   1115 C CZ3  . TRP A 1 141 ? -3.807  -10.061 -4.573  1.00 7.99  ? 141 TRP A CZ3  1 
ATOM   1116 C CH2  . TRP A 1 141 ? -4.584  -8.881  -4.625  1.00 7.51  ? 141 TRP A CH2  1 
ATOM   1117 N N    . GLN A 1 142 ? -1.823  -12.416 -1.726  1.00 9.56  ? 142 GLN A N    1 
ATOM   1118 C CA   . GLN A 1 142 ? -2.895  -13.219 -2.306  1.00 9.34  ? 142 GLN A CA   1 
ATOM   1119 C C    . GLN A 1 142 ? -3.731  -13.954 -1.269  1.00 10.35 ? 142 GLN A C    1 
ATOM   1120 O O    . GLN A 1 142 ? -4.963  -14.031 -1.377  1.00 10.54 ? 142 GLN A O    1 
ATOM   1121 C CB   . GLN A 1 142 ? -2.297  -14.218 -3.284  1.00 9.89  ? 142 GLN A CB   1 
ATOM   1122 C CG   . GLN A 1 142 ? -3.324  -14.899 -4.141  1.00 13.19 ? 142 GLN A CG   1 
ATOM   1123 C CD   . GLN A 1 142 ? -3.975  -13.945 -5.098  1.00 15.98 ? 142 GLN A CD   1 
ATOM   1124 O OE1  . GLN A 1 142 ? -5.192  -13.782 -5.114  1.00 18.32 ? 142 GLN A OE1  1 
ATOM   1125 N NE2  . GLN A 1 142 ? -3.169  -13.286 -5.910  1.00 15.62 ? 142 GLN A NE2  1 
ATOM   1126 H HE21 . GLN A 1 142 ? -3.327  -12.326 -6.023  1.00 10.00 ? 142 GLN A HE21 1 
ATOM   1127 H HE22 . GLN A 1 142 ? -2.445  -13.759 -6.373  1.00 10.00 ? 142 GLN A HE22 1 
ATOM   1128 N N    . ASP A 1 143 ? -3.058  -14.506 -0.262  1.00 9.69  ? 143 ASP A N    1 
ATOM   1129 C CA   . ASP A 1 143 ? -3.746  -15.225 0.801   1.00 8.93  ? 143 ASP A CA   1 
ATOM   1130 C C    . ASP A 1 143 ? -4.670  -14.304 1.596   1.00 7.45  ? 143 ASP A C    1 
ATOM   1131 O O    . ASP A 1 143 ? -5.778  -14.683 1.956   1.00 6.70  ? 143 ASP A O    1 
ATOM   1132 C CB   . ASP A 1 143 ? -2.727  -15.867 1.746   1.00 11.16 ? 143 ASP A CB   1 
ATOM   1133 C CG   . ASP A 1 143 ? -3.390  -16.648 2.840   1.00 11.60 ? 143 ASP A CG   1 
ATOM   1134 O OD1  . ASP A 1 143 ? -3.780  -17.800 2.570   1.00 12.01 ? 143 ASP A OD1  1 
ATOM   1135 O OD2  . ASP A 1 143 ? -3.537  -16.108 3.956   1.00 11.74 ? 143 ASP A OD2  1 
ATOM   1136 N N    . ARG A 1 144 ? -4.211  -13.090 1.878   1.00 6.52  ? 144 ARG A N    1 
ATOM   1137 C CA   . ARG A 1 144 ? -5.010  -12.123 2.626   1.00 4.19  ? 144 ARG A CA   1 
ATOM   1138 C C    . ARG A 1 144 ? -6.139  -11.579 1.760   1.00 6.28  ? 144 ARG A C    1 
ATOM   1139 O O    . ARG A 1 144 ? -7.252  -11.406 2.231   1.00 7.08  ? 144 ARG A O    1 
ATOM   1140 C CB   . ARG A 1 144 ? -4.123  -10.973 3.104   1.00 4.70  ? 144 ARG A CB   1 
ATOM   1141 C CG   . ARG A 1 144 ? -3.368  -11.234 4.441   1.00 5.06  ? 144 ARG A CG   1 
ATOM   1142 C CD   . ARG A 1 144 ? -2.813  -12.658 4.570   1.00 4.21  ? 144 ARG A CD   1 
ATOM   1143 N NE   . ARG A 1 144 ? -1.913  -12.785 5.725   1.00 4.85  ? 144 ARG A NE   1 
ATOM   1144 C CZ   . ARG A 1 144 ? -1.280  -13.904 6.078   1.00 6.00  ? 144 ARG A CZ   1 
ATOM   1145 N NH1  . ARG A 1 144 ? -1.442  -15.017 5.376   1.00 2.00  ? 144 ARG A NH1  1 
ATOM   1146 N NH2  . ARG A 1 144 ? -0.447  -13.897 7.116   1.00 3.85  ? 144 ARG A NH2  1 
ATOM   1147 H HH11 . ARG A 1 144 ? -2.043  -15.020 4.576   1.00 10.00 ? 144 ARG A HH11 1 
ATOM   1148 H HH12 . ARG A 1 144 ? -0.965  -15.853 5.646   1.00 10.00 ? 144 ARG A HH12 1 
ATOM   1149 H HH21 . ARG A 1 144 ? 0.215   -13.155 7.221   1.00 10.00 ? 144 ARG A HH21 1 
ATOM   1150 H HH22 . ARG A 1 144 ? -0.484  -14.634 7.791   1.00 10.00 ? 144 ARG A HH22 1 
ATOM   1151 N N    . TRP A 1 145 ? -5.850  -11.311 0.490   1.00 7.20  ? 145 TRP A N    1 
ATOM   1152 C CA   . TRP A 1 145 ? -6.864  -10.814 -0.448  1.00 9.81  ? 145 TRP A CA   1 
ATOM   1153 C C    . TRP A 1 145 ? -8.006  -11.828 -0.611  1.00 9.62  ? 145 TRP A C    1 
ATOM   1154 O O    . TRP A 1 145 ? -9.188  -11.482 -0.528  1.00 8.94  ? 145 TRP A O    1 
ATOM   1155 C CB   . TRP A 1 145 ? -6.212  -10.536 -1.809  1.00 8.80  ? 145 TRP A CB   1 
ATOM   1156 C CG   . TRP A 1 145 ? -7.177  -10.341 -2.946  1.00 11.28 ? 145 TRP A CG   1 
ATOM   1157 C CD1  . TRP A 1 145 ? -7.617  -11.298 -3.823  1.00 13.40 ? 145 TRP A CD1  1 
ATOM   1158 C CD2  . TRP A 1 145 ? -7.800  -9.116  -3.355  1.00 10.36 ? 145 TRP A CD2  1 
ATOM   1159 N NE1  . TRP A 1 145 ? -8.466  -10.744 -4.741  1.00 13.61 ? 145 TRP A NE1  1 
ATOM   1160 C CE2  . TRP A 1 145 ? -8.599  -9.407  -4.475  1.00 12.69 ? 145 TRP A CE2  1 
ATOM   1161 C CE3  . TRP A 1 145 ? -7.755  -7.804  -2.876  1.00 9.65  ? 145 TRP A CE3  1 
ATOM   1162 C CZ2  . TRP A 1 145 ? -9.353  -8.426  -5.134  1.00 11.86 ? 145 TRP A CZ2  1 
ATOM   1163 C CZ3  . TRP A 1 145 ? -8.508  -6.830  -3.533  1.00 12.20 ? 145 TRP A CZ3  1 
ATOM   1164 C CH2  . TRP A 1 145 ? -9.293  -7.146  -4.647  1.00 11.92 ? 145 TRP A CH2  1 
ATOM   1165 N N    . ASN A 1 146 ? -7.639  -13.086 -0.818  1.00 12.13 ? 146 ASN A N    1 
ATOM   1166 C CA   . ASN A 1 146 ? -8.612  -14.154 -1.008  1.00 14.60 ? 146 ASN A CA   1 
ATOM   1167 C C    . ASN A 1 146 ? -9.652  -14.305 0.094   1.00 16.31 ? 146 ASN A C    1 
ATOM   1168 O O    . ASN A 1 146 ? -10.720 -14.859 -0.145  1.00 19.11 ? 146 ASN A O    1 
ATOM   1169 C CB   . ASN A 1 146 ? -7.888  -15.485 -1.233  1.00 14.55 ? 146 ASN A CB   1 
ATOM   1170 C CG   . ASN A 1 146 ? -7.182  -15.528 -2.585  1.00 16.86 ? 146 ASN A CG   1 
ATOM   1171 O OD1  . ASN A 1 146 ? -7.400  -14.669 -3.429  1.00 15.64 ? 146 ASN A OD1  1 
ATOM   1172 N ND2  . ASN A 1 146 ? -6.341  -16.531 -2.779  1.00 18.07 ? 146 ASN A ND2  1 
ATOM   1173 H HD21 . ASN A 1 146 ? -5.879  -16.573 -3.641  1.00 10.00 ? 146 ASN A HD21 1 
ATOM   1174 H HD22 . ASN A 1 146 ? -6.199  -17.196 -2.073  1.00 10.00 ? 146 ASN A HD22 1 
ATOM   1175 N N    . GLN A 1 147 ? -9.363  -13.822 1.297   1.00 15.38 ? 147 GLN A N    1 
ATOM   1176 C CA   . GLN A 1 147 ? -10.350 -13.933 2.361   1.00 16.59 ? 147 GLN A CA   1 
ATOM   1177 C C    . GLN A 1 147 ? -10.887 -12.566 2.756   1.00 16.93 ? 147 GLN A C    1 
ATOM   1178 O O    . GLN A 1 147 ? -11.373 -12.368 3.880   1.00 16.57 ? 147 GLN A O    1 
ATOM   1179 C CB   . GLN A 1 147 ? -9.756  -14.631 3.584   1.00 18.72 ? 147 GLN A CB   1 
ATOM   1180 C CG   . GLN A 1 147 ? -8.504  -14.015 4.112   1.00 16.64 ? 147 GLN A CG   1 
ATOM   1181 C CD   . GLN A 1 147 ? -7.747  -14.982 4.972   1.00 20.03 ? 147 GLN A CD   1 
ATOM   1182 O OE1  . GLN A 1 147 ? -8.286  -15.547 5.927   1.00 20.25 ? 147 GLN A OE1  1 
ATOM   1183 N NE2  . GLN A 1 147 ? -6.490  -15.191 4.650   1.00 20.80 ? 147 GLN A NE2  1 
ATOM   1184 H HE21 . GLN A 1 147 ? -5.980  -15.819 5.201   1.00 10.00 ? 147 GLN A HE21 1 
ATOM   1185 H HE22 . GLN A 1 147 ? -6.097  -14.725 3.882   1.00 10.00 ? 147 GLN A HE22 1 
ATOM   1186 N N    . GLY A 1 148 ? -10.789 -11.620 1.826   1.00 14.59 ? 148 GLY A N    1 
ATOM   1187 C CA   . GLY A 1 148 ? -11.272 -10.278 2.080   1.00 14.79 ? 148 GLY A CA   1 
ATOM   1188 C C    . GLY A 1 148 ? -12.667 -10.069 1.529   1.00 15.48 ? 148 GLY A C    1 
ATOM   1189 O O    . GLY A 1 148 ? -13.194 -10.914 0.792   1.00 14.55 ? 148 GLY A O    1 
ATOM   1190 N N    . ARG A 1 149 ? -13.266 -8.935  1.881   1.00 14.68 ? 149 ARG A N    1 
ATOM   1191 C CA   . ARG A 1 149 ? -14.613 -8.582  1.434   1.00 16.14 ? 149 ARG A CA   1 
ATOM   1192 C C    . ARG A 1 149 ? -14.513 -7.374  0.503   1.00 13.78 ? 149 ARG A C    1 
ATOM   1193 O O    . ARG A 1 149 ? -13.898 -6.372  0.843   1.00 14.00 ? 149 ARG A O    1 
ATOM   1194 C CB   . ARG A 1 149 ? -15.476 -8.216  2.652   1.00 19.59 ? 149 ARG A CB   1 
ATOM   1195 C CG   . ARG A 1 149 ? -16.944 -8.600  2.557   1.00 25.40 ? 149 ARG A CG   1 
ATOM   1196 C CD   . ARG A 1 149 ? -17.455 -9.026  3.928   1.00 31.05 ? 149 ARG A CD   1 
ATOM   1197 N NE   . ARG A 1 149 ? -17.565 -10.480 4.061   1.00 34.35 ? 149 ARG A NE   1 
ATOM   1198 C CZ   . ARG A 1 149 ? -17.792 -11.120 5.209   1.00 34.30 ? 149 ARG A CZ   1 
ATOM   1199 N NH1  . ARG A 1 149 ? -17.919 -10.439 6.333   1.00 34.46 ? 149 ARG A NH1  1 
ATOM   1200 N NH2  . ARG A 1 149 ? -17.886 -12.445 5.229   1.00 33.76 ? 149 ARG A NH2  1 
ATOM   1201 H HH11 . ARG A 1 149 ? -17.277 -9.702  6.547   1.00 10.00 ? 149 ARG A HH11 1 
ATOM   1202 H HH12 . ARG A 1 149 ? -18.656 -10.660 6.971   1.00 10.00 ? 149 ARG A HH12 1 
ATOM   1203 H HH21 . ARG A 1 149 ? -18.430 -12.918 4.536   1.00 10.00 ? 149 ARG A HH21 1 
ATOM   1204 H HH22 . ARG A 1 149 ? -17.413 -12.969 5.937   1.00 10.00 ? 149 ARG A HH22 1 
ATOM   1205 N N    . ASP A 1 150 ? -15.104 -7.478  -0.677  1.00 14.48 ? 150 ASP A N    1 
ATOM   1206 C CA   . ASP A 1 150 ? -15.069 -6.375  -1.634  1.00 12.81 ? 150 ASP A CA   1 
ATOM   1207 C C    . ASP A 1 150 ? -15.615 -5.092  -1.036  1.00 13.62 ? 150 ASP A C    1 
ATOM   1208 O O    . ASP A 1 150 ? -16.587 -5.113  -0.288  1.00 12.77 ? 150 ASP A O    1 
ATOM   1209 C CB   . ASP A 1 150 ? -15.942 -6.687  -2.849  1.00 14.78 ? 150 ASP A CB   1 
ATOM   1210 C CG   . ASP A 1 150 ? -15.249 -7.549  -3.877  1.00 17.10 ? 150 ASP A CG   1 
ATOM   1211 O OD1  . ASP A 1 150 ? -14.004 -7.631  -3.889  1.00 16.61 ? 150 ASP A OD1  1 
ATOM   1212 O OD2  . ASP A 1 150 ? -15.970 -8.156  -4.692  1.00 18.87 ? 150 ASP A OD2  1 
ATOM   1213 N N    . TYR A 1 151 ? -14.989 -3.962  -1.352  1.00 13.36 ? 151 TYR A N    1 
ATOM   1214 C CA   . TYR A 1 151 ? -15.518 -2.670  -0.919  1.00 13.91 ? 151 TYR A CA   1 
ATOM   1215 C C    . TYR A 1 151 ? -15.667 -1.931  -2.238  1.00 15.33 ? 151 TYR A C    1 
ATOM   1216 O O    . TYR A 1 151 ? -14.679 -1.521  -2.838  1.00 12.60 ? 151 TYR A O    1 
ATOM   1217 C CB   . TYR A 1 151 ? -14.562 -1.901  -0.017  1.00 12.18 ? 151 TYR A CB   1 
ATOM   1218 C CG   . TYR A 1 151 ? -15.188 -0.622  0.511   1.00 11.82 ? 151 TYR A CG   1 
ATOM   1219 C CD1  . TYR A 1 151 ? -15.931 -0.620  1.697   1.00 8.93  ? 151 TYR A CD1  1 
ATOM   1220 C CD2  . TYR A 1 151 ? -15.052 0.583   -0.182  1.00 9.25  ? 151 TYR A CD2  1 
ATOM   1221 C CE1  . TYR A 1 151 ? -16.507 0.552   2.173   1.00 9.01  ? 151 TYR A CE1  1 
ATOM   1222 C CE2  . TYR A 1 151 ? -15.627 1.754   0.290   1.00 9.47  ? 151 TYR A CE2  1 
ATOM   1223 C CZ   . TYR A 1 151 ? -16.356 1.735   1.467   1.00 9.65  ? 151 TYR A CZ   1 
ATOM   1224 O OH   . TYR A 1 151 ? -16.923 2.898   1.947   1.00 9.46  ? 151 TYR A OH   1 
ATOM   1225 N N    . ARG A 1 152 ? -16.901 -1.767  -2.693  1.00 19.26 ? 152 ARG A N    1 
ATOM   1226 C CA   . ARG A 1 152 ? -17.118 -1.132  -3.989  1.00 23.13 ? 152 ARG A CA   1 
ATOM   1227 C C    . ARG A 1 152 ? -17.928 0.150   -3.980  1.00 24.55 ? 152 ARG A C    1 
ATOM   1228 O O    . ARG A 1 152 ? -18.426 0.603   -2.953  1.00 23.37 ? 152 ARG A O    1 
ATOM   1229 C CB   . ARG A 1 152 ? -17.794 -2.132  -4.944  1.00 24.06 ? 152 ARG A CB   1 
ATOM   1230 C CG   . ARG A 1 152 ? -16.856 -2.767  -5.964  1.00 29.54 ? 152 ARG A CG   1 
ATOM   1231 C CD   . ARG A 1 152 ? -16.994 -4.297  -6.017  1.00 33.03 ? 152 ARG A CD   1 
ATOM   1232 N NE   . ARG A 1 152 ? -16.403 -4.850  -7.236  1.00 36.32 ? 152 ARG A NE   1 
ATOM   1233 C CZ   . ARG A 1 152 ? -15.097 -5.055  -7.419  1.00 39.30 ? 152 ARG A CZ   1 
ATOM   1234 N NH1  . ARG A 1 152 ? -14.224 -4.752  -6.462  1.00 39.41 ? 152 ARG A NH1  1 
ATOM   1235 N NH2  . ARG A 1 152 ? -14.658 -5.550  -8.571  1.00 40.07 ? 152 ARG A NH2  1 
ATOM   1236 H HH11 . ARG A 1 152 ? -14.411 -5.011  -5.514  1.00 10.00 ? 152 ARG A HH11 1 
ATOM   1237 H HH12 . ARG A 1 152 ? -13.381 -4.265  -6.690  1.00 10.00 ? 152 ARG A HH12 1 
ATOM   1238 H HH21 . ARG A 1 152 ? -15.125 -6.327  -8.992  1.00 10.00 ? 152 ARG A HH21 1 
ATOM   1239 H HH22 . ARG A 1 152 ? -13.859 -5.145  -9.016  1.00 10.00 ? 152 ARG A HH22 1 
ATOM   1240 N N    . SER A 1 153 ? -18.038 0.721   -5.176  1.00 28.47 ? 153 SER A N    1 
ATOM   1241 C CA   . SER A 1 153 ? -18.786 1.935   -5.408  1.00 32.26 ? 153 SER A CA   1 
ATOM   1242 C C    . SER A 1 153 ? -19.550 1.686   -6.702  1.00 31.20 ? 153 SER A C    1 
ATOM   1243 O O    . SER A 1 153 ? -20.781 1.868   -6.693  1.00 31.52 ? 153 SER A O    1 
ATOM   1244 C CB   . SER A 1 153 ? -17.844 3.138   -5.553  1.00 33.84 ? 153 SER A CB   1 
ATOM   1245 O OG   . SER A 1 153 ? -17.635 3.761   -4.288  1.00 39.69 ? 153 SER A OG   1 
HETATM 1246 O O    . HOH B 2 .   ? -16.729 10.326  0.869   1.00 7.01  ? 156 HOH A O    1 
HETATM 1247 O O    . HOH B 2 .   ? -1.974  -5.043  6.280   1.00 5.55  ? 157 HOH A O    1 
HETATM 1248 O O    . HOH B 2 .   ? 5.479   0.561   4.869   1.00 4.15  ? 158 HOH A O    1 
HETATM 1249 O O    . HOH B 2 .   ? -0.379  5.854   11.704  1.00 12.12 ? 159 HOH A O    1 
HETATM 1250 O O    . HOH B 2 .   ? 0.777   9.422   16.307  1.00 14.80 ? 160 HOH A O    1 
HETATM 1251 O O    . HOH B 2 .   ? 0.706   -0.081  13.227  1.00 13.95 ? 161 HOH A O    1 
HETATM 1252 O O    . HOH B 2 .   ? 13.437  9.571   0.003   1.00 4.64  ? 162 HOH A O    1 
HETATM 1253 O O    . HOH B 2 .   ? -8.311  9.918   3.542   1.00 10.01 ? 163 HOH A O    1 
HETATM 1254 O O    . HOH B 2 .   ? -0.994  1.077   6.885   1.00 7.36  ? 164 HOH A O    1 
HETATM 1255 O O    . HOH B 2 .   ? 0.164   12.118  -4.477  1.00 11.64 ? 165 HOH A O    1 
HETATM 1256 O O    . HOH B 2 .   ? 3.096   -6.184  -8.152  1.00 14.03 ? 166 HOH A O    1 
HETATM 1257 O O    . HOH B 2 .   ? 15.708  8.393   0.511   1.00 11.95 ? 167 HOH A O    1 
HETATM 1258 O O    . HOH B 2 .   ? -7.788  -4.561  13.399  1.00 6.01  ? 168 HOH A O    1 
HETATM 1259 O O    . HOH B 2 .   ? 8.199   10.990  5.984   1.00 10.45 ? 169 HOH A O    1 
HETATM 1260 O O    . HOH B 2 .   ? 8.058   14.441  2.652   1.00 11.20 ? 170 HOH A O    1 
HETATM 1261 O O    . HOH B 2 .   ? 8.777   -0.283  -10.516 1.00 11.40 ? 171 HOH A O    1 
HETATM 1262 O O    . HOH B 2 .   ? -13.716 4.261   13.913  1.00 13.44 ? 172 HOH A O    1 
HETATM 1263 O O    . HOH B 2 .   ? -15.334 -4.891  16.584  1.00 11.79 ? 173 HOH A O    1 
HETATM 1264 O O    . HOH B 2 .   ? 1.594   6.908   -9.336  1.00 11.16 ? 174 HOH A O    1 
HETATM 1265 O O    . HOH B 2 .   ? -7.719  -8.925  9.519   1.00 8.16  ? 175 HOH A O    1 
HETATM 1266 O O    . HOH B 2 .   ? -10.130 4.264   11.174  1.00 16.30 ? 176 HOH A O    1 
HETATM 1267 O O    . HOH B 2 .   ? 1.824   -15.365 4.208   1.00 7.40  ? 177 HOH A O    1 
HETATM 1268 O O    . HOH B 2 .   ? 10.505  -2.583  -10.013 1.00 15.63 ? 178 HOH A O    1 
HETATM 1269 O O    . HOH B 2 .   ? 5.040   -3.774  6.662   1.00 5.50  ? 179 HOH A O    1 
HETATM 1270 O O    . HOH B 2 .   ? 9.490   6.582   -9.304  1.00 17.41 ? 180 HOH A O    1 
HETATM 1271 O O    . HOH B 2 .   ? -9.739  -6.363  11.057  1.00 6.07  ? 181 HOH A O    1 
HETATM 1272 O O    . HOH B 2 .   ? 18.328  5.041   0.318   1.00 7.51  ? 182 HOH A O    1 
HETATM 1273 O O    . HOH B 2 .   ? -16.055 -10.182 -1.385  1.00 17.21 ? 183 HOH A O    1 
HETATM 1274 O O    . HOH B 2 .   ? -13.881 9.962   -0.871  1.00 13.43 ? 184 HOH A O    1 
HETATM 1275 O O    . HOH B 2 .   ? 13.341  5.949   -6.122  1.00 12.52 ? 185 HOH A O    1 
HETATM 1276 O O    . HOH B 2 .   ? 21.251  -0.495  -2.799  1.00 16.04 ? 186 HOH A O    1 
HETATM 1277 O O    . HOH B 2 .   ? -15.649 -4.364  2.557   1.00 13.51 ? 187 HOH A O    1 
HETATM 1278 O O    . HOH B 2 .   ? -7.100  -2.377  14.821  1.00 19.15 ? 188 HOH A O    1 
HETATM 1279 O O    . HOH B 2 .   ? -2.066  9.111   -14.127 1.00 10.77 ? 189 HOH A O    1 
HETATM 1280 O O    . HOH B 2 .   ? -6.490  2.705   12.298  1.00 18.55 ? 190 HOH A O    1 
HETATM 1281 O O    . HOH B 2 .   ? 2.265   -13.944 -10.470 1.00 48.76 ? 191 HOH A O    1 
HETATM 1282 O O    . HOH B 2 .   ? 6.907   14.470  15.597  1.00 14.27 ? 192 HOH A O    1 
HETATM 1283 O O    . HOH B 2 .   ? 5.875   10.360  -11.842 1.00 45.03 ? 193 HOH A O    1 
HETATM 1284 O O    . HOH B 2 .   ? -18.700 -12.450 2.854   1.00 28.14 ? 194 HOH A O    1 
HETATM 1285 O O    . HOH B 2 .   ? 0.963   9.299   -13.416 1.00 20.49 ? 195 HOH A O    1 
HETATM 1286 O O    . HOH B 2 .   ? -5.297  16.454  -6.659  1.00 29.64 ? 196 HOH A O    1 
HETATM 1287 O O    . HOH B 2 .   ? -18.989 8.650   3.611   1.00 10.08 ? 197 HOH A O    1 
HETATM 1288 O O    . HOH B 2 .   ? -14.011 13.621  4.936   1.00 40.61 ? 198 HOH A O    1 
HETATM 1289 O O    . HOH B 2 .   ? -5.999  -6.705  18.244  1.00 19.77 ? 199 HOH A O    1 
HETATM 1290 O O    . HOH B 2 .   ? -1.990  3.630   12.409  1.00 21.54 ? 200 HOH A O    1 
HETATM 1291 O O    . HOH B 2 .   ? 21.499  1.317   0.575   1.00 31.53 ? 201 HOH A O    1 
HETATM 1292 O O    . HOH B 2 .   ? -8.673  10.352  0.418   1.00 25.78 ? 202 HOH A O    1 
HETATM 1293 O O    . HOH B 2 .   ? 0.758   -9.698  -9.574  1.00 16.33 ? 203 HOH A O    1 
HETATM 1294 O O    . HOH B 2 .   ? -6.957  -4.369  -11.241 1.00 29.66 ? 204 HOH A O    1 
HETATM 1295 O O    . HOH B 2 .   ? 15.927  11.438  5.725   1.00 15.93 ? 205 HOH A O    1 
HETATM 1296 O O    . HOH B 2 .   ? -13.395 -1.367  7.315   1.00 6.11  ? 206 HOH A O    1 
HETATM 1297 O O    . HOH B 2 .   ? -10.856 9.925   10.483  1.00 22.24 ? 207 HOH A O    1 
HETATM 1298 O O    . HOH B 2 .   ? 13.701  -7.293  -11.441 1.00 15.93 ? 208 HOH A O    1 
HETATM 1299 O O    . HOH B 2 .   ? 8.595   -2.170  -14.190 1.00 32.99 ? 209 HOH A O    1 
HETATM 1300 O O    . HOH B 2 .   ? 11.290  -16.825 1.335   1.00 38.72 ? 210 HOH A O    1 
HETATM 1301 O O    . HOH B 2 .   ? -14.679 -5.312  10.473  1.00 26.99 ? 211 HOH A O    1 
HETATM 1302 O O    . HOH B 2 .   ? -1.328  13.169  2.916   1.00 37.98 ? 212 HOH A O    1 
HETATM 1303 O O    . HOH B 2 .   ? -7.045  7.987   -10.312 1.00 33.17 ? 213 HOH A O    1 
HETATM 1304 O O    . HOH B 2 .   ? -9.901  -6.510  20.041  1.00 39.39 ? 214 HOH A O    1 
HETATM 1305 O O    . HOH B 2 .   ? 6.514   5.175   -13.944 1.00 21.75 ? 215 HOH A O    1 
HETATM 1306 O O    . HOH B 2 .   ? -10.407 -13.965 -3.793  1.00 29.54 ? 216 HOH A O    1 
HETATM 1307 O O    . HOH B 2 .   ? -3.356  8.664   13.454  1.00 25.83 ? 217 HOH A O    1 
HETATM 1308 O O    . HOH B 2 .   ? -5.617  -0.316  -15.064 1.00 34.18 ? 218 HOH A O    1 
HETATM 1309 O O    . HOH B 2 .   ? -0.477  1.743   14.443  1.00 20.90 ? 219 HOH A O    1 
HETATM 1310 O O    . HOH B 2 .   ? -12.955 -1.009  -6.882  1.00 25.82 ? 220 HOH A O    1 
HETATM 1311 O O    . HOH B 2 .   ? -13.898 -6.024  18.371  1.00 18.06 ? 221 HOH A O    1 
HETATM 1312 O O    . HOH B 2 .   ? 0.900   -15.784 -5.678  1.00 21.52 ? 222 HOH A O    1 
HETATM 1313 O O    . HOH B 2 .   ? 1.749   10.631  -8.379  1.00 21.44 ? 223 HOH A O    1 
HETATM 1314 O O    . HOH B 2 .   ? 16.244  -14.004 -3.092  1.00 25.85 ? 224 HOH A O    1 
HETATM 1315 O O    . HOH B 2 .   ? -8.797  12.830  0.042   1.00 37.24 ? 225 HOH A O    1 
HETATM 1316 O O    . HOH B 2 .   ? 2.544   4.556   11.684  1.00 14.40 ? 226 HOH A O    1 
HETATM 1317 O O    . HOH B 2 .   ? 3.735   13.050  -4.596  1.00 22.22 ? 227 HOH A O    1 
HETATM 1318 O O    . HOH B 2 .   ? -10.174 -11.866 -7.329  1.00 29.54 ? 228 HOH A O    1 
HETATM 1319 O O    . HOH B 2 .   ? 0.266   6.538   14.457  1.00 24.98 ? 229 HOH A O    1 
HETATM 1320 O O    . HOH B 2 .   ? -10.314 -7.996  13.238  1.00 20.40 ? 230 HOH A O    1 
HETATM 1321 O O    . HOH B 2 .   ? -12.191 -7.689  -7.791  1.00 47.27 ? 231 HOH A O    1 
HETATM 1322 O O    . HOH B 2 .   ? -2.753  -17.221 8.388   1.00 26.63 ? 232 HOH A O    1 
HETATM 1323 O O    . HOH B 2 .   ? -12.400 -10.621 5.602   1.00 7.89  ? 233 HOH A O    1 
HETATM 1324 O O    . HOH B 2 .   ? -5.204  10.676  -11.240 1.00 18.67 ? 234 HOH A O    1 
HETATM 1325 O O    . HOH B 2 .   ? 1.749   2.149   -16.922 1.00 43.26 ? 235 HOH A O    1 
HETATM 1326 O O    . HOH B 2 .   ? -0.429  -17.456 -4.032  1.00 28.17 ? 236 HOH A O    1 
HETATM 1327 O O    . HOH B 2 .   ? -13.896 -9.755  -6.560  1.00 21.01 ? 237 HOH A O    1 
HETATM 1328 O O    . HOH B 2 .   ? -4.751  -10.952 -10.243 1.00 35.83 ? 238 HOH A O    1 
HETATM 1329 O O    . HOH B 2 .   ? -13.429 -2.587  -5.224  1.00 19.71 ? 239 HOH A O    1 
HETATM 1330 O O    . HOH B 2 .   ? -11.827 8.982   -7.649  1.00 50.42 ? 240 HOH A O    1 
HETATM 1331 O O    . HOH B 2 .   ? 8.969   -15.044 -8.817  1.00 32.81 ? 241 HOH A O    1 
HETATM 1332 O O    . HOH B 2 .   ? 9.884   -16.794 -3.405  1.00 41.33 ? 242 HOH A O    1 
HETATM 1333 O O    . HOH B 2 .   ? -6.606  -1.621  -10.996 1.00 17.01 ? 243 HOH A O    1 
HETATM 1334 O O    . HOH B 2 .   ? 5.168   -16.466 0.895   1.00 22.52 ? 244 HOH A O    1 
HETATM 1335 O O    . HOH B 2 .   ? -19.043 -11.196 0.974   1.00 24.59 ? 245 HOH A O    1 
HETATM 1336 O O    . HOH B 2 .   ? -6.650  2.043   14.565  1.00 24.02 ? 246 HOH A O    1 
HETATM 1337 O O    . HOH B 2 .   ? -12.886 -8.840  13.816  1.00 26.00 ? 247 HOH A O    1 
HETATM 1338 O O    . HOH B 2 .   ? -13.820 -3.287  -9.459  1.00 26.45 ? 248 HOH A O    1 
HETATM 1339 O O    . HOH B 2 .   ? -8.579  -8.667  18.215  1.00 41.28 ? 249 HOH A O    1 
HETATM 1340 O O    . HOH B 2 .   ? 8.256   -6.425  -13.781 1.00 24.88 ? 250 HOH A O    1 
HETATM 1341 O O    . HOH B 2 .   ? 11.019  0.936   -12.009 1.00 39.72 ? 251 HOH A O    1 
HETATM 1342 O O    . HOH B 2 .   ? 21.786  4.126   1.066   1.00 46.41 ? 252 HOH A O    1 
HETATM 1343 O O    . HOH B 2 .   ? -20.281 -8.337  -0.533  1.00 25.37 ? 253 HOH A O    1 
HETATM 1344 O O    . HOH B 2 .   ? 0.073   15.846  8.525   1.00 30.55 ? 254 HOH A O    1 
HETATM 1345 O O    . HOH B 2 .   ? -7.345  15.416  -0.383  1.00 50.27 ? 255 HOH A O    1 
HETATM 1346 O O    . HOH B 2 .   ? -10.008 7.269   9.949   1.00 21.68 ? 256 HOH A O    1 
HETATM 1347 O O    . HOH B 2 .   ? 0.922   18.347  10.423  1.00 49.75 ? 257 HOH A O    1 
HETATM 1348 O O    . HOH B 2 .   ? 3.004   -16.756 2.459   1.00 27.72 ? 258 HOH A O    1 
HETATM 1349 O O    . HOH B 2 .   ? 4.429   4.488   -16.126 1.00 44.45 ? 259 HOH A O    1 
HETATM 1350 O O    . HOH B 2 .   ? 7.186   17.196  11.002  1.00 37.19 ? 260 HOH A O    1 
HETATM 1351 O O    . HOH B 2 .   ? 16.865  13.955  12.060  1.00 27.53 ? 261 HOH A O    1 
HETATM 1352 O O    . HOH B 2 .   ? -14.607 -8.966  6.145   1.00 27.83 ? 262 HOH A O    1 
HETATM 1353 O O    . HOH B 2 .   ? -15.707 -7.108  20.407  1.00 17.78 ? 263 HOH A O    1 
HETATM 1354 O O    . HOH B 2 .   ? 1.865   20.537  10.993  1.00 46.72 ? 264 HOH A O    1 
HETATM 1355 O O    . HOH B 2 .   ? -11.432 1.722   12.663  1.00 15.60 ? 265 HOH A O    1 
HETATM 1356 O O    . HOH B 2 .   ? -14.110 9.593   -6.556  1.00 43.83 ? 266 HOH A O    1 
HETATM 1357 O O    . HOH B 2 .   ? -19.258 -6.049  -0.233  1.00 20.94 ? 267 HOH A O    1 
HETATM 1358 O O    . HOH B 2 .   ? -7.853  -16.587 8.668   1.00 43.23 ? 268 HOH A O    1 
HETATM 1359 O O    . HOH B 2 .   ? 4.634   -10.160 -6.856  1.00 41.58 ? 269 HOH A O    1 
HETATM 1360 O O    . HOH B 2 .   ? -1.343  -19.654 9.724   1.00 32.02 ? 270 HOH A O    1 
HETATM 1361 O O    . HOH B 2 .   ? 3.922   -6.933  -12.797 1.00 38.26 ? 271 HOH A O    1 
HETATM 1362 O O    . HOH B 2 .   ? -10.253 -11.812 13.412  1.00 37.59 ? 272 HOH A O    1 
HETATM 1363 O O    . HOH B 2 .   ? -5.743  -18.391 -0.318  1.00 41.92 ? 273 HOH A O    1 
HETATM 1364 O O    . HOH B 2 .   ? 4.358   -18.276 -5.860  1.00 35.45 ? 274 HOH A O    1 
HETATM 1365 O O    . HOH B 2 .   ? 17.856  10.523  4.370   1.00 37.24 ? 275 HOH A O    1 
HETATM 1366 O O    . HOH B 2 .   ? -5.013  6.276   11.662  1.00 45.31 ? 276 HOH A O    1 
HETATM 1367 O O    . HOH B 2 .   ? -0.973  -14.495 -6.845  1.00 41.40 ? 277 HOH A O    1 
HETATM 1368 O O    . HOH B 2 .   ? -3.132  11.273  -12.851 1.00 36.92 ? 278 HOH A O    1 
HETATM 1369 O O    . HOH B 2 .   ? 12.563  5.932   -8.894  1.00 24.89 ? 279 HOH A O    1 
HETATM 1370 O O    . HOH B 2 .   ? -11.128 5.176   13.868  1.00 29.56 ? 280 HOH A O    1 
HETATM 1371 O O    . HOH B 2 .   ? -9.277  12.158  4.410   1.00 20.67 ? 281 HOH A O    1 
HETATM 1372 O O    . HOH B 2 .   ? -2.734  -10.985 -8.306  1.00 41.66 ? 282 HOH A O    1 
HETATM 1373 O O    . HOH B 2 .   ? -15.082 -7.023  12.628  1.00 26.15 ? 283 HOH A O    1 
HETATM 1374 O O    . HOH B 2 .   ? 1.434   11.641  -12.017 1.00 48.47 ? 284 HOH A O    1 
HETATM 1375 O O    . HOH B 2 .   ? -6.846  -2.049  -14.005 1.00 46.47 ? 285 HOH A O    1 
HETATM 1376 O O    . HOH B 2 .   ? 7.649   16.280  13.786  1.00 34.33 ? 286 HOH A O    1 
HETATM 1377 O O    . HOH B 2 .   ? -16.574 9.227   2.830   1.00 45.28 ? 287 HOH A O    1 
HETATM 1378 O O    . HOH B 2 .   ? -0.114  12.041  16.065  1.00 33.48 ? 288 HOH A O    1 
HETATM 1379 O O    . HOH B 2 .   ? -0.494  14.157  10.717  1.00 50.85 ? 289 HOH A O    1 
HETATM 1380 O O    . HOH B 2 .   ? -0.064  -21.138 11.670  1.00 47.71 ? 290 HOH A O    1 
HETATM 1381 O O    . HOH B 2 .   ? -3.022  -19.133 0.312   1.00 35.41 ? 291 HOH A O    1 
HETATM 1382 O O    . HOH B 2 .   ? 4.203   11.895  -7.278  1.00 22.49 ? 292 HOH A O    1 
HETATM 1383 O O    . HOH B 2 .   ? 11.792  -6.745  -4.203  1.00 37.19 ? 293 HOH A O    1 
HETATM 1384 O O    . HOH B 2 .   ? -14.699 13.518  2.198   1.00 25.67 ? 294 HOH A O    1 
HETATM 1385 O O    . HOH B 2 .   ? -13.509 -13.795 1.262   1.00 42.25 ? 295 HOH A O    1 
HETATM 1386 O O    . HOH B 2 .   ? -11.045 13.134  9.038   1.00 21.73 ? 296 HOH A O    1 
HETATM 1387 O O    . HOH B 2 .   ? 17.727  8.128   3.324   1.00 35.97 ? 297 HOH A O    1 
HETATM 1388 O O    . HOH B 2 .   ? -10.739 13.624  2.201   1.00 50.61 ? 298 HOH A O    1 
HETATM 1389 O O    . HOH B 2 .   ? -11.962 12.692  5.963   1.00 24.37 ? 299 HOH A O    1 
HETATM 1390 O O    . HOH B 2 .   ? -0.369  -18.573 2.373   1.00 46.92 ? 300 HOH A O    1 
HETATM 1391 O O    . HOH B 2 .   ? 4.860   7.982   -12.737 1.00 20.37 ? 301 HOH A O    1 
HETATM 1392 O O    . HOH B 2 .   ? -5.787  -17.055 11.222  1.00 34.47 ? 302 HOH A O    1 
HETATM 1393 O O    . HOH B 2 .   ? 6.594   13.422  -3.039  1.00 49.27 ? 303 HOH A O    1 
HETATM 1394 O O    . HOH B 2 .   ? -15.336 -0.287  -7.199  1.00 42.84 ? 304 HOH A O    1 
HETATM 1395 O O    . HOH B 2 .   ? -8.099  -4.634  20.315  1.00 46.38 ? 305 HOH A O    1 
HETATM 1396 O O    . HOH B 2 .   ? 8.563   -17.168 1.204   1.00 39.85 ? 306 HOH A O    1 
HETATM 1397 O O    . HOH B 2 .   ? 0.025   1.049   -18.966 1.00 46.98 ? 307 HOH A O    1 
HETATM 1398 O O    . HOH B 2 .   ? 20.801  13.777  10.871  1.00 47.63 ? 308 HOH A O    1 
HETATM 1399 O O    . HOH B 2 .   ? -16.948 5.115   -10.609 1.00 45.18 ? 309 HOH A O    1 
HETATM 1400 O O    . HOH B 2 .   ? -8.814  0.513   15.723  1.00 38.09 ? 310 HOH A O    1 
HETATM 1401 O O    . HOH B 2 .   ? -1.161  -17.403 -1.617  1.00 22.71 ? 311 HOH A O    1 
HETATM 1402 O O    . HOH B 2 .   ? 18.412  4.251   3.846   1.00 49.03 ? 312 HOH A O    1 
HETATM 1403 O O    . HOH B 2 .   ? 5.083   15.721  16.732  1.00 40.26 ? 313 HOH A O    1 
HETATM 1404 O O    . HOH B 2 .   ? 5.556   -16.123 -10.250 1.00 46.94 ? 314 HOH A O    1 
HETATM 1405 O O    . HOH B 2 .   ? 11.763  4.825   -15.907 1.00 49.27 ? 315 HOH A O    1 
HETATM 1406 O O    . HOH B 2 .   ? -10.419 16.760  -6.055  1.00 48.10 ? 316 HOH A O    1 
HETATM 1407 O O    . HOH B 2 .   ? -5.949  -4.552  -14.957 1.00 44.20 ? 317 HOH A O    1 
HETATM 1408 O O    . HOH B 2 .   ? -14.711 18.214  9.660   1.00 48.53 ? 318 HOH A O    1 
HETATM 1409 O O    . HOH B 2 .   ? -10.022 4.370   -13.468 1.00 43.59 ? 319 HOH A O    1 
HETATM 1410 O O    . HOH B 2 .   ? 7.542   -18.301 -3.280  1.00 45.51 ? 320 HOH A O    1 
HETATM 1411 O O    . HOH B 2 .   ? -7.722  11.872  -1.824  1.00 46.65 ? 321 HOH A O    1 
HETATM 1412 O O    . HOH B 2 .   ? 10.451  -0.121  -14.497 1.00 34.62 ? 322 HOH A O    1 
HETATM 1413 O O    . HOH B 2 .   ? -5.386  -18.088 8.978   1.00 47.41 ? 323 HOH A O    1 
HETATM 1414 O O    . HOH B 2 .   ? -1.171  -19.564 -6.318  1.00 48.73 ? 324 HOH A O    1 
HETATM 1415 O O    . HOH B 2 .   ? -16.034 -9.949  11.528  1.00 33.70 ? 325 HOH A O    1 
HETATM 1416 O O    . HOH B 2 .   ? -8.422  14.241  -3.893  1.00 51.13 ? 326 HOH A O    1 
HETATM 1417 O O    . HOH B 2 .   ? 9.693   -11.104 -12.944 1.00 30.05 ? 327 HOH A O    1 
HETATM 1418 O O    . HOH B 2 .   ? -17.907 3.557   -9.195  1.00 47.72 ? 328 HOH A O    1 
HETATM 1419 O O    . HOH B 2 .   ? -16.648 -4.405  6.492   1.00 51.68 ? 329 HOH A O    1 
HETATM 1420 O O    . HOH B 2 .   ? -12.361 -4.279  19.738  1.00 26.37 ? 330 HOH A O    1 
HETATM 1421 O O    . HOH B 2 .   ? 23.769  -3.165  -3.855  1.00 43.56 ? 331 HOH A O    1 
HETATM 1422 O O    . HOH B 2 .   ? -13.232 9.169   12.263  1.00 27.38 ? 332 HOH A O    1 
HETATM 1423 O O    . HOH B 2 .   ? 1.699   -18.757 1.201   1.00 49.21 ? 333 HOH A O    1 
HETATM 1424 O O    . HOH B 2 .   ? 7.347   -9.649  -14.135 1.00 41.37 ? 334 HOH A O    1 
HETATM 1425 O O    . HOH B 2 .   ? -4.732  -17.187 6.241   1.00 47.82 ? 335 HOH A O    1 
HETATM 1426 O O    . HOH B 2 .   ? -7.076  -6.890  -15.515 1.00 50.24 ? 336 HOH A O    1 
HETATM 1427 O O    . HOH B 2 .   ? -16.030 -9.181  9.143   1.00 47.44 ? 337 HOH A O    1 
HETATM 1428 O O    . HOH B 2 .   ? -5.405  16.977  1.025   1.00 51.55 ? 338 HOH A O    1 
HETATM 1429 O O    . HOH B 2 .   ? 17.722  -1.520  -8.936  1.00 38.21 ? 339 HOH A O    1 
HETATM 1430 O O    . HOH B 2 .   ? -17.409 8.171   -7.585  1.00 43.51 ? 340 HOH A O    1 
HETATM 1431 O O    . HOH B 2 .   ? 12.188  3.404   -11.140 1.00 27.60 ? 341 HOH A O    1 
HETATM 1432 O O    . HOH B 2 .   ? -6.482  -3.425  18.396  1.00 31.53 ? 342 HOH A O    1 
HETATM 1433 O O    . HOH B 2 .   ? -5.656  14.043  -7.753  1.00 41.36 ? 343 HOH A O    1 
# 
